data_6IVM
#
_entry.id   6IVM
#
_cell.length_a   113.965
_cell.length_b   158.808
_cell.length_c   161.682
_cell.angle_alpha   90.00
_cell.angle_beta   90.00
_cell.angle_gamma   90.00
#
_symmetry.space_group_name_H-M   'P 21 21 21'
#
loop_
_entity.id
_entity.type
_entity.pdbx_description
1 polymer Ibestrophin
2 non-polymer 'ZINC ION'
3 non-polymer 'CHLORIDE ION'
4 non-polymer 1,2-ETHANEDIOL
5 non-polymer LEUCINE
6 non-polymer 'ACETIC ACID'
7 non-polymer 'TETRAETHYLENE GLYCOL'
8 non-polymer 'SODIUM ION'
9 water water
#
_entity_poly.entity_id   1
_entity_poly.type   'polypeptide(L)'
_entity_poly.pdbx_seq_one_letter_code
;SNAMIIRPEQHWFLRLFDWHGSVLSKIIFRLLLNVLMSIIAIISYQWYEQLGIHLTVAPFSLLGIAIAIFLGFRNSASYS
RFVEARNLWGTVLIAERTLVRQLRNILPAEHDAHRRIVSYLVAFSWSLKHQLRKTDPTADLRRLLAEERVTEILASSMPT
NRILLLAGNEIGQLREAGKLSDITYGLMDNKLDELAHVLGGCERLATTPVPFAYTLILQRTVYLFCTLLPFALVGDLHYM
TPFVSVFISYTFLSWDSLAEELEDPFGTAANDLPLNAMCNTIERNLLDMTGQHPLPE
;
_entity_poly.pdbx_strand_id   A,B,C,D,E
#
loop_
_chem_comp.id
_chem_comp.type
_chem_comp.name
_chem_comp.formula
ACY non-polymer 'ACETIC ACID' 'C2 H4 O2'
CL non-polymer 'CHLORIDE ION' 'Cl -1'
EDO non-polymer 1,2-ETHANEDIOL 'C2 H6 O2'
NA non-polymer 'SODIUM ION' 'Na 1'
PG4 non-polymer 'TETRAETHYLENE GLYCOL' 'C8 H18 O5'
ZN non-polymer 'ZINC ION' 'Zn 2'
#
# COMPACT_ATOMS: atom_id res chain seq x y z
N LEU A 24 -2.60 -10.61 28.92
CA LEU A 24 -1.63 -11.51 29.61
C LEU A 24 -0.21 -10.91 29.71
N SER A 25 0.21 -10.66 30.95
CA SER A 25 1.55 -10.15 31.27
C SER A 25 2.50 -11.29 31.70
N LYS A 26 2.62 -12.29 30.81
CA LYS A 26 3.60 -13.40 30.92
C LYS A 26 5.02 -12.88 30.65
N ILE A 27 5.07 -11.65 30.11
CA ILE A 27 6.29 -10.87 29.92
C ILE A 27 7.10 -10.73 31.22
N ILE A 28 6.43 -10.58 32.36
CA ILE A 28 7.09 -10.49 33.68
C ILE A 28 7.42 -11.87 34.27
N PHE A 29 6.73 -12.91 33.80
CA PHE A 29 7.03 -14.31 34.15
C PHE A 29 8.29 -14.79 33.43
N ARG A 30 8.35 -14.52 32.13
CA ARG A 30 9.46 -14.98 31.27
C ARG A 30 10.74 -14.18 31.49
N LEU A 31 10.62 -12.87 31.75
CA LEU A 31 11.72 -12.03 32.23
C LEU A 31 12.31 -12.55 33.55
N LEU A 32 11.44 -12.99 34.46
CA LEU A 32 11.88 -13.59 35.71
C LEU A 32 12.39 -15.02 35.52
N LEU A 33 11.83 -15.77 34.56
CA LEU A 33 12.35 -17.10 34.21
C LEU A 33 13.72 -17.00 33.52
N ASN A 34 13.92 -15.90 32.80
CA ASN A 34 15.19 -15.62 32.15
C ASN A 34 16.31 -15.36 33.16
N VAL A 35 16.00 -14.60 34.23
CA VAL A 35 16.93 -14.37 35.35
C VAL A 35 17.34 -15.72 35.94
N LEU A 36 16.36 -16.60 36.16
CA LEU A 36 16.59 -17.97 36.64
C LEU A 36 17.42 -18.81 35.65
N MET A 37 17.23 -18.54 34.36
CA MET A 37 18.00 -19.21 33.31
C MET A 37 19.45 -18.73 33.21
N SER A 38 19.68 -17.46 33.53
CA SER A 38 21.02 -16.88 33.65
C SER A 38 21.75 -17.45 34.86
N ILE A 39 21.02 -17.58 35.98
CA ILE A 39 21.56 -18.08 37.24
C ILE A 39 22.07 -19.52 37.09
N ILE A 40 21.28 -20.42 36.50
CA ILE A 40 21.76 -21.80 36.21
C ILE A 40 22.91 -21.82 35.18
N ALA A 41 22.99 -20.81 34.33
CA ALA A 41 24.06 -20.71 33.34
C ALA A 41 25.39 -20.26 33.98
N ILE A 42 25.34 -19.28 34.88
CA ILE A 42 26.52 -18.79 35.61
C ILE A 42 27.17 -19.93 36.40
N ILE A 43 26.35 -20.64 37.19
CA ILE A 43 26.84 -21.67 38.10
C ILE A 43 27.17 -23.02 37.44
N SER A 44 26.51 -23.34 36.33
CA SER A 44 26.83 -24.56 35.56
C SER A 44 27.87 -24.35 34.43
N TYR A 45 28.48 -23.17 34.40
CA TYR A 45 29.47 -22.77 33.39
C TYR A 45 30.78 -23.58 33.42
N GLN A 46 31.15 -24.06 34.61
CA GLN A 46 32.33 -24.93 34.80
C GLN A 46 32.18 -26.27 34.07
N TRP A 47 31.01 -26.91 34.25
CA TRP A 47 30.70 -28.24 33.68
C TRP A 47 30.60 -28.24 32.14
N TYR A 48 31.04 -27.15 31.50
CA TYR A 48 30.93 -26.94 30.06
C TYR A 48 31.93 -27.73 29.20
N GLU A 49 33.23 -27.48 29.39
CA GLU A 49 34.30 -28.13 28.59
C GLU A 49 34.49 -29.61 28.95
N GLN A 50 34.10 -29.97 30.19
CA GLN A 50 34.01 -31.35 30.66
C GLN A 50 33.22 -32.17 29.63
N LEU A 51 31.94 -31.81 29.44
CA LEU A 51 31.07 -32.37 28.41
C LEU A 51 31.53 -32.00 27.00
N GLY A 52 32.03 -30.77 26.83
CA GLY A 52 32.48 -30.26 25.54
C GLY A 52 31.45 -29.41 24.80
N ILE A 53 30.48 -28.89 25.55
CA ILE A 53 29.44 -28.02 24.99
C ILE A 53 29.88 -26.55 25.06
N HIS A 54 30.01 -25.93 23.88
CA HIS A 54 30.33 -24.49 23.77
C HIS A 54 29.26 -23.70 23.01
N LEU A 55 29.04 -22.48 23.46
CA LEU A 55 28.04 -21.60 22.86
C LEU A 55 28.59 -20.19 22.69
N THR A 56 28.97 -19.86 21.46
CA THR A 56 29.38 -18.50 21.09
C THR A 56 28.18 -17.63 20.74
N VAL A 57 28.38 -16.32 20.80
CA VAL A 57 27.38 -15.33 20.43
C VAL A 57 27.07 -15.39 18.91
N ALA A 58 28.10 -15.50 18.08
CA ALA A 58 28.00 -15.40 16.62
C ALA A 58 26.81 -16.10 15.94
N PRO A 59 26.52 -17.39 16.27
CA PRO A 59 25.39 -18.02 15.58
C PRO A 59 24.04 -17.65 16.17
N PHE A 60 24.06 -17.08 17.37
CA PHE A 60 22.85 -16.55 17.98
C PHE A 60 22.55 -15.13 17.49
N SER A 61 23.57 -14.46 16.98
CA SER A 61 23.37 -13.21 16.26
C SER A 61 22.66 -13.48 14.93
N LEU A 62 23.08 -14.53 14.21
CA LEU A 62 22.47 -14.91 12.93
C LEU A 62 21.01 -15.27 13.09
N LEU A 63 20.72 -16.09 14.10
CA LEU A 63 19.37 -16.50 14.41
C LEU A 63 18.51 -15.33 14.92
N GLY A 64 19.03 -14.61 15.90
CA GLY A 64 18.39 -13.39 16.43
C GLY A 64 17.97 -12.42 15.36
N ILE A 65 18.87 -12.13 14.42
CA ILE A 65 18.61 -11.24 13.27
C ILE A 65 17.46 -11.79 12.43
N ALA A 66 17.59 -13.06 12.00
CA ALA A 66 16.56 -13.74 11.20
C ALA A 66 15.18 -13.76 11.88
N ILE A 67 15.18 -13.92 13.21
CA ILE A 67 13.94 -13.90 14.02
C ILE A 67 13.35 -12.48 14.06
N ALA A 68 14.22 -11.47 14.19
CA ALA A 68 13.80 -10.07 14.22
C ALA A 68 13.20 -9.59 12.90
N ILE A 69 13.67 -10.14 11.79
CA ILE A 69 13.15 -9.78 10.47
C ILE A 69 11.72 -10.31 10.39
N PHE A 70 11.57 -11.59 10.72
CA PHE A 70 10.30 -12.27 10.64
C PHE A 70 9.29 -11.72 11.65
N LEU A 71 9.78 -11.32 12.82
CA LEU A 71 8.94 -10.62 13.80
C LEU A 71 8.42 -9.29 13.24
N GLY A 72 9.28 -8.55 12.55
CA GLY A 72 8.93 -7.27 11.95
C GLY A 72 7.88 -7.42 10.86
N PHE A 73 8.09 -8.36 9.94
CA PHE A 73 7.14 -8.63 8.85
C PHE A 73 5.79 -9.12 9.38
N ARG A 74 5.82 -9.92 10.43
CA ARG A 74 4.58 -10.41 11.04
C ARG A 74 3.84 -9.28 11.73
N ASN A 75 4.52 -8.54 12.61
CA ASN A 75 3.91 -7.40 13.33
C ASN A 75 3.27 -6.38 12.38
N SER A 76 3.83 -6.32 11.17
CA SER A 76 3.32 -5.51 10.09
C SER A 76 1.90 -5.92 9.69
N ALA A 77 1.74 -7.21 9.38
CA ALA A 77 0.44 -7.81 9.13
C ALA A 77 -0.51 -7.54 10.29
N SER A 78 -0.06 -7.82 11.52
CA SER A 78 -0.85 -7.62 12.73
C SER A 78 -1.35 -6.20 12.82
N TYR A 79 -0.43 -5.25 12.58
CA TYR A 79 -0.74 -3.85 12.63
C TYR A 79 -1.80 -3.47 11.58
N SER A 80 -1.57 -3.87 10.34
CA SER A 80 -2.49 -3.60 9.24
C SER A 80 -3.92 -4.02 9.52
N ARG A 81 -4.07 -5.23 10.06
CA ARG A 81 -5.37 -5.80 10.41
C ARG A 81 -6.09 -4.97 11.46
N PHE A 82 -5.32 -4.45 12.43
CA PHE A 82 -5.88 -3.58 13.44
C PHE A 82 -6.35 -2.26 12.84
N VAL A 83 -5.53 -1.70 11.95
CA VAL A 83 -5.87 -0.46 11.27
C VAL A 83 -7.15 -0.64 10.43
N GLU A 84 -7.25 -1.77 9.72
CA GLU A 84 -8.44 -2.05 8.91
C GLU A 84 -9.74 -2.11 9.74
N ALA A 85 -9.66 -2.79 10.88
CA ALA A 85 -10.72 -2.82 11.88
C ALA A 85 -11.18 -1.42 12.30
N ARG A 86 -10.23 -0.54 12.62
CA ARG A 86 -10.50 0.90 12.89
C ARG A 86 -11.18 1.64 11.74
N ASN A 87 -10.70 1.39 10.53
CA ASN A 87 -11.19 2.07 9.35
C ASN A 87 -12.64 1.71 9.14
N LEU A 88 -12.93 0.41 9.13
CA LEU A 88 -14.29 -0.11 8.97
C LEU A 88 -15.24 0.60 9.94
N TRP A 89 -14.91 0.53 11.25
CA TRP A 89 -15.72 1.20 12.27
C TRP A 89 -15.83 2.71 12.04
N GLY A 90 -14.72 3.33 11.67
CA GLY A 90 -14.73 4.72 11.22
C GLY A 90 -15.74 5.02 10.13
N THR A 91 -15.87 4.11 9.14
CA THR A 91 -16.83 4.27 8.04
C THR A 91 -18.30 4.23 8.50
N VAL A 92 -18.61 3.38 9.49
CA VAL A 92 -19.96 3.34 10.10
C VAL A 92 -20.38 4.76 10.47
N LEU A 93 -19.52 5.41 11.24
CA LEU A 93 -19.77 6.76 11.69
C LEU A 93 -19.95 7.69 10.50
N ILE A 94 -19.04 7.59 9.51
CA ILE A 94 -19.08 8.48 8.32
C ILE A 94 -20.38 8.28 7.55
N ALA A 95 -20.65 7.04 7.08
CA ALA A 95 -21.81 6.74 6.22
C ALA A 95 -23.15 7.00 6.87
N GLU A 96 -23.23 6.84 8.19
CA GLU A 96 -24.45 7.08 8.90
C GLU A 96 -24.70 8.57 9.12
N ARG A 97 -23.67 9.31 9.53
CA ARG A 97 -23.69 10.79 9.53
C ARG A 97 -24.24 11.32 8.20
N THR A 98 -23.62 10.91 7.07
CA THR A 98 -23.99 11.45 5.76
C THR A 98 -25.40 11.04 5.32
N LEU A 99 -25.83 9.82 5.68
CA LEU A 99 -27.16 9.34 5.31
C LEU A 99 -28.24 10.11 6.08
N VAL A 100 -27.94 10.42 7.34
CA VAL A 100 -28.82 11.27 8.15
C VAL A 100 -28.86 12.69 7.55
N ARG A 101 -27.68 13.26 7.25
CA ARG A 101 -27.56 14.55 6.54
C ARG A 101 -28.44 14.58 5.29
N GLN A 102 -28.32 13.56 4.43
CA GLN A 102 -29.05 13.50 3.17
C GLN A 102 -30.55 13.57 3.38
N LEU A 103 -31.03 12.82 4.37
CA LEU A 103 -32.42 12.81 4.74
C LEU A 103 -32.91 14.16 5.25
N ARG A 104 -32.08 14.87 6.00
CA ARG A 104 -32.40 16.21 6.44
C ARG A 104 -32.52 17.19 5.27
N ASN A 105 -31.52 17.23 4.38
CA ASN A 105 -31.50 18.19 3.26
C ASN A 105 -32.50 17.86 2.14
N ILE A 106 -32.80 16.58 1.94
CA ILE A 106 -33.65 16.15 0.82
C ILE A 106 -35.11 16.05 1.25
N LEU A 107 -35.35 15.68 2.49
CA LEU A 107 -36.70 15.56 3.03
C LEU A 107 -36.84 16.23 4.40
N PRO A 108 -36.67 17.58 4.48
CA PRO A 108 -36.60 18.21 5.82
C PRO A 108 -37.91 18.18 6.60
N ALA A 109 -39.02 18.02 5.89
CA ALA A 109 -40.34 17.86 6.50
C ALA A 109 -40.52 16.54 7.25
N GLU A 110 -39.88 15.48 6.74
CA GLU A 110 -40.19 14.08 7.07
C GLU A 110 -39.52 13.51 8.33
N HIS A 111 -39.80 14.12 9.48
CA HIS A 111 -39.18 13.71 10.76
C HIS A 111 -39.56 12.30 11.23
N ASP A 112 -40.74 11.81 10.82
CA ASP A 112 -41.14 10.43 11.11
C ASP A 112 -40.22 9.40 10.45
N ALA A 113 -39.96 9.60 9.15
CA ALA A 113 -38.97 8.82 8.42
C ALA A 113 -37.56 8.98 9.00
N HIS A 114 -37.18 10.22 9.34
CA HIS A 114 -35.89 10.49 10.00
C HIS A 114 -35.68 9.60 11.23
N ARG A 115 -36.64 9.61 12.16
CA ARG A 115 -36.52 8.88 13.41
C ARG A 115 -36.45 7.37 13.21
N ARG A 116 -37.26 6.84 12.29
CA ARG A 116 -37.22 5.42 11.95
C ARG A 116 -35.85 4.98 11.40
N ILE A 117 -35.39 5.68 10.36
CA ILE A 117 -34.10 5.38 9.72
C ILE A 117 -32.97 5.48 10.75
N VAL A 118 -32.99 6.55 11.55
CA VAL A 118 -31.96 6.78 12.57
C VAL A 118 -31.87 5.58 13.54
N SER A 119 -33.03 5.11 14.01
CA SER A 119 -33.08 4.02 14.97
C SER A 119 -32.49 2.72 14.40
N TYR A 120 -32.76 2.45 13.12
CA TYR A 120 -32.13 1.34 12.39
C TYR A 120 -30.60 1.49 12.28
N LEU A 121 -30.16 2.70 11.96
CA LEU A 121 -28.74 3.00 11.84
C LEU A 121 -28.04 2.79 13.18
N VAL A 122 -28.66 3.26 14.25
CA VAL A 122 -28.11 3.07 15.59
C VAL A 122 -28.10 1.59 15.92
N ALA A 123 -29.21 0.91 15.64
CA ALA A 123 -29.36 -0.54 15.80
C ALA A 123 -28.26 -1.31 15.10
N PHE A 124 -28.06 -1.01 13.81
CA PHE A 124 -26.94 -1.57 13.03
C PHE A 124 -25.58 -1.58 13.77
N SER A 125 -25.16 -0.40 14.27
CA SER A 125 -23.92 -0.25 15.03
C SER A 125 -23.86 -1.17 16.24
N TRP A 126 -24.93 -1.18 17.04
CA TRP A 126 -24.98 -1.97 18.26
C TRP A 126 -24.98 -3.44 17.90
N SER A 127 -25.81 -3.79 16.93
CA SER A 127 -25.93 -5.15 16.44
C SER A 127 -24.60 -5.69 15.94
N LEU A 128 -23.86 -4.87 15.18
CA LEU A 128 -22.53 -5.23 14.68
C LEU A 128 -21.53 -5.43 15.83
N LYS A 129 -21.64 -4.62 16.87
CA LYS A 129 -20.78 -4.77 18.04
C LYS A 129 -21.05 -6.12 18.72
N HIS A 130 -22.32 -6.39 18.99
CA HIS A 130 -22.74 -7.63 19.66
C HIS A 130 -22.31 -8.85 18.88
N GLN A 131 -22.51 -8.79 17.56
CA GLN A 131 -22.07 -9.84 16.65
C GLN A 131 -20.57 -10.12 16.75
N LEU A 132 -19.74 -9.08 16.76
CA LEU A 132 -18.30 -9.26 16.80
C LEU A 132 -17.81 -9.69 18.18
N ARG A 133 -18.55 -9.31 19.22
CA ARG A 133 -18.25 -9.68 20.61
C ARG A 133 -18.93 -11.01 21.01
N LYS A 134 -19.73 -11.57 20.09
CA LYS A 134 -20.63 -12.73 20.31
C LYS A 134 -21.52 -12.57 21.56
N THR A 135 -22.16 -11.42 21.66
CA THR A 135 -23.06 -11.14 22.77
C THR A 135 -24.49 -10.92 22.28
N ASP A 136 -25.38 -10.78 23.23
CA ASP A 136 -26.79 -10.78 22.95
C ASP A 136 -27.23 -9.34 22.65
N PRO A 137 -27.74 -9.09 21.42
CA PRO A 137 -28.20 -7.74 21.05
C PRO A 137 -29.63 -7.37 21.47
N THR A 138 -30.34 -8.28 22.13
CA THR A 138 -31.80 -8.14 22.35
C THR A 138 -32.16 -6.88 23.12
N ALA A 139 -31.47 -6.67 24.24
CA ALA A 139 -31.71 -5.52 25.10
C ALA A 139 -31.67 -4.21 24.30
N ASP A 140 -30.54 -3.97 23.63
CA ASP A 140 -30.30 -2.80 22.77
C ASP A 140 -31.32 -2.69 21.65
N LEU A 141 -31.58 -3.79 20.95
CA LEU A 141 -32.53 -3.77 19.85
C LEU A 141 -33.91 -3.29 20.33
N ARG A 142 -34.26 -3.70 21.55
CA ARG A 142 -35.59 -3.44 22.10
C ARG A 142 -35.73 -2.02 22.61
N ARG A 143 -34.60 -1.46 23.05
CA ARG A 143 -34.46 -0.04 23.41
C ARG A 143 -34.74 0.88 22.21
N LEU A 144 -34.35 0.42 21.01
CA LEU A 144 -34.32 1.22 19.81
C LEU A 144 -35.47 0.96 18.87
N LEU A 145 -36.03 -0.24 18.91
CA LEU A 145 -37.00 -0.68 17.90
C LEU A 145 -38.27 -1.31 18.42
N ALA A 146 -39.29 -1.35 17.55
CA ALA A 146 -40.56 -2.02 17.81
C ALA A 146 -40.33 -3.53 17.95
N GLU A 147 -41.03 -4.16 18.90
CA GLU A 147 -40.91 -5.62 19.12
C GLU A 147 -41.11 -6.48 17.86
N GLU A 148 -42.00 -6.04 16.96
CA GLU A 148 -42.16 -6.67 15.63
C GLU A 148 -40.83 -6.75 14.89
N ARG A 149 -40.13 -5.61 14.79
CA ARG A 149 -38.86 -5.51 14.07
C ARG A 149 -37.75 -6.31 14.74
N VAL A 150 -37.71 -6.26 16.08
CA VAL A 150 -36.75 -7.03 16.86
C VAL A 150 -36.89 -8.52 16.55
N THR A 151 -38.14 -8.98 16.48
CA THR A 151 -38.48 -10.37 16.15
C THR A 151 -37.95 -10.73 14.76
N GLU A 152 -38.20 -9.86 13.79
CA GLU A 152 -37.71 -10.01 12.42
C GLU A 152 -36.18 -10.10 12.33
N ILE A 153 -35.50 -9.23 13.08
CA ILE A 153 -34.05 -9.18 13.09
C ILE A 153 -33.47 -10.47 13.66
N LEU A 154 -33.97 -10.88 14.83
CA LEU A 154 -33.37 -11.99 15.59
C LEU A 154 -33.69 -13.38 15.02
N ALA A 155 -34.76 -13.41 14.22
CA ALA A 155 -35.17 -14.58 13.48
C ALA A 155 -34.16 -14.92 12.40
N SER A 156 -33.47 -13.90 11.89
CA SER A 156 -32.47 -14.08 10.84
C SER A 156 -31.23 -14.76 11.36
N SER A 157 -30.57 -15.54 10.49
CA SER A 157 -29.27 -16.13 10.85
C SER A 157 -28.15 -15.10 10.66
N MET A 158 -28.52 -13.95 10.08
CA MET A 158 -27.66 -12.80 9.94
C MET A 158 -28.41 -11.53 10.39
N PRO A 159 -28.53 -11.29 11.72
CA PRO A 159 -29.28 -10.15 12.28
C PRO A 159 -28.87 -8.77 11.74
N THR A 160 -27.57 -8.46 11.78
CA THR A 160 -27.07 -7.16 11.34
C THR A 160 -27.39 -6.95 9.86
N ASN A 161 -27.20 -7.98 9.03
CA ASN A 161 -27.52 -7.84 7.62
C ASN A 161 -29.00 -7.55 7.44
N ARG A 162 -29.85 -8.13 8.30
CA ARG A 162 -31.29 -7.92 8.20
C ARG A 162 -31.68 -6.50 8.56
N ILE A 163 -31.00 -5.90 9.56
CA ILE A 163 -31.20 -4.48 9.89
C ILE A 163 -31.01 -3.58 8.65
N LEU A 164 -29.92 -3.77 7.91
CA LEU A 164 -29.74 -3.08 6.63
C LEU A 164 -30.93 -3.22 5.68
N LEU A 165 -31.47 -4.43 5.54
CA LEU A 165 -32.66 -4.70 4.72
C LEU A 165 -33.87 -3.86 5.14
N LEU A 166 -34.06 -3.74 6.45
CA LEU A 166 -35.11 -2.93 7.00
C LEU A 166 -34.88 -1.46 6.77
N ALA A 167 -33.65 -0.99 6.97
CA ALA A 167 -33.30 0.42 6.70
C ALA A 167 -33.54 0.70 5.22
N GLY A 168 -33.11 -0.23 4.37
CA GLY A 168 -33.39 -0.18 2.94
C GLY A 168 -34.87 -0.09 2.59
N ASN A 169 -35.71 -0.74 3.40
CA ASN A 169 -37.17 -0.73 3.20
C ASN A 169 -37.83 0.59 3.51
N GLU A 170 -37.29 1.34 4.48
CA GLU A 170 -37.82 2.67 4.80
C GLU A 170 -37.57 3.62 3.66
N ILE A 171 -36.29 3.73 3.26
CA ILE A 171 -35.83 4.43 2.06
C ILE A 171 -36.65 3.97 0.85
N GLY A 172 -36.90 2.67 0.75
CA GLY A 172 -37.67 2.09 -0.36
C GLY A 172 -39.12 2.57 -0.42
N GLN A 173 -39.78 2.61 0.74
CA GLN A 173 -41.14 3.13 0.89
C GLN A 173 -41.26 4.57 0.41
N LEU A 174 -40.36 5.42 0.94
CA LEU A 174 -40.28 6.81 0.53
C LEU A 174 -40.20 6.96 -0.99
N ARG A 175 -39.60 5.96 -1.65
CA ARG A 175 -39.49 5.94 -3.10
C ARG A 175 -40.82 5.61 -3.76
N GLU A 176 -41.52 4.58 -3.26
CA GLU A 176 -42.86 4.21 -3.77
C GLU A 176 -43.83 5.37 -3.57
N ALA A 177 -43.80 5.95 -2.37
CA ALA A 177 -44.61 7.11 -2.01
C ALA A 177 -44.36 8.34 -2.91
N GLY A 178 -43.21 8.36 -3.59
CA GLY A 178 -42.84 9.47 -4.47
C GLY A 178 -42.12 10.62 -3.78
N LYS A 179 -41.82 10.46 -2.49
CA LYS A 179 -41.06 11.48 -1.75
C LYS A 179 -39.57 11.49 -2.12
N LEU A 180 -39.08 10.37 -2.64
CA LEU A 180 -37.76 10.27 -3.24
C LEU A 180 -37.90 9.87 -4.69
N SER A 181 -37.16 10.54 -5.58
CA SER A 181 -36.99 10.07 -6.95
C SER A 181 -35.99 8.91 -6.97
N ASP A 182 -35.95 8.20 -8.09
CA ASP A 182 -34.92 7.20 -8.33
C ASP A 182 -33.47 7.72 -8.08
N ILE A 183 -33.22 8.99 -8.41
CA ILE A 183 -31.92 9.63 -8.16
C ILE A 183 -31.62 9.78 -6.68
N THR A 184 -32.53 10.41 -5.94
CA THR A 184 -32.29 10.63 -4.52
C THR A 184 -32.38 9.34 -3.71
N TYR A 185 -33.22 8.40 -4.16
CA TYR A 185 -33.18 7.03 -3.64
C TYR A 185 -31.76 6.48 -3.77
N GLY A 186 -31.21 6.58 -4.98
CA GLY A 186 -29.86 6.11 -5.32
C GLY A 186 -28.74 6.69 -4.47
N LEU A 187 -28.84 7.98 -4.16
CA LEU A 187 -27.86 8.65 -3.29
C LEU A 187 -27.80 8.07 -1.86
N MET A 188 -28.94 7.62 -1.36
CA MET A 188 -29.04 7.02 -0.04
C MET A 188 -28.75 5.52 -0.01
N ASP A 189 -29.06 4.84 -1.13
CA ASP A 189 -28.73 3.45 -1.31
C ASP A 189 -27.23 3.24 -1.14
N ASN A 190 -26.43 4.10 -1.78
CA ASN A 190 -24.96 3.99 -1.72
C ASN A 190 -24.41 3.96 -0.29
N LYS A 191 -25.05 4.72 0.59
CA LYS A 191 -24.71 4.71 2.02
C LYS A 191 -24.96 3.36 2.68
N LEU A 192 -26.04 2.70 2.27
CA LEU A 192 -26.31 1.35 2.71
C LEU A 192 -25.30 0.36 2.12
N ASP A 193 -24.89 0.58 0.86
CA ASP A 193 -23.79 -0.17 0.26
C ASP A 193 -22.48 -0.04 1.05
N GLU A 194 -22.22 1.14 1.61
CA GLU A 194 -21.03 1.36 2.41
C GLU A 194 -21.09 0.59 3.72
N LEU A 195 -22.22 0.66 4.41
CA LEU A 195 -22.41 -0.10 5.64
C LEU A 195 -22.33 -1.62 5.38
N ALA A 196 -22.79 -2.05 4.20
CA ALA A 196 -22.59 -3.42 3.73
C ALA A 196 -21.14 -3.86 3.57
N HIS A 197 -20.28 -2.91 3.17
CA HIS A 197 -18.85 -3.17 3.06
C HIS A 197 -18.19 -3.23 4.44
N VAL A 198 -18.66 -2.38 5.36
CA VAL A 198 -18.25 -2.48 6.77
C VAL A 198 -18.60 -3.85 7.34
N LEU A 199 -19.83 -4.30 7.07
CA LEU A 199 -20.33 -5.55 7.63
C LEU A 199 -19.50 -6.74 7.16
N GLY A 200 -19.25 -6.81 5.85
CA GLY A 200 -18.41 -7.84 5.26
C GLY A 200 -17.00 -7.75 5.77
N GLY A 201 -16.45 -6.54 5.75
CA GLY A 201 -15.12 -6.26 6.27
C GLY A 201 -14.95 -6.86 7.64
N CYS A 202 -15.81 -6.44 8.57
CA CYS A 202 -15.73 -6.90 9.96
C CYS A 202 -15.85 -8.42 10.09
N GLU A 203 -16.86 -9.00 9.45
CA GLU A 203 -16.99 -10.45 9.33
C GLU A 203 -15.72 -11.11 8.79
N ARG A 204 -15.21 -10.64 7.65
CA ARG A 204 -13.97 -11.16 7.07
C ARG A 204 -12.82 -11.11 8.07
N LEU A 205 -12.66 -9.97 8.77
CA LEU A 205 -11.62 -9.84 9.79
C LEU A 205 -11.81 -10.83 10.92
N ALA A 206 -13.05 -10.93 11.42
CA ALA A 206 -13.35 -11.79 12.56
C ALA A 206 -13.10 -13.27 12.28
N THR A 207 -13.34 -13.72 11.05
CA THR A 207 -13.13 -15.13 10.69
C THR A 207 -11.75 -15.44 10.12
N THR A 208 -11.05 -14.41 9.61
CA THR A 208 -9.73 -14.59 8.98
C THR A 208 -8.66 -13.88 9.83
N PRO A 209 -8.04 -14.62 10.77
CA PRO A 209 -6.91 -14.01 11.50
C PRO A 209 -5.64 -13.97 10.62
N VAL A 210 -4.60 -13.28 11.09
CA VAL A 210 -3.25 -13.46 10.52
C VAL A 210 -2.99 -14.97 10.71
N PRO A 211 -2.62 -15.70 9.63
CA PRO A 211 -2.60 -17.17 9.76
C PRO A 211 -1.84 -17.67 10.98
N PHE A 212 -2.41 -18.70 11.61
CA PHE A 212 -1.91 -19.25 12.88
C PHE A 212 -0.44 -19.64 12.79
N ALA A 213 -0.06 -20.24 11.67
CA ALA A 213 1.32 -20.67 11.39
C ALA A 213 2.35 -19.63 11.79
N TYR A 214 2.15 -18.38 11.36
CA TYR A 214 3.00 -17.25 11.75
C TYR A 214 3.24 -17.19 13.25
N THR A 215 2.17 -17.01 14.00
CA THR A 215 2.25 -16.86 15.46
C THR A 215 2.70 -18.18 16.12
N LEU A 216 2.36 -19.32 15.50
CA LEU A 216 2.89 -20.64 15.91
C LEU A 216 4.43 -20.67 15.83
N ILE A 217 4.96 -20.76 14.59
CA ILE A 217 6.40 -20.65 14.27
C ILE A 217 7.16 -19.65 15.15
N LEU A 218 6.71 -18.40 15.15
CA LEU A 218 7.40 -17.32 15.87
C LEU A 218 7.39 -17.46 17.39
N GLN A 219 6.30 -18.00 17.93
CA GLN A 219 6.19 -18.15 19.38
C GLN A 219 7.17 -19.19 19.88
N ARG A 220 7.30 -20.28 19.12
CA ARG A 220 8.35 -21.28 19.35
C ARG A 220 9.73 -20.66 19.29
N THR A 221 10.11 -20.18 18.11
CA THR A 221 11.45 -19.67 17.92
C THR A 221 11.83 -18.55 18.89
N VAL A 222 10.93 -17.60 19.18
CA VAL A 222 11.25 -16.48 20.10
C VAL A 222 11.48 -16.94 21.55
N TYR A 223 10.70 -17.91 22.00
CA TYR A 223 10.82 -18.41 23.38
C TYR A 223 12.08 -19.24 23.55
N LEU A 224 12.29 -20.19 22.62
CA LEU A 224 13.48 -21.05 22.59
C LEU A 224 14.78 -20.24 22.53
N PHE A 225 14.77 -19.19 21.71
CA PHE A 225 15.86 -18.22 21.59
C PHE A 225 16.15 -17.51 22.91
N CYS A 226 15.11 -16.97 23.56
CA CYS A 226 15.29 -16.27 24.84
C CYS A 226 15.77 -17.20 25.96
N THR A 227 15.46 -18.48 25.81
CA THR A 227 15.84 -19.52 26.76
C THR A 227 17.33 -19.88 26.59
N LEU A 228 17.72 -20.22 25.37
CA LEU A 228 19.11 -20.60 25.08
C LEU A 228 20.12 -19.44 25.09
N LEU A 229 19.63 -18.20 25.12
CA LEU A 229 20.50 -17.03 25.01
C LEU A 229 21.50 -16.85 26.17
N PRO A 230 21.04 -16.90 27.46
CA PRO A 230 22.03 -16.70 28.54
C PRO A 230 23.14 -17.75 28.56
N PHE A 231 22.86 -18.92 27.97
CA PHE A 231 23.82 -20.02 27.78
C PHE A 231 24.93 -19.66 26.78
N ALA A 232 24.58 -18.91 25.73
CA ALA A 232 25.53 -18.47 24.71
C ALA A 232 26.13 -17.10 24.99
N LEU A 233 25.81 -16.53 26.15
CA LEU A 233 26.31 -15.21 26.55
C LEU A 233 27.24 -15.28 27.75
N VAL A 234 27.12 -16.35 28.53
CA VAL A 234 27.84 -16.46 29.80
C VAL A 234 29.36 -16.53 29.59
N GLY A 235 29.77 -17.22 28.52
CA GLY A 235 31.18 -17.31 28.08
C GLY A 235 31.81 -15.96 27.81
N ASP A 236 30.98 -14.99 27.42
CA ASP A 236 31.41 -13.62 27.15
C ASP A 236 31.23 -12.70 28.36
N LEU A 237 30.19 -12.96 29.15
CA LEU A 237 29.74 -11.98 30.16
C LEU A 237 29.93 -12.38 31.63
N HIS A 238 30.24 -13.65 31.88
CA HIS A 238 30.39 -14.23 33.24
C HIS A 238 29.22 -13.74 34.15
N TYR A 239 29.47 -12.69 34.95
CA TYR A 239 28.48 -12.20 35.92
C TYR A 239 27.44 -11.20 35.39
N MET A 240 27.74 -10.52 34.29
CA MET A 240 26.80 -9.58 33.65
C MET A 240 25.81 -10.25 32.69
N THR A 241 25.69 -11.58 32.77
CA THR A 241 24.75 -12.36 31.96
C THR A 241 23.26 -12.09 32.26
N PRO A 242 22.82 -12.08 33.55
CA PRO A 242 21.40 -11.76 33.78
C PRO A 242 20.93 -10.42 33.20
N PHE A 243 21.70 -9.36 33.43
CA PHE A 243 21.31 -7.99 33.06
C PHE A 243 21.32 -7.72 31.55
N VAL A 244 22.04 -8.55 30.79
CA VAL A 244 22.10 -8.43 29.33
C VAL A 244 21.12 -9.36 28.66
N SER A 245 21.10 -10.62 29.08
CA SER A 245 20.15 -11.60 28.56
C SER A 245 18.68 -11.19 28.79
N VAL A 246 18.41 -10.56 29.93
CA VAL A 246 17.09 -9.97 30.24
C VAL A 246 16.76 -8.83 29.26
N PHE A 247 17.69 -7.89 29.09
CA PHE A 247 17.49 -6.72 28.23
C PHE A 247 17.31 -7.11 26.76
N ILE A 248 17.98 -8.18 26.32
CA ILE A 248 17.77 -8.72 24.98
C ILE A 248 16.41 -9.40 24.92
N SER A 249 16.08 -10.14 25.97
CA SER A 249 14.85 -10.93 26.00
C SER A 249 13.59 -10.10 26.06
N TYR A 250 13.62 -9.05 26.89
CA TYR A 250 12.54 -8.07 27.01
C TYR A 250 12.22 -7.41 25.67
N THR A 251 13.28 -7.16 24.89
CA THR A 251 13.19 -6.54 23.56
C THR A 251 12.43 -7.41 22.54
N PHE A 252 12.81 -8.67 22.42
CA PHE A 252 12.13 -9.59 21.51
C PHE A 252 10.71 -9.93 21.95
N LEU A 253 10.48 -9.95 23.27
CA LEU A 253 9.17 -10.32 23.83
C LEU A 253 8.16 -9.18 23.82
N SER A 254 8.62 -7.96 24.15
CA SER A 254 7.83 -6.74 23.92
C SER A 254 7.30 -6.68 22.49
N TRP A 255 8.20 -6.88 21.52
CA TRP A 255 7.86 -6.83 20.11
C TRP A 255 6.96 -7.99 19.68
N ASP A 256 7.13 -9.17 20.28
CA ASP A 256 6.23 -10.29 19.98
C ASP A 256 4.85 -10.06 20.60
N SER A 257 4.83 -9.52 21.82
CA SER A 257 3.56 -9.28 22.51
C SER A 257 2.79 -8.07 21.97
N LEU A 258 3.48 -7.17 21.25
CA LEU A 258 2.80 -6.09 20.52
C LEU A 258 1.84 -6.67 19.48
N ALA A 259 2.25 -7.73 18.79
CA ALA A 259 1.40 -8.46 17.85
C ALA A 259 0.25 -9.12 18.58
N GLU A 260 0.53 -9.71 19.74
CA GLU A 260 -0.51 -10.24 20.64
C GLU A 260 -1.59 -9.19 20.89
N GLU A 261 -1.20 -8.02 21.39
CA GLU A 261 -2.14 -6.96 21.76
C GLU A 261 -2.80 -6.19 20.58
N LEU A 262 -2.52 -6.63 19.35
CA LEU A 262 -3.08 -6.00 18.15
C LEU A 262 -3.90 -6.91 17.26
N GLU A 263 -3.94 -8.20 17.59
CA GLU A 263 -4.57 -9.19 16.71
C GLU A 263 -6.02 -9.55 17.10
N ASP A 264 -6.51 -8.94 18.18
CA ASP A 264 -7.89 -9.11 18.59
C ASP A 264 -8.58 -7.75 18.65
N PRO A 265 -8.77 -7.09 17.48
CA PRO A 265 -9.29 -5.71 17.55
C PRO A 265 -10.71 -5.60 18.10
N PHE A 266 -11.51 -6.65 17.94
CA PHE A 266 -12.92 -6.60 18.36
C PHE A 266 -13.20 -7.00 19.83
N GLY A 267 -12.15 -7.41 20.55
CA GLY A 267 -12.29 -7.92 21.92
C GLY A 267 -12.64 -6.87 22.96
N THR A 268 -12.62 -7.29 24.23
CA THR A 268 -12.95 -6.41 25.37
C THR A 268 -11.74 -5.95 26.20
N ALA A 269 -10.57 -6.48 25.87
CA ALA A 269 -9.29 -6.10 26.52
C ALA A 269 -9.04 -4.60 26.39
N ALA A 270 -8.13 -4.09 27.23
CA ALA A 270 -7.77 -2.65 27.28
C ALA A 270 -7.17 -2.16 25.95
N ASN A 271 -6.37 -3.02 25.32
CA ASN A 271 -5.73 -2.71 24.04
C ASN A 271 -6.61 -2.84 22.80
N ASP A 272 -7.75 -3.52 22.96
CA ASP A 272 -8.71 -3.75 21.87
C ASP A 272 -9.51 -2.47 21.59
N LEU A 273 -10.36 -2.48 20.57
CA LEU A 273 -11.14 -1.29 20.23
C LEU A 273 -12.25 -1.03 21.24
N PRO A 274 -12.40 0.24 21.69
CA PRO A 274 -13.50 0.65 22.57
C PRO A 274 -14.84 0.71 21.84
N LEU A 275 -15.39 -0.46 21.51
CA LEU A 275 -16.56 -0.56 20.63
C LEU A 275 -17.85 -0.02 21.23
N ASN A 276 -18.00 -0.15 22.55
CA ASN A 276 -19.16 0.42 23.25
C ASN A 276 -19.13 1.93 23.16
N ALA A 277 -17.95 2.49 23.45
CA ALA A 277 -17.69 3.93 23.40
C ALA A 277 -17.94 4.46 21.99
N MET A 278 -17.48 3.71 20.98
CA MET A 278 -17.68 4.03 19.57
C MET A 278 -19.17 4.00 19.20
N CYS A 279 -19.88 2.98 19.68
CA CYS A 279 -21.32 2.86 19.46
C CYS A 279 -22.09 4.03 20.07
N ASN A 280 -21.72 4.42 21.31
CA ASN A 280 -22.27 5.61 22.00
C ASN A 280 -21.99 6.87 21.20
N THR A 281 -20.73 7.03 20.76
CA THR A 281 -20.34 8.11 19.85
C THR A 281 -21.26 8.14 18.61
N ILE A 282 -21.55 6.97 18.03
CA ILE A 282 -22.41 6.90 16.85
C ILE A 282 -23.82 7.36 17.22
N GLU A 283 -24.36 6.82 18.31
CA GLU A 283 -25.73 7.12 18.73
C GLU A 283 -25.85 8.59 19.08
N ARG A 284 -24.88 9.11 19.83
CA ARG A 284 -24.85 10.54 20.20
C ARG A 284 -24.84 11.42 18.95
N ASN A 285 -23.93 11.14 18.02
CA ASN A 285 -23.81 11.85 16.75
C ASN A 285 -25.14 11.95 15.99
N LEU A 286 -25.82 10.81 15.80
CA LEU A 286 -27.06 10.77 15.01
C LEU A 286 -28.23 11.42 15.74
N LEU A 287 -28.11 11.55 17.05
CA LEU A 287 -29.15 12.22 17.83
C LEU A 287 -28.96 13.75 17.82
N ASP A 288 -27.71 14.20 17.93
CA ASP A 288 -27.30 15.61 17.67
C ASP A 288 -27.81 16.13 16.31
N MET A 289 -27.69 15.30 15.27
CA MET A 289 -28.15 15.63 13.91
C MET A 289 -29.67 15.71 13.77
N THR A 290 -30.37 15.14 14.74
CA THR A 290 -31.85 15.11 14.74
C THR A 290 -32.34 15.71 16.04
N GLY A 291 -33.58 16.21 16.04
CA GLY A 291 -34.19 16.88 17.20
C GLY A 291 -35.04 18.05 16.73
N GLN A 292 -35.45 18.00 15.46
CA GLN A 292 -35.94 19.12 14.61
C GLN A 292 -34.81 20.10 14.23
N HIS A 293 -33.63 19.94 14.84
CA HIS A 293 -32.43 20.73 14.50
C HIS A 293 -31.13 19.96 14.76
N SER B 25 4.19 -31.65 7.98
CA SER B 25 5.58 -31.17 7.74
C SER B 25 6.35 -32.10 6.82
N LYS B 26 6.76 -31.56 5.67
CA LYS B 26 7.87 -32.14 4.89
C LYS B 26 9.18 -31.61 5.49
N ILE B 27 9.01 -30.69 6.44
CA ILE B 27 10.05 -30.08 7.24
C ILE B 27 10.68 -31.09 8.22
N ILE B 28 9.84 -31.93 8.85
CA ILE B 28 10.31 -32.94 9.84
C ILE B 28 11.30 -33.95 9.26
N PHE B 29 11.14 -34.26 7.98
CA PHE B 29 12.10 -35.04 7.21
C PHE B 29 13.46 -34.33 7.11
N ARG B 30 13.43 -33.09 6.60
CA ARG B 30 14.63 -32.27 6.35
C ARG B 30 15.25 -31.70 7.63
N LEU B 31 14.48 -31.65 8.70
CA LEU B 31 15.00 -31.28 10.02
C LEU B 31 15.83 -32.40 10.64
N LEU B 32 15.38 -33.64 10.49
CA LEU B 32 16.12 -34.83 10.97
C LEU B 32 17.39 -35.05 10.15
N LEU B 33 17.25 -34.90 8.82
CA LEU B 33 18.37 -34.92 7.87
C LEU B 33 19.46 -33.88 8.19
N ASN B 34 19.06 -32.73 8.74
CA ASN B 34 19.98 -31.71 9.25
C ASN B 34 20.77 -32.18 10.49
N VAL B 35 20.13 -32.98 11.35
CA VAL B 35 20.77 -33.55 12.56
C VAL B 35 21.86 -34.57 12.16
N LEU B 36 21.56 -35.40 11.15
CA LEU B 36 22.52 -36.38 10.60
C LEU B 36 23.79 -35.73 10.07
N MET B 37 23.61 -34.66 9.29
CA MET B 37 24.72 -33.84 8.77
C MET B 37 25.50 -33.16 9.90
N SER B 38 24.80 -32.84 10.99
CA SER B 38 25.43 -32.17 12.13
C SER B 38 26.20 -33.13 13.06
N ILE B 39 25.98 -34.45 12.90
CA ILE B 39 26.84 -35.46 13.53
C ILE B 39 28.15 -35.52 12.74
N ILE B 40 28.03 -35.69 11.42
CA ILE B 40 29.16 -35.67 10.45
C ILE B 40 30.15 -34.52 10.72
N ALA B 41 29.60 -33.34 11.03
CA ALA B 41 30.37 -32.15 11.38
C ALA B 41 31.17 -32.28 12.69
N ILE B 42 30.57 -32.93 13.71
CA ILE B 42 31.22 -33.13 15.02
C ILE B 42 32.41 -34.10 14.92
N ILE B 43 32.20 -35.21 14.20
CA ILE B 43 33.25 -36.21 13.97
C ILE B 43 34.38 -35.74 13.01
N SER B 44 34.05 -34.86 12.06
CA SER B 44 35.03 -34.36 11.08
C SER B 44 35.91 -33.20 11.55
N TYR B 45 35.54 -32.48 12.61
CA TYR B 45 36.26 -31.25 13.03
C TYR B 45 37.78 -31.37 13.34
N GLN B 46 38.21 -32.53 13.85
CA GLN B 46 39.63 -32.86 13.97
C GLN B 46 40.32 -32.86 12.59
N TRP B 47 39.70 -33.56 11.64
CA TRP B 47 40.25 -33.85 10.30
C TRP B 47 40.22 -32.68 9.33
N TYR B 48 39.72 -31.55 9.82
CA TYR B 48 39.64 -30.32 9.05
C TYR B 48 41.03 -29.91 8.57
N GLU B 49 41.96 -29.70 9.52
CA GLU B 49 43.33 -29.32 9.18
C GLU B 49 44.05 -30.39 8.34
N GLN B 50 43.71 -31.66 8.56
CA GLN B 50 44.26 -32.75 7.72
C GLN B 50 43.79 -32.66 6.27
N LEU B 51 42.52 -32.34 6.07
CA LEU B 51 41.91 -32.23 4.73
C LEU B 51 42.09 -30.84 4.12
N GLY B 52 42.53 -29.89 4.95
CA GLY B 52 42.84 -28.52 4.53
C GLY B 52 41.69 -27.55 4.63
N ILE B 53 40.63 -27.96 5.34
CA ILE B 53 39.35 -27.24 5.35
C ILE B 53 39.06 -26.39 6.60
N HIS B 54 39.43 -25.11 6.55
CA HIS B 54 39.00 -24.11 7.54
C HIS B 54 37.60 -23.62 7.12
N LEU B 55 36.71 -23.40 8.10
CA LEU B 55 35.35 -22.88 7.84
C LEU B 55 34.78 -22.02 8.97
N THR B 56 35.05 -20.71 8.95
CA THR B 56 34.53 -19.78 9.97
C THR B 56 33.00 -19.54 9.89
N VAL B 57 32.43 -19.01 10.97
CA VAL B 57 31.01 -18.63 11.06
C VAL B 57 30.66 -17.39 10.20
N ALA B 58 31.49 -16.34 10.29
CA ALA B 58 31.23 -15.04 9.65
C ALA B 58 30.76 -15.01 8.18
N PRO B 59 31.32 -15.89 7.28
CA PRO B 59 30.75 -15.95 5.92
C PRO B 59 29.31 -16.46 5.89
N PHE B 60 28.99 -17.43 6.74
CA PHE B 60 27.65 -17.99 6.83
C PHE B 60 26.68 -17.09 7.60
N SER B 61 27.22 -16.19 8.42
CA SER B 61 26.44 -15.07 8.98
C SER B 61 25.94 -14.14 7.87
N LEU B 62 26.88 -13.76 6.98
CA LEU B 62 26.57 -12.93 5.81
C LEU B 62 25.56 -13.59 4.88
N LEU B 63 25.78 -14.85 4.56
CA LEU B 63 24.90 -15.57 3.67
C LEU B 63 23.54 -15.82 4.30
N GLY B 64 23.54 -16.17 5.58
CA GLY B 64 22.31 -16.38 6.34
C GLY B 64 21.41 -15.17 6.40
N ILE B 65 21.97 -14.03 6.80
CA ILE B 65 21.24 -12.76 6.86
C ILE B 65 20.68 -12.36 5.49
N ALA B 66 21.52 -12.39 4.46
CA ALA B 66 21.05 -12.15 3.10
C ALA B 66 19.83 -13.02 2.78
N ILE B 67 19.90 -14.31 3.10
CA ILE B 67 18.78 -15.23 2.86
C ILE B 67 17.55 -14.82 3.70
N ALA B 68 17.78 -14.46 4.97
CA ALA B 68 16.68 -14.01 5.84
C ALA B 68 15.94 -12.81 5.23
N ILE B 69 16.68 -11.74 4.92
CA ILE B 69 16.17 -10.58 4.18
C ILE B 69 15.36 -10.98 2.94
N PHE B 70 15.88 -11.92 2.15
CA PHE B 70 15.17 -12.31 0.93
C PHE B 70 13.94 -13.17 1.23
N LEU B 71 13.99 -13.91 2.33
CA LEU B 71 12.84 -14.70 2.76
C LEU B 71 11.75 -13.81 3.29
N GLY B 72 12.15 -12.76 4.01
CA GLY B 72 11.23 -11.77 4.57
C GLY B 72 10.40 -11.12 3.48
N PHE B 73 11.08 -10.63 2.43
CA PHE B 73 10.44 -9.98 1.30
C PHE B 73 9.54 -10.95 0.56
N ARG B 74 10.06 -12.13 0.20
CA ARG B 74 9.29 -13.17 -0.48
C ARG B 74 7.99 -13.53 0.26
N ASN B 75 8.11 -13.68 1.58
CA ASN B 75 6.99 -14.08 2.43
C ASN B 75 5.92 -13.00 2.52
N SER B 76 6.35 -11.76 2.72
CA SER B 76 5.50 -10.58 2.60
C SER B 76 4.73 -10.51 1.28
N ALA B 77 5.39 -10.82 0.16
CA ALA B 77 4.78 -10.84 -1.18
C ALA B 77 3.66 -11.87 -1.26
N SER B 78 3.86 -13.00 -0.56
CA SER B 78 2.93 -14.13 -0.57
C SER B 78 1.68 -13.84 0.22
N TYR B 79 1.88 -13.30 1.43
CA TYR B 79 0.80 -12.85 2.30
C TYR B 79 -0.13 -11.83 1.61
N SER B 80 0.47 -10.91 0.84
CA SER B 80 -0.27 -9.99 -0.02
C SER B 80 -1.24 -10.70 -0.94
N ARG B 81 -0.77 -11.77 -1.57
CA ARG B 81 -1.60 -12.54 -2.47
C ARG B 81 -2.71 -13.22 -1.69
N PHE B 82 -2.36 -13.80 -0.54
CA PHE B 82 -3.34 -14.36 0.38
C PHE B 82 -4.42 -13.31 0.69
N VAL B 83 -3.98 -12.16 1.22
CA VAL B 83 -4.88 -11.10 1.65
C VAL B 83 -5.79 -10.59 0.52
N GLU B 84 -5.24 -10.41 -0.67
CA GLU B 84 -6.04 -9.97 -1.83
C GLU B 84 -7.09 -10.97 -2.23
N ALA B 85 -6.69 -12.24 -2.24
CA ALA B 85 -7.56 -13.36 -2.54
C ALA B 85 -8.70 -13.40 -1.54
N ARG B 86 -8.39 -13.22 -0.26
CA ARG B 86 -9.40 -13.18 0.79
C ARG B 86 -10.38 -12.04 0.56
N ASN B 87 -9.84 -10.84 0.29
CA ASN B 87 -10.62 -9.65 -0.01
C ASN B 87 -11.59 -9.80 -1.18
N LEU B 88 -11.10 -10.38 -2.28
CA LEU B 88 -11.94 -10.62 -3.44
C LEU B 88 -13.12 -11.53 -3.12
N TRP B 89 -12.85 -12.58 -2.35
CA TRP B 89 -13.92 -13.43 -1.82
C TRP B 89 -14.90 -12.68 -0.92
N GLY B 90 -14.38 -11.78 -0.08
CA GLY B 90 -15.22 -10.91 0.76
C GLY B 90 -16.21 -10.08 -0.04
N THR B 91 -15.76 -9.58 -1.19
CA THR B 91 -16.58 -8.77 -2.07
C THR B 91 -17.74 -9.57 -2.65
N VAL B 92 -17.52 -10.86 -2.93
CA VAL B 92 -18.59 -11.74 -3.43
C VAL B 92 -19.79 -11.70 -2.47
N LEU B 93 -19.52 -11.98 -1.18
CA LEU B 93 -20.54 -11.91 -0.15
C LEU B 93 -21.23 -10.55 -0.08
N ILE B 94 -20.42 -9.48 -0.05
CA ILE B 94 -20.92 -8.11 0.10
C ILE B 94 -21.83 -7.78 -1.08
N ALA B 95 -21.31 -7.94 -2.30
CA ALA B 95 -21.99 -7.50 -3.52
C ALA B 95 -23.28 -8.29 -3.69
N GLU B 96 -23.20 -9.61 -3.50
CA GLU B 96 -24.39 -10.45 -3.61
C GLU B 96 -25.46 -10.07 -2.59
N ARG B 97 -25.06 -9.89 -1.33
CA ARG B 97 -25.93 -9.35 -0.27
C ARG B 97 -26.65 -8.05 -0.67
N THR B 98 -25.92 -7.06 -1.19
CA THR B 98 -26.58 -5.80 -1.48
C THR B 98 -27.48 -5.88 -2.73
N LEU B 99 -27.09 -6.72 -3.69
CA LEU B 99 -27.90 -6.93 -4.90
C LEU B 99 -29.25 -7.59 -4.55
N VAL B 100 -29.26 -8.54 -3.62
CA VAL B 100 -30.52 -9.09 -3.09
C VAL B 100 -31.32 -8.01 -2.34
N ARG B 101 -30.65 -7.29 -1.44
CA ARG B 101 -31.27 -6.19 -0.72
C ARG B 101 -31.94 -5.23 -1.70
N GLN B 102 -31.19 -4.82 -2.74
CA GLN B 102 -31.71 -3.90 -3.74
C GLN B 102 -32.99 -4.41 -4.40
N LEU B 103 -32.99 -5.70 -4.78
CA LEU B 103 -34.20 -6.34 -5.32
C LEU B 103 -35.34 -6.39 -4.30
N ARG B 104 -35.05 -6.83 -3.07
CA ARG B 104 -36.01 -6.83 -1.97
C ARG B 104 -36.54 -5.39 -1.67
N ASN B 105 -35.70 -4.37 -1.88
CA ASN B 105 -36.10 -2.99 -1.59
C ASN B 105 -36.89 -2.31 -2.72
N ILE B 106 -36.43 -2.49 -3.96
CA ILE B 106 -36.97 -1.78 -5.13
C ILE B 106 -38.18 -2.53 -5.71
N LEU B 107 -38.08 -3.86 -5.77
CA LEU B 107 -39.16 -4.72 -6.28
C LEU B 107 -39.59 -5.73 -5.20
N PRO B 108 -40.21 -5.24 -4.10
CA PRO B 108 -40.44 -6.12 -2.94
C PRO B 108 -41.34 -7.30 -3.24
N ALA B 109 -42.20 -7.13 -4.25
CA ALA B 109 -43.19 -8.11 -4.67
C ALA B 109 -42.65 -9.24 -5.56
N GLU B 110 -41.65 -8.93 -6.39
CA GLU B 110 -41.15 -9.81 -7.46
C GLU B 110 -40.34 -11.03 -7.01
N HIS B 111 -40.95 -11.93 -6.23
CA HIS B 111 -40.23 -13.04 -5.61
C HIS B 111 -39.71 -14.08 -6.60
N ASP B 112 -40.40 -14.26 -7.72
CA ASP B 112 -39.96 -15.20 -8.76
C ASP B 112 -38.63 -14.75 -9.36
N ALA B 113 -38.50 -13.44 -9.57
CA ALA B 113 -37.24 -12.82 -9.98
C ALA B 113 -36.20 -12.94 -8.87
N HIS B 114 -36.58 -12.62 -7.62
CA HIS B 114 -35.69 -12.79 -6.46
C HIS B 114 -35.08 -14.19 -6.44
N ARG B 115 -35.94 -15.19 -6.56
CA ARG B 115 -35.56 -16.60 -6.43
C ARG B 115 -34.63 -17.02 -7.56
N ARG B 116 -34.98 -16.61 -8.79
CA ARG B 116 -34.15 -16.88 -9.96
C ARG B 116 -32.77 -16.25 -9.83
N ILE B 117 -32.73 -14.96 -9.47
CA ILE B 117 -31.49 -14.18 -9.37
C ILE B 117 -30.58 -14.77 -8.29
N VAL B 118 -31.14 -15.05 -7.11
CA VAL B 118 -30.41 -15.66 -5.98
C VAL B 118 -29.73 -16.97 -6.37
N SER B 119 -30.40 -17.78 -7.17
CA SER B 119 -29.87 -19.08 -7.57
C SER B 119 -28.64 -18.94 -8.49
N TYR B 120 -28.70 -17.99 -9.43
CA TYR B 120 -27.52 -17.62 -10.21
C TYR B 120 -26.36 -17.09 -9.32
N LEU B 121 -26.66 -16.22 -8.36
CA LEU B 121 -25.64 -15.68 -7.49
C LEU B 121 -24.97 -16.77 -6.68
N VAL B 122 -25.77 -17.69 -6.14
CA VAL B 122 -25.25 -18.88 -5.45
C VAL B 122 -24.46 -19.78 -6.42
N ALA B 123 -24.97 -19.96 -7.64
CA ALA B 123 -24.24 -20.69 -8.67
C ALA B 123 -22.88 -20.05 -8.91
N PHE B 124 -22.86 -18.71 -9.05
CA PHE B 124 -21.64 -17.92 -9.25
C PHE B 124 -20.51 -18.29 -8.26
N SER B 125 -20.81 -18.36 -6.96
CA SER B 125 -19.81 -18.65 -5.92
C SER B 125 -19.19 -20.02 -6.09
N TRP B 126 -20.05 -21.03 -6.21
CA TRP B 126 -19.62 -22.43 -6.29
C TRP B 126 -18.85 -22.65 -7.57
N SER B 127 -19.41 -22.15 -8.66
CA SER B 127 -18.78 -22.14 -9.96
C SER B 127 -17.36 -21.57 -9.89
N LEU B 128 -17.20 -20.41 -9.24
CA LEU B 128 -15.89 -19.76 -9.09
C LEU B 128 -14.92 -20.61 -8.29
N LYS B 129 -15.41 -21.20 -7.20
CA LYS B 129 -14.59 -22.10 -6.35
C LYS B 129 -14.11 -23.31 -7.16
N HIS B 130 -15.00 -23.90 -7.95
CA HIS B 130 -14.62 -25.03 -8.78
C HIS B 130 -13.60 -24.58 -9.83
N GLN B 131 -13.84 -23.43 -10.47
CA GLN B 131 -12.89 -22.83 -11.42
C GLN B 131 -11.46 -22.69 -10.86
N LEU B 132 -11.33 -22.22 -9.62
CA LEU B 132 -10.03 -21.97 -9.01
C LEU B 132 -9.40 -23.24 -8.42
N ARG B 133 -10.23 -24.23 -8.10
CA ARG B 133 -9.77 -25.51 -7.56
C ARG B 133 -9.60 -26.56 -8.67
N LYS B 134 -10.06 -26.22 -9.88
CA LYS B 134 -10.01 -27.06 -11.09
C LYS B 134 -10.85 -28.34 -10.96
N THR B 135 -11.95 -28.26 -10.22
CA THR B 135 -12.85 -29.38 -9.99
C THR B 135 -14.15 -29.21 -10.77
N ASP B 136 -14.99 -30.25 -10.80
CA ASP B 136 -16.19 -30.31 -11.64
C ASP B 136 -17.37 -29.49 -11.05
N PRO B 137 -17.81 -28.45 -11.77
CA PRO B 137 -18.92 -27.62 -11.31
C PRO B 137 -20.33 -28.24 -11.36
N THR B 138 -20.47 -29.34 -12.12
CA THR B 138 -21.78 -29.90 -12.47
C THR B 138 -22.61 -30.35 -11.25
N ALA B 139 -21.96 -30.98 -10.28
CA ALA B 139 -22.61 -31.42 -9.02
C ALA B 139 -23.40 -30.29 -8.38
N ASP B 140 -22.69 -29.23 -7.98
CA ASP B 140 -23.26 -28.04 -7.33
C ASP B 140 -24.22 -27.24 -8.24
N LEU B 141 -23.96 -27.22 -9.55
CA LEU B 141 -24.80 -26.50 -10.51
C LEU B 141 -26.21 -27.06 -10.62
N ARG B 142 -26.31 -28.40 -10.64
CA ARG B 142 -27.58 -29.12 -10.78
C ARG B 142 -28.45 -28.98 -9.53
N ARG B 143 -27.76 -28.92 -8.39
CA ARG B 143 -28.35 -28.63 -7.07
C ARG B 143 -29.15 -27.32 -7.03
N LEU B 144 -28.81 -26.39 -7.92
CA LEU B 144 -29.23 -24.99 -7.82
C LEU B 144 -30.07 -24.45 -8.96
N LEU B 145 -29.85 -24.97 -10.17
CA LEU B 145 -30.47 -24.40 -11.38
C LEU B 145 -31.19 -25.42 -12.29
N ALA B 146 -32.07 -24.89 -13.13
CA ALA B 146 -32.68 -25.61 -14.24
C ALA B 146 -31.64 -26.31 -15.13
N GLU B 147 -31.94 -27.54 -15.56
CA GLU B 147 -31.01 -28.34 -16.37
C GLU B 147 -30.70 -27.75 -17.76
N GLU B 148 -31.65 -27.02 -18.37
CA GLU B 148 -31.38 -26.28 -19.63
C GLU B 148 -30.21 -25.32 -19.43
N ARG B 149 -30.23 -24.64 -18.28
CA ARG B 149 -29.23 -23.64 -17.91
C ARG B 149 -27.90 -24.31 -17.57
N VAL B 150 -27.97 -25.42 -16.82
CA VAL B 150 -26.78 -26.19 -16.43
C VAL B 150 -25.98 -26.61 -17.68
N THR B 151 -26.68 -26.83 -18.78
CA THR B 151 -26.03 -27.16 -20.05
C THR B 151 -25.54 -25.91 -20.83
N GLU B 152 -26.27 -24.79 -20.74
CA GLU B 152 -25.81 -23.50 -21.31
C GLU B 152 -24.53 -23.02 -20.62
N ILE B 153 -24.46 -23.21 -19.31
CA ILE B 153 -23.34 -22.82 -18.46
C ILE B 153 -22.12 -23.72 -18.73
N LEU B 154 -22.35 -25.03 -18.75
CA LEU B 154 -21.31 -26.02 -19.05
C LEU B 154 -20.80 -26.00 -20.49
N ALA B 155 -21.60 -25.47 -21.41
CA ALA B 155 -21.24 -25.37 -22.84
C ALA B 155 -20.18 -24.31 -23.09
N SER B 156 -20.20 -23.25 -22.28
CA SER B 156 -19.22 -22.16 -22.35
C SER B 156 -17.95 -22.57 -21.61
N SER B 157 -16.79 -22.23 -22.19
CA SER B 157 -15.50 -22.52 -21.55
C SER B 157 -15.21 -21.53 -20.41
N MET B 158 -16.04 -20.49 -20.30
CA MET B 158 -16.06 -19.54 -19.17
C MET B 158 -17.42 -19.64 -18.43
N PRO B 159 -17.59 -20.68 -17.61
CA PRO B 159 -18.89 -20.90 -16.96
C PRO B 159 -19.30 -19.78 -16.00
N THR B 160 -18.36 -19.28 -15.21
CA THR B 160 -18.66 -18.25 -14.20
C THR B 160 -19.13 -16.95 -14.86
N ASN B 161 -18.42 -16.54 -15.90
CA ASN B 161 -18.82 -15.40 -16.73
C ASN B 161 -20.23 -15.61 -17.32
N ARG B 162 -20.56 -16.84 -17.70
CA ARG B 162 -21.85 -17.19 -18.29
C ARG B 162 -22.99 -16.98 -17.30
N ILE B 163 -22.80 -17.51 -16.09
CA ILE B 163 -23.73 -17.32 -14.96
C ILE B 163 -24.01 -15.82 -14.72
N LEU B 164 -22.94 -15.02 -14.68
CA LEU B 164 -23.06 -13.57 -14.57
C LEU B 164 -23.94 -12.95 -15.65
N LEU B 165 -23.71 -13.35 -16.90
CA LEU B 165 -24.49 -12.86 -18.03
C LEU B 165 -25.97 -13.25 -17.88
N LEU B 166 -26.19 -14.44 -17.32
CA LEU B 166 -27.53 -14.94 -17.07
C LEU B 166 -28.25 -14.12 -16.00
N ALA B 167 -27.56 -13.92 -14.86
CA ALA B 167 -28.03 -13.01 -13.79
C ALA B 167 -28.29 -11.61 -14.35
N GLY B 168 -27.44 -11.19 -15.27
CA GLY B 168 -27.59 -9.94 -16.02
C GLY B 168 -28.86 -9.86 -16.85
N ASN B 169 -29.25 -10.97 -17.49
CA ASN B 169 -30.47 -11.00 -18.29
C ASN B 169 -31.70 -10.83 -17.41
N GLU B 170 -31.64 -11.40 -16.21
CA GLU B 170 -32.76 -11.36 -15.28
C GLU B 170 -33.14 -9.94 -14.88
N ILE B 171 -32.15 -9.13 -14.49
CA ILE B 171 -32.38 -7.70 -14.17
C ILE B 171 -32.69 -6.89 -15.46
N GLY B 172 -32.10 -7.33 -16.57
CA GLY B 172 -32.35 -6.74 -17.88
C GLY B 172 -33.80 -6.90 -18.33
N GLN B 173 -34.35 -8.11 -18.14
CA GLN B 173 -35.74 -8.41 -18.47
C GLN B 173 -36.72 -7.59 -17.64
N LEU B 174 -36.46 -7.51 -16.31
CA LEU B 174 -37.24 -6.66 -15.41
C LEU B 174 -37.25 -5.18 -15.85
N ARG B 175 -36.20 -4.76 -16.56
CA ARG B 175 -36.13 -3.41 -17.13
C ARG B 175 -36.87 -3.23 -18.46
N GLU B 176 -36.80 -4.25 -19.35
CA GLU B 176 -37.57 -4.29 -20.61
C GLU B 176 -39.05 -4.28 -20.27
N ALA B 177 -39.39 -5.02 -19.21
CA ALA B 177 -40.74 -5.06 -18.65
C ALA B 177 -41.18 -3.75 -17.99
N GLY B 178 -40.28 -2.77 -17.88
CA GLY B 178 -40.58 -1.50 -17.22
C GLY B 178 -40.78 -1.59 -15.71
N LYS B 179 -40.42 -2.73 -15.11
CA LYS B 179 -40.46 -2.91 -13.65
C LYS B 179 -39.29 -2.21 -12.96
N LEU B 180 -38.19 -2.03 -13.68
CA LEU B 180 -37.09 -1.18 -13.26
C LEU B 180 -36.94 0.00 -14.21
N SER B 181 -36.61 1.17 -13.67
CA SER B 181 -36.19 2.32 -14.49
C SER B 181 -34.74 2.13 -14.90
N ASP B 182 -34.22 3.07 -15.71
CA ASP B 182 -32.79 3.06 -16.05
C ASP B 182 -31.89 3.26 -14.81
N ILE B 183 -32.26 4.20 -13.95
CA ILE B 183 -31.58 4.44 -12.67
C ILE B 183 -31.50 3.16 -11.84
N THR B 184 -32.65 2.58 -11.53
CA THR B 184 -32.68 1.43 -10.62
C THR B 184 -32.09 0.20 -11.29
N TYR B 185 -32.14 0.14 -12.63
CA TYR B 185 -31.37 -0.88 -13.36
C TYR B 185 -29.85 -0.71 -13.09
N GLY B 186 -29.38 0.54 -13.19
CA GLY B 186 -27.97 0.86 -12.95
C GLY B 186 -27.44 0.45 -11.58
N LEU B 187 -28.26 0.65 -10.54
CA LEU B 187 -27.84 0.35 -9.17
C LEU B 187 -27.52 -1.12 -9.01
N MET B 188 -28.31 -1.96 -9.66
CA MET B 188 -28.11 -3.41 -9.68
C MET B 188 -27.00 -3.83 -10.62
N ASP B 189 -26.96 -3.20 -11.79
CA ASP B 189 -25.91 -3.41 -12.79
C ASP B 189 -24.52 -3.24 -12.17
N ASN B 190 -24.35 -2.21 -11.33
CA ASN B 190 -23.06 -1.95 -10.64
C ASN B 190 -22.60 -3.13 -9.79
N LYS B 191 -23.55 -3.82 -9.17
CA LYS B 191 -23.21 -4.94 -8.31
C LYS B 191 -22.73 -6.16 -9.10
N LEU B 192 -23.23 -6.31 -10.32
CA LEU B 192 -22.71 -7.32 -11.26
C LEU B 192 -21.31 -6.97 -11.76
N ASP B 193 -21.03 -5.66 -11.92
CA ASP B 193 -19.68 -5.15 -12.24
C ASP B 193 -18.72 -5.53 -11.13
N GLU B 194 -19.17 -5.32 -9.90
CA GLU B 194 -18.33 -5.60 -8.76
C GLU B 194 -17.90 -7.07 -8.76
N LEU B 195 -18.82 -7.96 -9.16
CA LEU B 195 -18.58 -9.42 -9.21
C LEU B 195 -17.67 -9.82 -10.36
N ALA B 196 -17.86 -9.16 -11.51
CA ALA B 196 -16.95 -9.28 -12.65
C ALA B 196 -15.49 -8.97 -12.29
N HIS B 197 -15.31 -7.96 -11.45
CA HIS B 197 -14.02 -7.58 -10.91
C HIS B 197 -13.42 -8.64 -10.02
N VAL B 198 -14.26 -9.32 -9.23
CA VAL B 198 -13.80 -10.42 -8.39
C VAL B 198 -13.32 -11.55 -9.29
N LEU B 199 -14.12 -11.87 -10.32
CA LEU B 199 -13.81 -12.94 -11.26
C LEU B 199 -12.43 -12.69 -11.87
N GLY B 200 -12.24 -11.51 -12.46
CA GLY B 200 -10.95 -11.08 -13.00
C GLY B 200 -9.82 -11.10 -11.98
N GLY B 201 -10.10 -10.60 -10.78
CA GLY B 201 -9.12 -10.61 -9.67
C GLY B 201 -8.68 -12.01 -9.33
N CYS B 202 -9.64 -12.94 -9.29
CA CYS B 202 -9.37 -14.33 -8.94
C CYS B 202 -8.65 -15.05 -10.06
N GLU B 203 -9.06 -14.81 -11.30
CA GLU B 203 -8.37 -15.36 -12.47
C GLU B 203 -6.92 -14.93 -12.54
N ARG B 204 -6.66 -13.66 -12.24
CA ARG B 204 -5.30 -13.12 -12.23
C ARG B 204 -4.43 -13.80 -11.18
N LEU B 205 -4.96 -14.00 -9.98
CA LEU B 205 -4.18 -14.68 -8.94
C LEU B 205 -4.02 -16.17 -9.25
N ALA B 206 -5.00 -16.78 -9.92
CA ALA B 206 -4.93 -18.21 -10.26
C ALA B 206 -3.97 -18.47 -11.40
N THR B 207 -4.33 -18.03 -12.61
CA THR B 207 -3.54 -18.24 -13.85
C THR B 207 -2.13 -17.62 -13.81
N THR B 208 -1.99 -16.51 -13.09
CA THR B 208 -0.67 -15.92 -12.82
C THR B 208 -0.16 -16.33 -11.43
N PRO B 209 0.87 -17.21 -11.40
CA PRO B 209 1.56 -17.44 -10.14
C PRO B 209 2.66 -16.39 -9.92
N VAL B 210 3.27 -16.45 -8.75
CA VAL B 210 4.53 -15.76 -8.47
C VAL B 210 5.66 -16.52 -9.17
N PRO B 211 6.33 -15.91 -10.19
CA PRO B 211 7.24 -16.55 -11.18
C PRO B 211 8.15 -17.65 -10.63
N PHE B 212 8.38 -18.71 -11.43
CA PHE B 212 8.97 -19.97 -10.93
C PHE B 212 10.46 -19.93 -10.48
N ALA B 213 11.18 -18.88 -10.86
CA ALA B 213 12.53 -18.62 -10.34
C ALA B 213 12.48 -18.36 -8.83
N TYR B 214 11.54 -17.49 -8.43
CA TYR B 214 11.28 -17.07 -7.03
C TYR B 214 11.19 -18.27 -6.07
N THR B 215 10.48 -19.32 -6.50
CA THR B 215 10.25 -20.54 -5.69
C THR B 215 11.38 -21.57 -5.82
N LEU B 216 11.75 -21.88 -7.06
CA LEU B 216 12.71 -22.97 -7.35
C LEU B 216 14.10 -22.67 -6.82
N ILE B 217 14.59 -21.47 -7.08
CA ILE B 217 15.95 -21.07 -6.72
C ILE B 217 16.08 -20.76 -5.23
N LEU B 218 15.09 -20.06 -4.67
CA LEU B 218 15.08 -19.72 -3.23
C LEU B 218 15.03 -20.95 -2.32
N GLN B 219 14.45 -22.06 -2.80
CA GLN B 219 14.37 -23.29 -2.02
C GLN B 219 15.66 -24.10 -2.02
N ARG B 220 16.28 -24.24 -3.19
CA ARG B 220 17.67 -24.70 -3.31
C ARG B 220 18.54 -23.97 -2.26
N THR B 221 18.56 -22.64 -2.37
CA THR B 221 19.38 -21.74 -1.58
C THR B 221 19.19 -21.90 -0.07
N VAL B 222 17.95 -21.99 0.41
CA VAL B 222 17.68 -22.10 1.87
C VAL B 222 18.17 -23.45 2.39
N TYR B 223 17.89 -24.49 1.61
CA TYR B 223 18.27 -25.85 2.01
C TYR B 223 19.79 -26.10 1.91
N LEU B 224 20.41 -25.68 0.81
CA LEU B 224 21.86 -25.79 0.65
C LEU B 224 22.61 -25.06 1.74
N PHE B 225 22.10 -23.88 2.13
CA PHE B 225 22.59 -23.15 3.31
C PHE B 225 22.39 -23.96 4.60
N CYS B 226 21.26 -24.65 4.70
CA CYS B 226 20.93 -25.40 5.91
C CYS B 226 21.79 -26.63 6.14
N THR B 227 22.14 -27.33 5.06
CA THR B 227 23.03 -28.49 5.14
C THR B 227 24.49 -28.11 5.45
N LEU B 228 25.01 -27.08 4.78
CA LEU B 228 26.37 -26.61 5.00
C LEU B 228 26.61 -25.93 6.35
N LEU B 229 25.58 -25.32 6.92
CA LEU B 229 25.72 -24.51 8.14
C LEU B 229 26.43 -25.20 9.33
N PRO B 230 26.10 -26.49 9.65
CA PRO B 230 26.82 -27.11 10.78
C PRO B 230 28.33 -27.26 10.56
N PHE B 231 28.75 -27.54 9.31
CA PHE B 231 30.17 -27.63 8.94
C PHE B 231 30.97 -26.39 9.30
N ALA B 232 30.35 -25.22 9.16
CA ALA B 232 30.96 -23.97 9.57
C ALA B 232 30.68 -23.66 11.03
N LEU B 233 29.82 -24.46 11.69
CA LEU B 233 29.41 -24.18 13.07
C LEU B 233 30.17 -24.90 14.17
N VAL B 234 30.74 -26.07 13.84
CA VAL B 234 31.49 -26.91 14.80
C VAL B 234 32.54 -26.10 15.56
N GLY B 235 33.53 -25.58 14.82
CA GLY B 235 34.60 -24.74 15.37
C GLY B 235 34.25 -23.93 16.61
N ASP B 236 33.06 -23.32 16.57
CA ASP B 236 32.54 -22.52 17.67
C ASP B 236 31.75 -23.31 18.73
N LEU B 237 30.91 -24.24 18.27
CA LEU B 237 29.90 -24.88 19.14
C LEU B 237 30.26 -26.28 19.64
N HIS B 238 31.20 -26.93 18.94
CA HIS B 238 31.80 -28.22 19.32
C HIS B 238 30.75 -29.35 19.39
N TYR B 239 30.11 -29.55 20.55
CA TYR B 239 29.06 -30.57 20.72
C TYR B 239 27.65 -30.05 20.55
N MET B 240 27.44 -28.78 20.92
CA MET B 240 26.15 -28.11 20.83
C MET B 240 25.57 -27.93 19.41
N THR B 241 26.34 -28.31 18.39
CA THR B 241 26.02 -27.95 16.99
C THR B 241 24.68 -28.51 16.43
N PRO B 242 24.36 -29.82 16.65
CA PRO B 242 23.12 -30.36 16.06
C PRO B 242 21.83 -29.68 16.52
N PHE B 243 21.82 -29.23 17.79
CA PHE B 243 20.74 -28.43 18.35
C PHE B 243 20.67 -27.07 17.65
N VAL B 244 21.69 -26.22 17.86
CA VAL B 244 21.77 -24.86 17.31
C VAL B 244 21.68 -24.79 15.77
N SER B 245 21.99 -25.89 15.07
CA SER B 245 21.78 -25.92 13.62
C SER B 245 20.36 -26.30 13.21
N VAL B 246 19.70 -27.18 13.99
CA VAL B 246 18.31 -27.57 13.71
C VAL B 246 17.34 -26.40 13.99
N PHE B 247 17.64 -25.65 15.06
CA PHE B 247 16.95 -24.43 15.46
C PHE B 247 17.02 -23.39 14.34
N ILE B 248 18.20 -23.19 13.77
CA ILE B 248 18.36 -22.32 12.60
C ILE B 248 17.60 -22.90 11.41
N SER B 249 17.75 -24.20 11.17
CA SER B 249 17.07 -24.83 10.03
C SER B 249 15.55 -24.80 10.13
N TYR B 250 15.03 -24.92 11.36
CA TYR B 250 13.60 -24.80 11.60
C TYR B 250 13.13 -23.42 11.12
N THR B 251 13.59 -22.38 11.79
CA THR B 251 13.34 -20.97 11.45
C THR B 251 13.34 -20.65 9.95
N PHE B 252 14.41 -20.99 9.25
CA PHE B 252 14.51 -20.70 7.81
C PHE B 252 13.53 -21.53 6.99
N LEU B 253 13.45 -22.83 7.26
CA LEU B 253 12.64 -23.73 6.44
C LEU B 253 11.13 -23.50 6.64
N SER B 254 10.74 -23.18 7.88
CA SER B 254 9.35 -22.83 8.25
C SER B 254 8.88 -21.65 7.44
N TRP B 255 9.70 -20.60 7.43
CA TRP B 255 9.38 -19.38 6.76
C TRP B 255 9.24 -19.57 5.26
N ASP B 256 10.13 -20.38 4.67
CA ASP B 256 10.06 -20.66 3.24
C ASP B 256 8.84 -21.48 2.84
N SER B 257 8.49 -22.49 3.62
CA SER B 257 7.36 -23.36 3.27
C SER B 257 6.01 -22.66 3.47
N LEU B 258 5.96 -21.78 4.47
CA LEU B 258 4.78 -20.95 4.74
C LEU B 258 4.53 -19.97 3.59
N ALA B 259 5.61 -19.33 3.12
CA ALA B 259 5.58 -18.49 1.94
C ALA B 259 5.01 -19.25 0.74
N GLU B 260 5.53 -20.47 0.54
CA GLU B 260 5.13 -21.35 -0.56
C GLU B 260 3.64 -21.74 -0.45
N GLU B 261 3.19 -21.97 0.78
CA GLU B 261 1.79 -22.26 1.08
C GLU B 261 0.85 -21.09 0.71
N LEU B 262 1.14 -19.92 1.27
CA LEU B 262 0.33 -18.72 1.10
C LEU B 262 0.28 -18.15 -0.33
N GLU B 263 1.33 -18.43 -1.11
CA GLU B 263 1.42 -18.02 -2.53
C GLU B 263 0.25 -18.48 -3.38
N ASP B 264 -0.29 -19.66 -3.03
CA ASP B 264 -1.38 -20.31 -3.76
C ASP B 264 -2.60 -20.37 -2.83
N PRO B 265 -3.38 -19.27 -2.74
CA PRO B 265 -4.39 -19.18 -1.69
C PRO B 265 -5.65 -19.97 -2.00
N PHE B 266 -5.81 -20.38 -3.26
CA PHE B 266 -6.95 -21.22 -3.63
C PHE B 266 -6.60 -22.71 -3.60
N GLY B 267 -5.36 -23.04 -3.19
CA GLY B 267 -4.92 -24.44 -3.01
C GLY B 267 -5.55 -25.09 -1.78
N THR B 268 -5.21 -26.34 -1.50
CA THR B 268 -5.88 -27.09 -0.40
C THR B 268 -5.12 -27.22 0.92
N ALA B 269 -3.91 -26.65 0.98
CA ALA B 269 -3.07 -26.64 2.19
C ALA B 269 -3.72 -26.01 3.44
N ALA B 270 -3.09 -26.25 4.60
CA ALA B 270 -3.62 -25.87 5.91
C ALA B 270 -3.87 -24.37 6.06
N ASN B 271 -2.96 -23.55 5.52
CA ASN B 271 -3.01 -22.11 5.71
C ASN B 271 -3.61 -21.37 4.52
N ASP B 272 -4.11 -22.12 3.56
CA ASP B 272 -4.88 -21.58 2.43
C ASP B 272 -6.30 -21.15 2.80
N LEU B 273 -7.06 -20.70 1.82
CA LEU B 273 -8.40 -20.19 2.08
C LEU B 273 -9.41 -21.32 2.24
N PRO B 274 -10.32 -21.21 3.23
CA PRO B 274 -11.46 -22.12 3.33
C PRO B 274 -12.54 -21.78 2.29
N LEU B 275 -12.29 -22.12 1.02
CA LEU B 275 -13.19 -21.76 -0.07
C LEU B 275 -14.54 -22.45 -0.01
N ASN B 276 -14.55 -23.65 0.57
CA ASN B 276 -15.79 -24.40 0.76
C ASN B 276 -16.65 -23.78 1.86
N ALA B 277 -16.03 -23.47 3.00
CA ALA B 277 -16.72 -22.73 4.10
C ALA B 277 -17.33 -21.40 3.61
N MET B 278 -16.57 -20.67 2.79
CA MET B 278 -16.98 -19.38 2.25
C MET B 278 -18.21 -19.44 1.34
N CYS B 279 -18.26 -20.39 0.41
CA CYS B 279 -19.45 -20.58 -0.41
C CYS B 279 -20.67 -21.10 0.37
N ASN B 280 -20.44 -21.89 1.43
CA ASN B 280 -21.52 -22.27 2.34
C ASN B 280 -22.12 -21.02 2.99
N THR B 281 -21.25 -20.16 3.55
CA THR B 281 -21.66 -18.89 4.14
C THR B 281 -22.44 -18.02 3.16
N ILE B 282 -21.98 -17.93 1.91
CA ILE B 282 -22.63 -17.12 0.87
C ILE B 282 -24.04 -17.63 0.60
N GLU B 283 -24.16 -18.94 0.50
CA GLU B 283 -25.41 -19.64 0.23
C GLU B 283 -26.40 -19.49 1.38
N ARG B 284 -25.97 -19.89 2.59
CA ARG B 284 -26.76 -19.71 3.81
C ARG B 284 -27.30 -18.31 3.90
N ASN B 285 -26.46 -17.33 3.55
CA ASN B 285 -26.80 -15.92 3.56
C ASN B 285 -27.92 -15.54 2.60
N LEU B 286 -27.76 -15.82 1.31
CA LEU B 286 -28.81 -15.47 0.33
C LEU B 286 -30.15 -16.22 0.55
N LEU B 287 -30.06 -17.47 0.98
CA LEU B 287 -31.24 -18.31 1.19
C LEU B 287 -31.82 -18.22 2.61
N ASP B 288 -31.32 -17.27 3.41
CA ASP B 288 -31.51 -17.28 4.88
C ASP B 288 -32.71 -18.06 5.45
N MET B 289 -33.93 -17.55 5.23
CA MET B 289 -35.13 -18.22 5.76
C MET B 289 -36.15 -18.59 4.66
N THR B 290 -35.81 -19.64 3.90
CA THR B 290 -36.44 -19.98 2.60
C THR B 290 -36.48 -18.78 1.62
N GLY B 291 -35.59 -17.81 1.85
CA GLY B 291 -35.55 -16.56 1.10
C GLY B 291 -36.69 -15.60 1.39
N GLN B 292 -37.31 -15.70 2.57
CA GLN B 292 -38.41 -14.80 3.00
C GLN B 292 -37.90 -13.53 3.69
N HIS B 293 -38.56 -12.41 3.40
CA HIS B 293 -38.16 -11.08 3.89
C HIS B 293 -39.32 -10.26 4.48
N PRO B 294 -39.04 -9.38 5.47
CA PRO B 294 -40.06 -8.46 6.01
C PRO B 294 -40.62 -7.49 4.97
N LYS C 26 29.42 15.92 -7.65
CA LYS C 26 28.94 15.97 -6.24
C LYS C 26 29.19 14.64 -5.50
N ILE C 27 28.79 13.54 -6.13
CA ILE C 27 29.08 12.20 -5.62
C ILE C 27 30.59 11.90 -5.70
N ILE C 28 31.20 12.25 -6.84
CA ILE C 28 32.64 12.06 -7.07
C ILE C 28 33.53 12.95 -6.18
N PHE C 29 33.04 14.13 -5.79
CA PHE C 29 33.73 14.97 -4.81
C PHE C 29 33.86 14.25 -3.46
N ARG C 30 32.75 13.72 -2.95
CA ARG C 30 32.73 12.99 -1.67
C ARG C 30 33.53 11.69 -1.70
N LEU C 31 33.57 11.06 -2.87
CA LEU C 31 34.39 9.87 -3.11
C LEU C 31 35.90 10.19 -3.07
N LEU C 32 36.29 11.27 -3.74
CA LEU C 32 37.69 11.74 -3.71
C LEU C 32 38.14 12.13 -2.30
N LEU C 33 37.30 12.92 -1.60
CA LEU C 33 37.56 13.29 -0.21
C LEU C 33 37.66 12.06 0.73
N ASN C 34 37.00 10.96 0.36
CA ASN C 34 37.11 9.71 1.11
C ASN C 34 38.43 8.98 0.88
N VAL C 35 38.93 8.99 -0.37
CA VAL C 35 40.27 8.45 -0.71
C VAL C 35 41.36 9.20 0.05
N LEU C 36 41.22 10.53 0.11
CA LEU C 36 42.10 11.41 0.86
C LEU C 36 42.10 11.08 2.36
N MET C 37 40.90 11.04 2.95
CA MET C 37 40.71 10.73 4.37
C MET C 37 41.28 9.36 4.78
N SER C 38 41.26 8.41 3.86
CA SER C 38 41.86 7.07 4.04
C SER C 38 43.38 7.15 4.14
N ILE C 39 43.98 7.97 3.28
CA ILE C 39 45.41 8.26 3.34
C ILE C 39 45.77 8.89 4.70
N ILE C 40 45.02 9.93 5.11
CA ILE C 40 45.16 10.52 6.47
C ILE C 40 45.13 9.42 7.54
N ALA C 41 44.24 8.45 7.37
CA ALA C 41 44.14 7.33 8.31
C ALA C 41 45.35 6.40 8.29
N ILE C 42 45.89 6.11 7.10
CA ILE C 42 47.10 5.28 6.95
C ILE C 42 48.34 5.98 7.56
N ILE C 43 48.63 7.20 7.10
CA ILE C 43 49.83 7.94 7.55
C ILE C 43 49.81 8.24 9.05
N SER C 44 48.60 8.41 9.62
CA SER C 44 48.44 8.68 11.05
C SER C 44 48.08 7.45 11.89
N TYR C 45 48.17 6.26 11.30
CA TYR C 45 48.02 5.01 12.05
C TYR C 45 49.25 4.71 12.94
N GLN C 46 50.40 5.23 12.53
CA GLN C 46 51.64 5.14 13.31
C GLN C 46 51.46 5.80 14.68
N TRP C 47 50.83 6.98 14.69
CA TRP C 47 50.49 7.73 15.90
C TRP C 47 49.38 7.12 16.78
N TYR C 48 48.68 6.10 16.25
CA TYR C 48 47.48 5.51 16.88
C TYR C 48 47.65 5.02 18.31
N GLU C 49 48.63 4.14 18.52
CA GLU C 49 48.96 3.61 19.85
C GLU C 49 49.47 4.73 20.76
N GLN C 50 50.31 5.60 20.19
CA GLN C 50 50.95 6.73 20.89
C GLN C 50 49.94 7.77 21.39
N LEU C 51 49.02 8.21 20.53
CA LEU C 51 47.98 9.19 20.91
C LEU C 51 46.86 8.56 21.78
N GLY C 52 46.89 7.24 21.94
CA GLY C 52 45.96 6.51 22.82
C GLY C 52 44.56 6.25 22.26
N ILE C 53 44.50 5.97 20.96
CA ILE C 53 43.23 5.75 20.25
C ILE C 53 43.14 4.40 19.52
N HIS C 54 42.19 3.57 19.96
CA HIS C 54 41.86 2.32 19.27
C HIS C 54 40.44 2.37 18.68
N LEU C 55 40.29 1.84 17.47
CA LEU C 55 39.00 1.81 16.75
C LEU C 55 38.75 0.48 16.01
N THR C 56 37.87 -0.35 16.57
CA THR C 56 37.49 -1.63 15.93
C THR C 56 36.44 -1.50 14.82
N VAL C 57 36.34 -2.54 14.00
CA VAL C 57 35.35 -2.63 12.93
C VAL C 57 33.94 -2.89 13.49
N ALA C 58 33.84 -3.84 14.42
CA ALA C 58 32.57 -4.28 15.02
C ALA C 58 31.54 -3.19 15.44
N PRO C 59 31.97 -2.11 16.16
CA PRO C 59 31.00 -1.03 16.45
C PRO C 59 30.53 -0.29 15.21
N PHE C 60 31.43 -0.11 14.24
CA PHE C 60 31.11 0.54 12.97
C PHE C 60 30.25 -0.33 12.05
N SER C 61 30.30 -1.64 12.24
CA SER C 61 29.41 -2.57 11.55
C SER C 61 27.97 -2.41 12.03
N LEU C 62 27.80 -2.30 13.35
CA LEU C 62 26.50 -2.05 13.98
C LEU C 62 25.85 -0.79 13.41
N LEU C 63 26.52 0.35 13.63
CA LEU C 63 26.12 1.65 13.09
C LEU C 63 25.94 1.61 11.58
N GLY C 64 26.82 0.89 10.88
CA GLY C 64 26.74 0.71 9.44
C GLY C 64 25.44 0.08 9.00
N ILE C 65 25.09 -1.04 9.64
CA ILE C 65 23.87 -1.80 9.30
C ILE C 65 22.62 -1.00 9.65
N ALA C 66 22.61 -0.41 10.85
CA ALA C 66 21.52 0.48 11.28
C ALA C 66 21.20 1.50 10.17
N ILE C 67 22.25 2.23 9.73
CA ILE C 67 22.14 3.21 8.65
C ILE C 67 21.61 2.58 7.36
N ALA C 68 22.16 1.43 6.97
CA ALA C 68 21.69 0.72 5.78
C ALA C 68 20.18 0.42 5.84
N ILE C 69 19.72 -0.09 7.00
CA ILE C 69 18.30 -0.34 7.27
C ILE C 69 17.49 0.93 7.08
N PHE C 70 17.95 2.01 7.71
CA PHE C 70 17.28 3.30 7.63
C PHE C 70 17.30 3.88 6.21
N LEU C 71 18.40 3.70 5.48
CA LEU C 71 18.47 4.16 4.09
C LEU C 71 17.56 3.36 3.19
N GLY C 72 17.46 2.06 3.50
CA GLY C 72 16.58 1.14 2.79
C GLY C 72 15.12 1.53 2.85
N PHE C 73 14.61 1.81 4.06
CA PHE C 73 13.24 2.27 4.25
C PHE C 73 13.04 3.64 3.61
N ARG C 74 13.94 4.58 3.89
CA ARG C 74 13.81 5.95 3.40
C ARG C 74 13.74 5.94 1.91
N ASN C 75 14.68 5.25 1.28
CA ASN C 75 14.79 5.25 -0.17
C ASN C 75 13.51 4.73 -0.84
N SER C 76 12.95 3.67 -0.27
CA SER C 76 11.66 3.12 -0.67
C SER C 76 10.56 4.16 -0.58
N ALA C 77 10.47 4.88 0.53
CA ALA C 77 9.51 5.99 0.67
C ALA C 77 9.61 7.02 -0.45
N SER C 78 10.84 7.34 -0.85
CA SER C 78 11.14 8.30 -1.91
C SER C 78 10.68 7.81 -3.27
N TYR C 79 10.91 6.52 -3.54
CA TYR C 79 10.47 5.88 -4.76
C TYR C 79 8.94 5.96 -4.89
N SER C 80 8.25 5.86 -3.74
CA SER C 80 6.78 5.88 -3.69
C SER C 80 6.23 7.19 -4.19
N ARG C 81 6.81 8.28 -3.67
CA ARG C 81 6.49 9.64 -4.08
C ARG C 81 6.65 9.82 -5.59
N PHE C 82 7.79 9.35 -6.11
CA PHE C 82 8.10 9.46 -7.50
C PHE C 82 7.03 8.76 -8.34
N VAL C 83 6.75 7.50 -8.01
CA VAL C 83 5.69 6.71 -8.68
C VAL C 83 4.31 7.41 -8.62
N GLU C 84 3.93 7.94 -7.45
CA GLU C 84 2.71 8.75 -7.32
C GLU C 84 2.71 9.97 -8.25
N ALA C 85 3.83 10.68 -8.30
CA ALA C 85 3.96 11.85 -9.17
C ALA C 85 3.76 11.46 -10.64
N ARG C 86 4.43 10.40 -11.07
CA ARG C 86 4.30 9.86 -12.42
C ARG C 86 2.85 9.49 -12.72
N ASN C 87 2.19 8.89 -11.72
CA ASN C 87 0.82 8.43 -11.79
C ASN C 87 -0.19 9.56 -12.01
N LEU C 88 -0.03 10.64 -11.24
CA LEU C 88 -0.92 11.81 -11.31
C LEU C 88 -0.88 12.47 -12.68
N TRP C 89 0.33 12.58 -13.25
CA TRP C 89 0.54 13.07 -14.62
C TRP C 89 -0.07 12.13 -15.64
N GLY C 90 0.05 10.83 -15.38
CA GLY C 90 -0.65 9.80 -16.15
C GLY C 90 -2.16 10.04 -16.22
N THR C 91 -2.74 10.45 -15.10
CA THR C 91 -4.16 10.78 -15.04
C THR C 91 -4.53 12.04 -15.82
N VAL C 92 -3.66 13.05 -15.87
CA VAL C 92 -3.91 14.26 -16.69
C VAL C 92 -4.22 13.85 -18.14
N LEU C 93 -3.35 13.02 -18.71
CA LEU C 93 -3.52 12.51 -20.05
C LEU C 93 -4.82 11.71 -20.20
N ILE C 94 -5.02 10.73 -19.30
CA ILE C 94 -6.23 9.91 -19.34
C ILE C 94 -7.48 10.78 -19.30
N ALA C 95 -7.64 11.56 -18.23
CA ALA C 95 -8.85 12.35 -18.00
C ALA C 95 -9.16 13.31 -19.18
N GLU C 96 -8.11 13.97 -19.67
CA GLU C 96 -8.25 14.90 -20.79
C GLU C 96 -8.67 14.22 -22.07
N ARG C 97 -8.01 13.08 -22.38
CA ARG C 97 -8.40 12.22 -23.51
C ARG C 97 -9.88 11.89 -23.42
N THR C 98 -10.33 11.38 -22.27
CA THR C 98 -11.70 10.90 -22.17
C THR C 98 -12.71 12.05 -22.16
N LEU C 99 -12.31 13.20 -21.61
CA LEU C 99 -13.17 14.40 -21.67
C LEU C 99 -13.40 14.86 -23.12
N VAL C 100 -12.33 14.87 -23.91
CA VAL C 100 -12.46 15.18 -25.34
C VAL C 100 -13.30 14.09 -26.05
N ARG C 101 -13.09 12.83 -25.69
CA ARG C 101 -13.85 11.72 -26.23
C ARG C 101 -15.35 11.91 -25.99
N GLN C 102 -15.73 12.22 -24.74
CA GLN C 102 -17.14 12.42 -24.38
C GLN C 102 -17.75 13.59 -25.15
N LEU C 103 -16.99 14.67 -25.29
CA LEU C 103 -17.42 15.83 -26.09
C LEU C 103 -17.78 15.47 -27.53
N ARG C 104 -16.91 14.72 -28.18
CA ARG C 104 -17.13 14.24 -29.54
C ARG C 104 -18.32 13.29 -29.64
N ASN C 105 -18.40 12.33 -28.71
CA ASN C 105 -19.46 11.33 -28.73
C ASN C 105 -20.82 11.92 -28.34
N ILE C 106 -20.82 12.94 -27.49
CA ILE C 106 -22.10 13.48 -27.01
C ILE C 106 -22.56 14.67 -27.86
N LEU C 107 -21.63 15.55 -28.21
CA LEU C 107 -21.96 16.74 -28.98
C LEU C 107 -21.11 16.83 -30.24
N PRO C 108 -21.29 15.89 -31.20
CA PRO C 108 -20.33 15.85 -32.34
C PRO C 108 -20.33 17.11 -33.21
N ALA C 109 -21.43 17.86 -33.20
CA ALA C 109 -21.60 19.07 -34.00
C ALA C 109 -21.01 20.34 -33.37
N GLU C 110 -20.67 20.28 -32.09
CA GLU C 110 -20.27 21.46 -31.30
C GLU C 110 -18.76 21.72 -31.30
N HIS C 111 -18.20 21.85 -32.50
CA HIS C 111 -16.74 21.93 -32.69
C HIS C 111 -16.09 23.22 -32.18
N ASP C 112 -16.91 24.28 -32.01
CA ASP C 112 -16.49 25.47 -31.29
C ASP C 112 -16.16 25.15 -29.84
N ALA C 113 -17.12 24.53 -29.15
CA ALA C 113 -16.94 24.05 -27.80
C ALA C 113 -15.76 23.09 -27.72
N HIS C 114 -15.66 22.16 -28.69
CA HIS C 114 -14.51 21.26 -28.76
C HIS C 114 -13.20 22.04 -28.66
N ARG C 115 -13.02 22.99 -29.56
CA ARG C 115 -11.76 23.74 -29.69
C ARG C 115 -11.39 24.51 -28.44
N ARG C 116 -12.37 25.20 -27.86
CA ARG C 116 -12.18 26.02 -26.67
C ARG C 116 -11.83 25.17 -25.44
N ILE C 117 -12.58 24.09 -25.22
CA ILE C 117 -12.34 23.19 -24.10
C ILE C 117 -10.93 22.60 -24.21
N VAL C 118 -10.58 22.16 -25.41
CA VAL C 118 -9.25 21.61 -25.70
C VAL C 118 -8.17 22.62 -25.37
N SER C 119 -8.43 23.90 -25.66
CA SER C 119 -7.53 25.02 -25.31
C SER C 119 -7.21 25.08 -23.82
N TYR C 120 -8.26 24.97 -23.02
CA TYR C 120 -8.15 24.97 -21.58
C TYR C 120 -7.44 23.74 -21.05
N LEU C 121 -7.84 22.57 -21.55
CA LEU C 121 -7.20 21.32 -21.14
C LEU C 121 -5.69 21.34 -21.45
N VAL C 122 -5.33 21.85 -22.63
CA VAL C 122 -3.91 22.01 -22.98
C VAL C 122 -3.25 23.06 -22.07
N ALA C 123 -3.92 24.20 -21.91
CA ALA C 123 -3.49 25.24 -20.95
C ALA C 123 -3.28 24.70 -19.53
N PHE C 124 -4.25 23.92 -19.04
CA PHE C 124 -4.17 23.28 -17.73
C PHE C 124 -2.83 22.54 -17.53
N SER C 125 -2.45 21.69 -18.50
CA SER C 125 -1.25 20.86 -18.41
C SER C 125 -0.02 21.73 -18.31
N TRP C 126 0.13 22.63 -19.27
CA TRP C 126 1.27 23.53 -19.29
C TRP C 126 1.36 24.35 -18.01
N SER C 127 0.22 24.88 -17.56
CA SER C 127 0.17 25.65 -16.32
C SER C 127 0.55 24.82 -15.09
N LEU C 128 0.19 23.54 -15.10
CA LEU C 128 0.58 22.62 -14.01
C LEU C 128 2.09 22.37 -14.00
N LYS C 129 2.67 22.10 -15.16
CA LYS C 129 4.12 22.03 -15.32
C LYS C 129 4.80 23.28 -14.72
N HIS C 130 4.33 24.47 -15.12
CA HIS C 130 4.86 25.75 -14.63
C HIS C 130 4.71 25.89 -13.12
N GLN C 131 3.50 25.64 -12.61
CA GLN C 131 3.21 25.66 -11.18
C GLN C 131 4.21 24.84 -10.39
N LEU C 132 4.36 23.57 -10.80
CA LEU C 132 5.26 22.62 -10.16
C LEU C 132 6.72 22.99 -10.33
N ARG C 133 7.07 23.58 -11.47
CA ARG C 133 8.44 24.06 -11.73
C ARG C 133 8.75 25.44 -11.14
N LYS C 134 7.73 26.08 -10.56
CA LYS C 134 7.81 27.44 -10.00
C LYS C 134 8.32 28.46 -11.02
N THR C 135 7.82 28.35 -12.25
CA THR C 135 8.18 29.25 -13.35
C THR C 135 6.97 30.03 -13.87
N ASP C 136 7.20 30.94 -14.82
CA ASP C 136 6.16 31.82 -15.36
C ASP C 136 5.32 31.08 -16.42
N PRO C 137 3.98 31.01 -16.23
CA PRO C 137 3.10 30.41 -17.25
C PRO C 137 2.69 31.30 -18.46
N THR C 138 3.05 32.58 -18.44
CA THR C 138 2.50 33.60 -19.37
C THR C 138 2.73 33.33 -20.87
N ALA C 139 3.95 32.94 -21.22
CA ALA C 139 4.31 32.60 -22.60
C ALA C 139 3.36 31.54 -23.16
N ASP C 140 3.32 30.38 -22.49
CA ASP C 140 2.45 29.26 -22.87
C ASP C 140 0.97 29.61 -22.87
N LEU C 141 0.52 30.36 -21.86
CA LEU C 141 -0.88 30.77 -21.74
C LEU C 141 -1.33 31.62 -22.93
N ARG C 142 -0.48 32.60 -23.27
CA ARG C 142 -0.69 33.51 -24.40
C ARG C 142 -0.72 32.82 -25.75
N ARG C 143 0.15 31.83 -25.92
CA ARG C 143 0.14 30.95 -27.10
C ARG C 143 -1.23 30.32 -27.35
N LEU C 144 -1.93 29.92 -26.28
CA LEU C 144 -3.10 29.05 -26.37
C LEU C 144 -4.45 29.74 -26.17
N LEU C 145 -4.46 30.88 -25.49
CA LEU C 145 -5.71 31.53 -25.06
C LEU C 145 -5.78 33.01 -25.38
N ALA C 146 -7.02 33.48 -25.62
CA ALA C 146 -7.36 34.91 -25.69
C ALA C 146 -6.78 35.72 -24.51
N GLU C 147 -6.26 36.92 -24.77
CA GLU C 147 -5.57 37.75 -23.75
C GLU C 147 -6.45 38.15 -22.54
N GLU C 148 -7.76 38.32 -22.77
CA GLU C 148 -8.71 38.54 -21.68
C GLU C 148 -8.72 37.38 -20.67
N ARG C 149 -8.64 36.15 -21.19
CA ARG C 149 -8.57 34.94 -20.36
C ARG C 149 -7.24 34.81 -19.67
N VAL C 150 -6.16 35.18 -20.36
CA VAL C 150 -4.81 35.19 -19.78
C VAL C 150 -4.74 36.07 -18.51
N THR C 151 -5.37 37.25 -18.57
CA THR C 151 -5.40 38.17 -17.43
C THR C 151 -6.21 37.60 -16.26
N GLU C 152 -7.37 36.99 -16.56
CA GLU C 152 -8.21 36.29 -15.59
C GLU C 152 -7.43 35.16 -14.89
N ILE C 153 -6.72 34.35 -15.67
CA ILE C 153 -5.97 33.18 -15.19
C ILE C 153 -4.76 33.60 -14.33
N LEU C 154 -3.98 34.57 -14.83
CA LEU C 154 -2.80 35.08 -14.12
C LEU C 154 -3.15 35.84 -12.82
N ALA C 155 -4.37 36.39 -12.77
CA ALA C 155 -4.89 37.12 -11.59
C ALA C 155 -5.15 36.26 -10.35
N SER C 156 -5.27 34.95 -10.54
CA SER C 156 -5.70 34.03 -9.49
C SER C 156 -4.51 33.44 -8.77
N SER C 157 -4.64 33.24 -7.46
CA SER C 157 -3.65 32.51 -6.63
C SER C 157 -3.32 31.11 -7.16
N MET C 158 -4.25 30.52 -7.91
CA MET C 158 -3.99 29.25 -8.57
C MET C 158 -4.47 29.28 -10.03
N PRO C 159 -3.55 29.53 -10.99
CA PRO C 159 -3.95 29.60 -12.39
C PRO C 159 -4.55 28.29 -12.92
N THR C 160 -4.10 27.15 -12.43
CA THR C 160 -4.65 25.85 -12.86
C THR C 160 -6.10 25.67 -12.41
N ASN C 161 -6.40 26.11 -11.19
CA ASN C 161 -7.75 26.05 -10.65
C ASN C 161 -8.70 26.90 -11.50
N ARG C 162 -8.25 28.10 -11.86
CA ARG C 162 -9.00 29.02 -12.70
C ARG C 162 -9.27 28.43 -14.08
N ILE C 163 -8.25 27.81 -14.66
CA ILE C 163 -8.39 27.15 -15.96
C ILE C 163 -9.49 26.09 -15.92
N LEU C 164 -9.50 25.28 -14.86
CA LEU C 164 -10.56 24.27 -14.68
C LEU C 164 -11.96 24.90 -14.60
N LEU C 165 -12.04 26.06 -13.93
CA LEU C 165 -13.29 26.80 -13.77
C LEU C 165 -13.83 27.33 -15.11
N LEU C 166 -12.93 27.80 -15.98
CA LEU C 166 -13.30 28.23 -17.33
C LEU C 166 -13.73 27.07 -18.22
N ALA C 167 -12.97 25.96 -18.21
CA ALA C 167 -13.43 24.72 -18.86
C ALA C 167 -14.79 24.26 -18.31
N GLY C 168 -14.99 24.36 -16.99
CA GLY C 168 -16.29 24.19 -16.37
C GLY C 168 -17.44 25.03 -16.93
N ASN C 169 -17.15 26.29 -17.28
CA ASN C 169 -18.12 27.22 -17.88
C ASN C 169 -18.52 26.81 -19.27
N GLU C 170 -17.56 26.28 -20.02
CA GLU C 170 -17.84 25.81 -21.38
C GLU C 170 -18.90 24.71 -21.36
N ILE C 171 -18.67 23.65 -20.59
CA ILE C 171 -19.68 22.59 -20.47
C ILE C 171 -20.93 23.12 -19.77
N GLY C 172 -20.74 24.05 -18.84
CA GLY C 172 -21.84 24.65 -18.08
C GLY C 172 -22.79 25.48 -18.91
N GLN C 173 -22.25 26.11 -19.95
CA GLN C 173 -23.02 26.94 -20.87
C GLN C 173 -23.79 26.10 -21.87
N LEU C 174 -23.17 25.03 -22.36
CA LEU C 174 -23.82 24.03 -23.19
C LEU C 174 -25.01 23.40 -22.46
N ARG C 175 -24.89 23.26 -21.15
CA ARG C 175 -25.96 22.77 -20.31
C ARG C 175 -27.11 23.76 -20.24
N GLU C 176 -26.79 25.04 -20.07
CA GLU C 176 -27.81 26.10 -20.04
C GLU C 176 -28.54 26.22 -21.37
N ALA C 177 -27.80 26.05 -22.47
CA ALA C 177 -28.35 26.06 -23.83
C ALA C 177 -29.23 24.84 -24.13
N GLY C 178 -29.27 23.88 -23.20
CA GLY C 178 -30.03 22.65 -23.38
C GLY C 178 -29.36 21.64 -24.32
N LYS C 179 -28.13 21.93 -24.74
CA LYS C 179 -27.36 21.04 -25.61
C LYS C 179 -26.77 19.87 -24.84
N LEU C 180 -26.56 20.06 -23.54
CA LEU C 180 -26.27 18.96 -22.61
C LEU C 180 -27.41 18.80 -21.61
N SER C 181 -27.72 17.55 -21.26
CA SER C 181 -28.66 17.28 -20.16
C SER C 181 -27.91 17.38 -18.82
N ASP C 182 -28.62 17.26 -17.71
CA ASP C 182 -27.93 17.20 -16.42
C ASP C 182 -27.05 15.96 -16.28
N ILE C 183 -27.50 14.83 -16.83
CA ILE C 183 -26.71 13.58 -16.86
C ILE C 183 -25.42 13.76 -17.66
N THR C 184 -25.54 14.28 -18.90
CA THR C 184 -24.36 14.33 -19.78
C THR C 184 -23.40 15.44 -19.36
N TYR C 185 -23.94 16.51 -18.75
CA TYR C 185 -23.11 17.50 -18.10
C TYR C 185 -22.31 16.82 -17.00
N GLY C 186 -23.02 16.08 -16.16
CA GLY C 186 -22.43 15.35 -15.03
C GLY C 186 -21.29 14.42 -15.40
N LEU C 187 -21.41 13.72 -16.53
CA LEU C 187 -20.39 12.78 -16.97
C LEU C 187 -19.10 13.50 -17.31
N MET C 188 -19.24 14.70 -17.88
CA MET C 188 -18.12 15.55 -18.25
C MET C 188 -17.55 16.27 -17.04
N ASP C 189 -18.44 16.68 -16.12
CA ASP C 189 -18.04 17.28 -14.85
C ASP C 189 -17.06 16.38 -14.05
N ASN C 190 -17.32 15.07 -14.03
CA ASN C 190 -16.45 14.08 -13.37
C ASN C 190 -15.01 14.14 -13.81
N LYS C 191 -14.78 14.43 -15.08
CA LYS C 191 -13.42 14.52 -15.59
C LYS C 191 -12.69 15.74 -15.05
N LEU C 192 -13.43 16.85 -14.89
CA LEU C 192 -12.87 18.06 -14.32
C LEU C 192 -12.55 17.85 -12.85
N ASP C 193 -13.44 17.08 -12.20
CA ASP C 193 -13.25 16.59 -10.85
C ASP C 193 -11.95 15.75 -10.75
N GLU C 194 -11.74 14.87 -11.72
CA GLU C 194 -10.54 14.05 -11.76
C GLU C 194 -9.27 14.93 -11.92
N LEU C 195 -9.32 15.94 -12.79
CA LEU C 195 -8.21 16.89 -12.94
C LEU C 195 -7.96 17.70 -11.65
N ALA C 196 -9.05 18.12 -11.00
CA ALA C 196 -8.94 18.75 -9.69
C ALA C 196 -8.12 17.90 -8.70
N HIS C 197 -8.43 16.60 -8.67
CA HIS C 197 -7.75 15.61 -7.84
C HIS C 197 -6.27 15.46 -8.17
N VAL C 198 -5.93 15.47 -9.47
CA VAL C 198 -4.51 15.46 -9.91
C VAL C 198 -3.76 16.68 -9.38
N LEU C 199 -4.34 17.85 -9.65
CA LEU C 199 -3.80 19.13 -9.19
C LEU C 199 -3.56 19.10 -7.67
N GLY C 200 -4.58 18.68 -6.91
CA GLY C 200 -4.45 18.52 -5.46
C GLY C 200 -3.31 17.60 -5.05
N GLY C 201 -3.15 16.49 -5.76
CA GLY C 201 -2.14 15.48 -5.42
C GLY C 201 -0.73 15.96 -5.70
N CYS C 202 -0.57 16.65 -6.83
CA CYS C 202 0.69 17.27 -7.24
C CYS C 202 1.09 18.36 -6.29
N GLU C 203 0.12 19.21 -5.93
CA GLU C 203 0.31 20.29 -4.98
C GLU C 203 0.78 19.70 -3.66
N ARG C 204 0.11 18.64 -3.22
CA ARG C 204 0.52 17.88 -2.04
C ARG C 204 1.97 17.38 -2.14
N LEU C 205 2.35 16.77 -3.27
CA LEU C 205 3.71 16.23 -3.45
C LEU C 205 4.83 17.26 -3.59
N ALA C 206 4.49 18.46 -4.05
CA ALA C 206 5.47 19.54 -4.17
C ALA C 206 5.69 20.24 -2.84
N THR C 207 4.61 20.45 -2.09
CA THR C 207 4.67 21.16 -0.81
C THR C 207 4.82 20.17 0.37
N THR C 208 5.44 19.04 0.12
CA THR C 208 5.71 18.08 1.20
C THR C 208 7.19 17.66 1.36
N PRO C 209 8.11 18.64 1.48
CA PRO C 209 9.36 18.21 2.09
C PRO C 209 9.10 17.78 3.56
N VAL C 210 9.25 16.47 3.81
CA VAL C 210 9.08 15.86 5.14
C VAL C 210 10.14 16.41 6.12
N PRO C 211 9.71 17.06 7.23
CA PRO C 211 10.47 18.08 7.99
C PRO C 211 11.91 18.38 7.53
N PHE C 212 12.07 19.56 6.90
CA PHE C 212 13.33 20.04 6.25
C PHE C 212 14.66 19.62 6.92
N ALA C 213 14.67 19.56 8.25
CA ALA C 213 15.82 19.10 9.03
C ALA C 213 16.14 17.60 8.84
N TYR C 214 15.10 16.77 8.88
CA TYR C 214 15.25 15.29 8.96
C TYR C 214 15.68 14.54 7.67
N THR C 215 16.00 15.29 6.62
CA THR C 215 16.70 14.74 5.45
C THR C 215 18.17 15.15 5.53
N LEU C 216 18.41 16.38 5.97
CA LEU C 216 19.75 16.93 6.22
C LEU C 216 20.46 16.18 7.35
N ILE C 217 19.68 15.74 8.33
CA ILE C 217 20.19 14.97 9.49
C ILE C 217 20.61 13.55 9.10
N LEU C 218 19.84 12.88 8.24
CA LEU C 218 20.21 11.56 7.70
C LEU C 218 21.40 11.65 6.74
N GLN C 219 21.49 12.75 6.00
CA GLN C 219 22.58 12.95 5.06
C GLN C 219 23.91 13.17 5.78
N ARG C 220 23.90 14.01 6.81
CA ARG C 220 25.08 14.27 7.62
C ARG C 220 25.54 13.03 8.40
N THR C 221 24.60 12.11 8.66
CA THR C 221 24.91 10.82 9.28
C THR C 221 25.71 9.92 8.32
N VAL C 222 25.22 9.69 7.10
CA VAL C 222 25.92 8.86 6.11
C VAL C 222 27.30 9.45 5.83
N TYR C 223 27.33 10.77 5.62
CA TYR C 223 28.57 11.54 5.40
C TYR C 223 29.60 11.30 6.52
N LEU C 224 29.20 11.58 7.76
CA LEU C 224 30.08 11.41 8.93
C LEU C 224 30.49 9.96 9.19
N PHE C 225 29.62 9.01 8.86
CA PHE C 225 29.95 7.60 8.94
C PHE C 225 31.02 7.22 7.91
N CYS C 226 30.85 7.70 6.68
CA CYS C 226 31.75 7.38 5.58
C CYS C 226 33.18 7.85 5.77
N THR C 227 33.34 9.01 6.39
CA THR C 227 34.65 9.62 6.61
C THR C 227 35.34 9.14 7.89
N LEU C 228 34.58 8.73 8.88
CA LEU C 228 35.13 8.07 10.07
C LEU C 228 35.42 6.58 9.88
N LEU C 229 34.84 5.98 8.84
CA LEU C 229 35.03 4.54 8.59
C LEU C 229 36.49 4.12 8.32
N PRO C 230 37.23 4.85 7.46
CA PRO C 230 38.62 4.43 7.20
C PRO C 230 39.48 4.40 8.47
N PHE C 231 39.29 5.39 9.34
CA PHE C 231 39.93 5.45 10.65
C PHE C 231 39.72 4.15 11.44
N ALA C 232 38.52 3.59 11.38
CA ALA C 232 38.21 2.33 12.05
C ALA C 232 38.69 1.12 11.27
N LEU C 233 38.63 1.21 9.94
CA LEU C 233 39.03 0.11 9.05
C LEU C 233 40.53 -0.14 8.99
N VAL C 234 41.32 0.89 9.32
CA VAL C 234 42.76 0.92 9.08
C VAL C 234 43.56 -0.13 9.88
N GLY C 235 43.13 -0.39 11.11
CA GLY C 235 43.71 -1.45 11.94
C GLY C 235 43.72 -2.79 11.21
N ASP C 236 42.54 -3.22 10.80
CA ASP C 236 42.34 -4.52 10.11
C ASP C 236 42.97 -4.59 8.73
N LEU C 237 43.01 -3.46 8.01
CA LEU C 237 43.25 -3.46 6.55
C LEU C 237 44.60 -2.91 6.09
N HIS C 238 45.13 -1.94 6.84
CA HIS C 238 46.39 -1.22 6.54
C HIS C 238 46.34 -0.44 5.21
N TYR C 239 47.01 -0.96 4.16
CA TYR C 239 47.09 -0.25 2.89
C TYR C 239 45.84 -0.45 2.03
N MET C 240 45.06 -1.48 2.34
CA MET C 240 43.80 -1.73 1.63
C MET C 240 42.68 -0.75 1.96
N THR C 241 42.77 -0.12 3.14
CA THR C 241 41.81 0.86 3.64
C THR C 241 41.09 1.71 2.54
N PRO C 242 41.84 2.47 1.68
CA PRO C 242 41.12 3.26 0.67
C PRO C 242 40.24 2.45 -0.30
N PHE C 243 40.70 1.26 -0.72
CA PHE C 243 39.96 0.42 -1.68
C PHE C 243 38.63 -0.10 -1.13
N VAL C 244 38.64 -0.53 0.12
CA VAL C 244 37.43 -1.01 0.80
C VAL C 244 36.57 0.20 1.20
N SER C 245 37.18 1.19 1.83
CA SER C 245 36.48 2.41 2.29
C SER C 245 35.81 3.23 1.18
N VAL C 246 36.38 3.23 -0.03
CA VAL C 246 35.73 3.89 -1.18
C VAL C 246 34.50 3.09 -1.63
N PHE C 247 34.65 1.76 -1.69
CA PHE C 247 33.61 0.84 -2.11
C PHE C 247 32.39 0.92 -1.19
N ILE C 248 32.62 0.89 0.13
CA ILE C 248 31.54 1.05 1.10
C ILE C 248 30.88 2.42 0.92
N SER C 249 31.68 3.49 0.89
CA SER C 249 31.15 4.85 0.75
C SER C 249 30.37 5.07 -0.55
N TYR C 250 30.86 4.52 -1.65
CA TYR C 250 30.15 4.58 -2.92
C TYR C 250 28.72 4.06 -2.76
N THR C 251 28.62 2.80 -2.31
CA THR C 251 27.35 2.10 -2.07
C THR C 251 26.36 2.94 -1.27
N PHE C 252 26.78 3.39 -0.09
CA PHE C 252 25.93 4.17 0.81
C PHE C 252 25.51 5.52 0.22
N LEU C 253 26.47 6.21 -0.41
CA LEU C 253 26.20 7.52 -1.02
C LEU C 253 25.34 7.42 -2.27
N SER C 254 25.61 6.42 -3.13
CA SER C 254 24.79 6.10 -4.31
C SER C 254 23.32 6.00 -3.94
N TRP C 255 23.07 5.17 -2.91
CA TRP C 255 21.74 4.98 -2.36
C TRP C 255 21.14 6.27 -1.81
N ASP C 256 21.88 7.00 -0.97
CA ASP C 256 21.38 8.24 -0.34
C ASP C 256 20.96 9.28 -1.38
N SER C 257 21.81 9.48 -2.38
CA SER C 257 21.60 10.54 -3.37
C SER C 257 20.50 10.21 -4.37
N LEU C 258 20.34 8.92 -4.67
CA LEU C 258 19.24 8.47 -5.54
C LEU C 258 17.89 8.76 -4.89
N ALA C 259 17.79 8.46 -3.59
CA ALA C 259 16.62 8.79 -2.77
C ALA C 259 16.30 10.27 -2.82
N GLU C 260 17.34 11.11 -2.74
CA GLU C 260 17.22 12.57 -2.89
C GLU C 260 16.58 13.02 -4.20
N GLU C 261 17.03 12.44 -5.32
CA GLU C 261 16.45 12.75 -6.65
C GLU C 261 14.98 12.37 -6.77
N LEU C 262 14.65 11.15 -6.32
CA LEU C 262 13.29 10.64 -6.37
C LEU C 262 12.31 11.39 -5.46
N GLU C 263 12.84 11.95 -4.36
CA GLU C 263 12.08 12.73 -3.37
C GLU C 263 11.41 13.95 -3.98
N ASP C 264 12.16 14.64 -4.85
CA ASP C 264 11.66 15.81 -5.59
C ASP C 264 11.52 15.50 -7.09
N PRO C 265 10.37 14.92 -7.51
CA PRO C 265 10.19 14.40 -8.87
C PRO C 265 9.80 15.44 -9.93
N PHE C 266 9.39 16.63 -9.50
CA PHE C 266 9.06 17.73 -10.42
C PHE C 266 10.28 18.65 -10.64
N GLY C 267 11.39 18.32 -9.98
CA GLY C 267 12.69 18.97 -10.22
C GLY C 267 13.28 18.80 -11.61
N THR C 268 14.45 19.41 -11.83
CA THR C 268 15.12 19.37 -13.14
C THR C 268 16.34 18.44 -13.17
N ALA C 269 16.47 17.60 -12.14
CA ALA C 269 17.51 16.57 -12.05
C ALA C 269 17.38 15.47 -13.11
N ALA C 270 18.47 14.69 -13.26
CA ALA C 270 18.58 13.64 -14.27
C ALA C 270 17.43 12.62 -14.21
N ASN C 271 17.17 12.09 -13.01
CA ASN C 271 16.16 11.06 -12.80
C ASN C 271 14.80 11.62 -12.34
N ASP C 272 14.45 12.80 -12.87
CA ASP C 272 13.17 13.48 -12.58
C ASP C 272 12.26 13.50 -13.79
N LEU C 273 10.96 13.59 -13.56
CA LEU C 273 9.95 13.53 -14.62
C LEU C 273 10.20 14.51 -15.79
N PRO C 274 10.30 13.99 -17.04
CA PRO C 274 10.40 14.81 -18.26
C PRO C 274 9.09 15.57 -18.53
N LEU C 275 8.81 16.57 -17.70
CA LEU C 275 7.51 17.26 -17.68
C LEU C 275 7.18 18.01 -18.95
N ASN C 276 8.21 18.56 -19.61
CA ASN C 276 8.02 19.25 -20.89
C ASN C 276 7.63 18.26 -21.98
N ALA C 277 8.29 17.10 -21.98
CA ALA C 277 7.96 16.02 -22.91
C ALA C 277 6.56 15.48 -22.66
N MET C 278 6.20 15.38 -21.38
CA MET C 278 4.88 14.92 -20.96
C MET C 278 3.79 15.87 -21.43
N CYS C 279 4.06 17.16 -21.36
CA CYS C 279 3.11 18.18 -21.80
C CYS C 279 2.92 18.19 -23.31
N ASN C 280 4.00 17.96 -24.05
CA ASN C 280 3.96 17.82 -25.52
C ASN C 280 3.08 16.66 -25.93
N THR C 281 3.30 15.49 -25.33
CA THR C 281 2.46 14.31 -25.55
C THR C 281 0.98 14.62 -25.31
N ILE C 282 0.67 15.39 -24.25
CA ILE C 282 -0.71 15.74 -23.91
C ILE C 282 -1.34 16.61 -25.00
N GLU C 283 -0.64 17.67 -25.37
CA GLU C 283 -1.10 18.60 -26.39
C GLU C 283 -1.32 17.88 -27.73
N ARG C 284 -0.31 17.07 -28.14
CA ARG C 284 -0.36 16.31 -29.38
C ARG C 284 -1.56 15.38 -29.42
N ASN C 285 -1.75 14.59 -28.35
CA ASN C 285 -2.92 13.73 -28.17
C ASN C 285 -4.23 14.49 -28.38
N LEU C 286 -4.35 15.66 -27.72
CA LEU C 286 -5.60 16.41 -27.74
C LEU C 286 -5.85 17.06 -29.08
N LEU C 287 -4.76 17.34 -29.80
CA LEU C 287 -4.85 17.90 -31.14
C LEU C 287 -5.23 16.84 -32.16
N ASP C 288 -4.63 15.66 -32.03
CA ASP C 288 -4.98 14.46 -32.79
C ASP C 288 -6.47 14.11 -32.67
N MET C 289 -7.04 14.32 -31.49
CA MET C 289 -8.43 13.97 -31.23
C MET C 289 -9.42 14.97 -31.82
N THR C 290 -8.94 16.16 -32.13
CA THR C 290 -9.80 17.27 -32.56
C THR C 290 -9.53 17.72 -34.01
N GLY C 291 -8.98 16.79 -34.80
CA GLY C 291 -8.73 16.96 -36.24
C GLY C 291 -7.79 18.10 -36.61
N GLN C 292 -6.70 18.23 -35.84
CA GLN C 292 -5.72 19.32 -36.02
C GLN C 292 -4.29 18.75 -36.08
N HIS C 293 -3.37 19.49 -36.71
CA HIS C 293 -2.05 18.94 -37.03
C HIS C 293 -0.87 19.69 -36.39
N PRO C 294 0.03 18.96 -35.66
CA PRO C 294 1.30 19.52 -35.17
C PRO C 294 2.24 19.93 -36.31
N LEU D 24 27.72 -18.54 -21.07
CA LEU D 24 26.80 -18.35 -22.24
C LEU D 24 25.36 -17.97 -21.83
N SER D 25 25.03 -18.07 -20.53
CA SER D 25 23.68 -17.71 -20.01
C SER D 25 23.69 -16.56 -18.97
N LYS D 26 24.73 -15.73 -19.03
CA LYS D 26 25.00 -14.58 -18.13
C LYS D 26 25.23 -14.96 -16.66
N ILE D 27 24.36 -15.80 -16.10
CA ILE D 27 24.46 -16.24 -14.71
C ILE D 27 25.59 -17.27 -14.49
N ILE D 28 25.71 -18.23 -15.40
CA ILE D 28 26.71 -19.32 -15.33
C ILE D 28 28.11 -18.79 -15.67
N PHE D 29 28.17 -17.81 -16.58
CA PHE D 29 29.40 -17.10 -16.93
C PHE D 29 29.98 -16.34 -15.73
N ARG D 30 29.13 -15.55 -15.05
CA ARG D 30 29.55 -14.76 -13.88
C ARG D 30 29.87 -15.61 -12.65
N LEU D 31 29.34 -16.84 -12.61
CA LEU D 31 29.77 -17.82 -11.62
C LEU D 31 31.17 -18.37 -11.90
N LEU D 32 31.43 -18.72 -13.17
CA LEU D 32 32.72 -19.27 -13.60
C LEU D 32 33.87 -18.26 -13.55
N LEU D 33 33.54 -16.99 -13.78
CA LEU D 33 34.48 -15.90 -13.55
C LEU D 33 34.82 -15.79 -12.05
N ASN D 34 33.85 -16.12 -11.20
CA ASN D 34 34.01 -16.07 -9.74
C ASN D 34 34.76 -17.27 -9.16
N VAL D 35 34.70 -18.42 -9.82
CA VAL D 35 35.51 -19.58 -9.42
C VAL D 35 36.98 -19.32 -9.80
N LEU D 36 37.19 -18.69 -10.95
CA LEU D 36 38.53 -18.27 -11.37
C LEU D 36 39.09 -17.14 -10.48
N MET D 37 38.25 -16.16 -10.13
CA MET D 37 38.61 -15.11 -9.14
C MET D 37 39.08 -15.69 -7.79
N SER D 38 38.58 -16.89 -7.47
CA SER D 38 38.88 -17.58 -6.23
C SER D 38 40.23 -18.33 -6.27
N ILE D 39 40.52 -18.99 -7.39
CA ILE D 39 41.81 -19.66 -7.56
C ILE D 39 42.95 -18.64 -7.64
N ILE D 40 42.72 -17.54 -8.39
CA ILE D 40 43.63 -16.37 -8.40
C ILE D 40 43.93 -15.88 -6.98
N ALA D 41 42.89 -15.85 -6.14
CA ALA D 41 42.99 -15.42 -4.75
C ALA D 41 43.76 -16.43 -3.88
N ILE D 42 43.58 -17.72 -4.18
CA ILE D 42 44.31 -18.79 -3.49
C ILE D 42 45.80 -18.71 -3.85
N ILE D 43 46.11 -18.75 -5.15
CA ILE D 43 47.50 -18.68 -5.65
C ILE D 43 48.24 -17.39 -5.25
N SER D 44 47.51 -16.28 -5.12
CA SER D 44 48.13 -14.99 -4.80
C SER D 44 48.11 -14.63 -3.31
N TYR D 45 47.61 -15.53 -2.45
CA TYR D 45 47.55 -15.25 -1.00
C TYR D 45 48.94 -15.06 -0.36
N GLN D 46 49.95 -15.73 -0.91
CA GLN D 46 51.34 -15.64 -0.47
C GLN D 46 51.88 -14.21 -0.58
N TRP D 47 51.55 -13.55 -1.68
CA TRP D 47 52.03 -12.22 -2.01
C TRP D 47 51.40 -11.08 -1.17
N TYR D 48 50.28 -11.38 -0.50
CA TYR D 48 49.54 -10.42 0.34
C TYR D 48 50.42 -9.78 1.40
N GLU D 49 51.07 -10.63 2.19
CA GLU D 49 51.92 -10.23 3.30
C GLU D 49 53.00 -9.27 2.81
N GLN D 50 53.58 -9.58 1.65
CA GLN D 50 54.66 -8.81 1.03
C GLN D 50 54.18 -7.50 0.42
N LEU D 51 53.08 -7.54 -0.32
CA LEU D 51 52.53 -6.36 -1.00
C LEU D 51 51.84 -5.37 -0.04
N GLY D 52 51.50 -5.83 1.16
CA GLY D 52 50.92 -4.98 2.21
C GLY D 52 49.40 -4.91 2.21
N ILE D 53 48.76 -5.97 1.72
CA ILE D 53 47.31 -6.00 1.54
C ILE D 53 46.61 -6.98 2.51
N HIS D 54 46.10 -6.42 3.61
CA HIS D 54 45.31 -7.17 4.60
C HIS D 54 43.80 -7.02 4.32
N LEU D 55 43.10 -8.15 4.18
CA LEU D 55 41.65 -8.15 3.90
C LEU D 55 40.86 -9.11 4.81
N THR D 56 40.14 -8.55 5.78
CA THR D 56 39.30 -9.34 6.70
C THR D 56 37.88 -9.49 6.18
N VAL D 57 37.13 -10.43 6.77
CA VAL D 57 35.74 -10.70 6.42
C VAL D 57 34.81 -9.61 6.96
N ALA D 58 35.11 -9.11 8.17
CA ALA D 58 34.25 -8.14 8.89
C ALA D 58 33.63 -6.96 8.09
N PRO D 59 34.44 -6.23 7.27
CA PRO D 59 33.82 -5.13 6.50
C PRO D 59 33.01 -5.61 5.29
N PHE D 60 33.35 -6.79 4.77
CA PHE D 60 32.61 -7.41 3.68
C PHE D 60 31.24 -7.95 4.11
N SER D 61 31.14 -8.29 5.40
CA SER D 61 29.85 -8.55 6.03
C SER D 61 28.99 -7.29 5.98
N LEU D 62 29.56 -6.16 6.43
CA LEU D 62 28.85 -4.88 6.44
C LEU D 62 28.40 -4.49 5.04
N LEU D 63 29.29 -4.67 4.07
CA LEU D 63 29.00 -4.37 2.69
C LEU D 63 27.88 -5.24 2.14
N GLY D 64 28.07 -6.56 2.23
CA GLY D 64 27.10 -7.53 1.73
C GLY D 64 25.70 -7.40 2.30
N ILE D 65 25.62 -7.18 3.62
CA ILE D 65 24.35 -6.96 4.31
C ILE D 65 23.66 -5.73 3.73
N ALA D 66 24.38 -4.61 3.64
CA ALA D 66 23.86 -3.37 3.06
C ALA D 66 23.34 -3.62 1.65
N ILE D 67 24.15 -4.28 0.83
CA ILE D 67 23.80 -4.67 -0.55
C ILE D 67 22.51 -5.52 -0.57
N ALA D 68 22.40 -6.46 0.38
CA ALA D 68 21.23 -7.34 0.47
C ALA D 68 19.98 -6.54 0.79
N ILE D 69 20.09 -5.66 1.79
CA ILE D 69 19.00 -4.77 2.17
C ILE D 69 18.52 -3.99 0.95
N PHE D 70 19.46 -3.36 0.25
CA PHE D 70 19.16 -2.58 -0.95
C PHE D 70 18.61 -3.45 -2.07
N LEU D 71 19.20 -4.63 -2.29
CA LEU D 71 18.66 -5.62 -3.23
C LEU D 71 17.26 -6.08 -2.86
N GLY D 72 17.02 -6.23 -1.56
CA GLY D 72 15.73 -6.65 -1.01
C GLY D 72 14.66 -5.65 -1.37
N PHE D 73 14.90 -4.38 -1.00
CA PHE D 73 14.00 -3.29 -1.33
C PHE D 73 13.82 -3.05 -2.83
N ARG D 74 14.88 -3.21 -3.61
CA ARG D 74 14.79 -3.00 -5.04
C ARG D 74 13.92 -4.07 -5.68
N ASN D 75 14.22 -5.32 -5.36
CA ASN D 75 13.45 -6.44 -5.86
C ASN D 75 11.97 -6.26 -5.56
N SER D 76 11.68 -5.71 -4.37
CA SER D 76 10.34 -5.37 -3.95
C SER D 76 9.65 -4.44 -4.95
N ALA D 77 10.31 -3.34 -5.32
CA ALA D 77 9.79 -2.41 -6.31
C ALA D 77 9.49 -3.07 -7.67
N SER D 78 10.43 -3.90 -8.14
CA SER D 78 10.31 -4.57 -9.45
C SER D 78 9.11 -5.50 -9.49
N TYR D 79 8.88 -6.21 -8.38
CA TYR D 79 7.74 -7.11 -8.24
C TYR D 79 6.41 -6.36 -8.35
N SER D 80 6.29 -5.26 -7.62
CA SER D 80 5.10 -4.40 -7.63
C SER D 80 4.77 -3.85 -8.99
N ARG D 81 5.82 -3.54 -9.78
CA ARG D 81 5.64 -3.06 -11.14
C ARG D 81 5.07 -4.17 -12.01
N PHE D 82 5.64 -5.37 -11.90
CA PHE D 82 5.13 -6.55 -12.59
C PHE D 82 3.65 -6.80 -12.24
N VAL D 83 3.34 -6.79 -10.94
CA VAL D 83 1.97 -6.96 -10.42
C VAL D 83 1.02 -5.92 -11.00
N GLU D 84 1.46 -4.66 -11.06
CA GLU D 84 0.67 -3.55 -11.60
C GLU D 84 0.30 -3.77 -13.07
N ALA D 85 1.27 -4.26 -13.86
CA ALA D 85 1.07 -4.57 -15.27
C ALA D 85 -0.01 -5.64 -15.39
N ARG D 86 0.13 -6.69 -14.58
CA ARG D 86 -0.86 -7.76 -14.50
C ARG D 86 -2.27 -7.28 -14.23
N ASN D 87 -2.43 -6.38 -13.25
CA ASN D 87 -3.72 -5.81 -12.87
C ASN D 87 -4.35 -5.02 -14.01
N LEU D 88 -3.50 -4.27 -14.70
CA LEU D 88 -3.92 -3.45 -15.82
C LEU D 88 -4.54 -4.33 -16.92
N TRP D 89 -3.88 -5.43 -17.25
CA TRP D 89 -4.42 -6.39 -18.21
C TRP D 89 -5.67 -7.12 -17.73
N GLY D 90 -5.73 -7.41 -16.43
CA GLY D 90 -6.91 -7.96 -15.77
C GLY D 90 -8.13 -7.10 -15.98
N THR D 91 -7.95 -5.79 -15.82
CA THR D 91 -9.01 -4.81 -16.03
C THR D 91 -9.53 -4.82 -17.49
N VAL D 92 -8.63 -5.02 -18.46
CA VAL D 92 -9.04 -5.05 -19.89
C VAL D 92 -10.12 -6.10 -20.10
N LEU D 93 -9.85 -7.31 -19.60
CA LEU D 93 -10.77 -8.43 -19.65
C LEU D 93 -12.07 -8.13 -18.91
N ILE D 94 -11.97 -7.72 -17.63
CA ILE D 94 -13.12 -7.34 -16.79
C ILE D 94 -14.02 -6.32 -17.51
N ALA D 95 -13.43 -5.19 -17.89
CA ALA D 95 -14.17 -4.08 -18.47
C ALA D 95 -14.81 -4.44 -19.80
N GLU D 96 -14.10 -5.22 -20.62
CA GLU D 96 -14.66 -5.68 -21.89
C GLU D 96 -15.79 -6.67 -21.71
N ARG D 97 -15.61 -7.62 -20.81
CA ARG D 97 -16.68 -8.55 -20.45
C ARG D 97 -17.95 -7.79 -20.08
N THR D 98 -17.84 -6.86 -19.13
CA THR D 98 -19.03 -6.21 -18.56
C THR D 98 -19.69 -5.25 -19.53
N LEU D 99 -18.90 -4.69 -20.45
CA LEU D 99 -19.42 -3.79 -21.47
C LEU D 99 -20.25 -4.55 -22.51
N VAL D 100 -19.76 -5.73 -22.90
CA VAL D 100 -20.51 -6.61 -23.80
C VAL D 100 -21.77 -7.15 -23.09
N ARG D 101 -21.60 -7.52 -21.81
CA ARG D 101 -22.71 -7.93 -20.93
C ARG D 101 -23.79 -6.86 -20.88
N GLN D 102 -23.40 -5.61 -20.62
CA GLN D 102 -24.33 -4.48 -20.58
C GLN D 102 -25.07 -4.35 -21.90
N LEU D 103 -24.34 -4.49 -23.00
CA LEU D 103 -24.91 -4.37 -24.34
C LEU D 103 -26.04 -5.34 -24.59
N ARG D 104 -25.85 -6.60 -24.17
CA ARG D 104 -26.91 -7.62 -24.25
C ARG D 104 -28.10 -7.36 -23.33
N ASN D 105 -27.85 -6.97 -22.07
CA ASN D 105 -28.90 -6.80 -21.08
C ASN D 105 -29.76 -5.55 -21.34
N ILE D 106 -29.14 -4.54 -21.96
CA ILE D 106 -29.82 -3.27 -22.22
C ILE D 106 -30.42 -3.28 -23.63
N LEU D 107 -29.68 -3.76 -24.61
CA LEU D 107 -30.12 -3.75 -26.01
C LEU D 107 -30.01 -5.14 -26.63
N PRO D 108 -30.93 -6.08 -26.24
CA PRO D 108 -30.78 -7.49 -26.62
C PRO D 108 -30.99 -7.75 -28.11
N ALA D 109 -31.82 -6.91 -28.74
CA ALA D 109 -32.13 -6.99 -30.16
C ALA D 109 -30.98 -6.55 -31.09
N GLU D 110 -30.23 -5.54 -30.68
CA GLU D 110 -29.27 -4.82 -31.54
C GLU D 110 -27.93 -5.54 -31.76
N HIS D 111 -27.99 -6.73 -32.36
CA HIS D 111 -26.79 -7.54 -32.63
C HIS D 111 -25.84 -6.88 -33.61
N ASP D 112 -26.38 -6.04 -34.50
CA ASP D 112 -25.59 -5.20 -35.40
C ASP D 112 -24.53 -4.38 -34.64
N ALA D 113 -25.01 -3.60 -33.66
CA ALA D 113 -24.15 -2.87 -32.74
C ALA D 113 -23.26 -3.77 -31.87
N HIS D 114 -23.79 -4.92 -31.42
CA HIS D 114 -23.00 -5.88 -30.63
C HIS D 114 -21.71 -6.26 -31.36
N ARG D 115 -21.86 -6.70 -32.60
CA ARG D 115 -20.76 -7.16 -33.43
C ARG D 115 -19.73 -6.06 -33.69
N ARG D 116 -20.21 -4.86 -34.00
CA ARG D 116 -19.34 -3.70 -34.23
C ARG D 116 -18.52 -3.35 -33.00
N ILE D 117 -19.19 -3.26 -31.86
CA ILE D 117 -18.51 -2.93 -30.62
C ILE D 117 -17.52 -4.02 -30.19
N VAL D 118 -17.93 -5.29 -30.25
CA VAL D 118 -17.03 -6.41 -29.91
C VAL D 118 -15.75 -6.41 -30.77
N SER D 119 -15.90 -6.06 -32.05
CA SER D 119 -14.74 -6.01 -32.94
C SER D 119 -13.79 -4.88 -32.54
N TYR D 120 -14.34 -3.71 -32.18
CA TYR D 120 -13.53 -2.62 -31.59
C TYR D 120 -12.86 -2.99 -30.27
N LEU D 121 -13.61 -3.66 -29.38
CA LEU D 121 -13.08 -4.08 -28.08
C LEU D 121 -11.97 -5.10 -28.23
N VAL D 122 -12.10 -6.02 -29.18
CA VAL D 122 -11.03 -6.99 -29.45
C VAL D 122 -9.81 -6.30 -30.09
N ALA D 123 -10.07 -5.37 -31.02
CA ALA D 123 -9.03 -4.54 -31.63
C ALA D 123 -8.20 -3.77 -30.58
N PHE D 124 -8.89 -3.16 -29.61
CA PHE D 124 -8.23 -2.45 -28.51
C PHE D 124 -7.21 -3.33 -27.78
N SER D 125 -7.59 -4.57 -27.47
CA SER D 125 -6.71 -5.51 -26.77
C SER D 125 -5.45 -5.77 -27.57
N TRP D 126 -5.63 -6.11 -28.84
CA TRP D 126 -4.53 -6.45 -29.73
C TRP D 126 -3.68 -5.24 -29.99
N SER D 127 -4.34 -4.09 -30.23
CA SER D 127 -3.64 -2.84 -30.47
C SER D 127 -2.75 -2.46 -29.31
N LEU D 128 -3.26 -2.61 -28.08
CA LEU D 128 -2.50 -2.40 -26.85
C LEU D 128 -1.30 -3.34 -26.77
N LYS D 129 -1.55 -4.64 -26.97
CA LYS D 129 -0.50 -5.66 -26.98
C LYS D 129 0.63 -5.24 -27.90
N HIS D 130 0.32 -5.02 -29.19
CA HIS D 130 1.30 -4.59 -30.20
C HIS D 130 2.04 -3.30 -29.84
N GLN D 131 1.29 -2.31 -29.32
CA GLN D 131 1.83 -1.03 -28.82
C GLN D 131 2.91 -1.22 -27.72
N LEU D 132 2.64 -2.12 -26.77
CA LEU D 132 3.56 -2.36 -25.66
C LEU D 132 4.74 -3.22 -26.08
N ARG D 133 4.53 -4.00 -27.15
CA ARG D 133 5.54 -4.88 -27.71
C ARG D 133 6.37 -4.23 -28.81
N LYS D 134 6.06 -2.96 -29.12
CA LYS D 134 6.63 -2.22 -30.26
C LYS D 134 6.58 -3.04 -31.56
N THR D 135 5.46 -3.75 -31.78
CA THR D 135 5.26 -4.55 -33.00
C THR D 135 4.09 -4.03 -33.83
N ASP D 136 3.87 -4.65 -34.99
CA ASP D 136 2.93 -4.19 -36.01
C ASP D 136 1.50 -4.68 -35.77
N PRO D 137 0.56 -3.74 -35.53
CA PRO D 137 -0.82 -4.13 -35.29
C PRO D 137 -1.65 -4.45 -36.55
N THR D 138 -1.09 -4.22 -37.73
CA THR D 138 -1.84 -4.30 -39.00
C THR D 138 -2.57 -5.65 -39.22
N ALA D 139 -1.86 -6.77 -39.09
CA ALA D 139 -2.43 -8.09 -39.32
C ALA D 139 -3.64 -8.37 -38.43
N ASP D 140 -3.45 -8.20 -37.12
CA ASP D 140 -4.52 -8.37 -36.12
C ASP D 140 -5.70 -7.40 -36.29
N LEU D 141 -5.42 -6.16 -36.70
CA LEU D 141 -6.46 -5.15 -36.94
C LEU D 141 -7.26 -5.40 -38.22
N ARG D 142 -6.59 -5.83 -39.28
CA ARG D 142 -7.23 -6.19 -40.56
C ARG D 142 -8.14 -7.42 -40.42
N ARG D 143 -7.68 -8.37 -39.61
CA ARG D 143 -8.47 -9.53 -39.23
C ARG D 143 -9.82 -9.15 -38.58
N LEU D 144 -9.87 -8.01 -37.90
CA LEU D 144 -11.03 -7.64 -37.06
C LEU D 144 -11.94 -6.53 -37.59
N LEU D 145 -11.39 -5.66 -38.45
CA LEU D 145 -12.08 -4.43 -38.86
C LEU D 145 -12.02 -4.14 -40.37
N ALA D 146 -13.00 -3.35 -40.85
CA ALA D 146 -13.08 -2.85 -42.22
C ALA D 146 -11.88 -1.94 -42.56
N GLU D 147 -11.47 -1.96 -43.83
CA GLU D 147 -10.28 -1.22 -44.31
C GLU D 147 -10.35 0.31 -44.10
N GLU D 148 -11.54 0.89 -44.27
CA GLU D 148 -11.80 2.33 -44.01
C GLU D 148 -11.42 2.72 -42.58
N ARG D 149 -11.60 1.77 -41.66
CA ARG D 149 -11.31 1.94 -40.25
C ARG D 149 -9.84 1.68 -39.95
N VAL D 150 -9.30 0.57 -40.47
CA VAL D 150 -7.93 0.14 -40.18
C VAL D 150 -6.88 1.19 -40.62
N THR D 151 -7.09 1.81 -41.77
CA THR D 151 -6.20 2.90 -42.23
C THR D 151 -6.37 4.18 -41.39
N GLU D 152 -7.62 4.49 -41.04
CA GLU D 152 -7.93 5.64 -40.19
C GLU D 152 -7.24 5.53 -38.81
N ILE D 153 -7.32 4.34 -38.22
CA ILE D 153 -6.70 4.00 -36.94
C ILE D 153 -5.17 4.09 -37.04
N LEU D 154 -4.58 3.44 -38.04
CA LEU D 154 -3.14 3.45 -38.22
C LEU D 154 -2.56 4.81 -38.62
N ALA D 155 -3.42 5.70 -39.11
CA ALA D 155 -3.06 7.08 -39.48
C ALA D 155 -2.72 7.95 -38.27
N SER D 156 -3.34 7.61 -37.13
CA SER D 156 -3.11 8.27 -35.85
C SER D 156 -1.82 7.76 -35.21
N SER D 157 -1.11 8.67 -34.53
CA SER D 157 0.09 8.31 -33.78
C SER D 157 -0.29 7.61 -32.47
N MET D 158 -1.57 7.71 -32.12
CA MET D 158 -2.15 7.04 -30.97
C MET D 158 -3.26 6.11 -31.48
N PRO D 159 -2.89 4.97 -32.11
CA PRO D 159 -3.91 4.07 -32.70
C PRO D 159 -4.87 3.45 -31.68
N THR D 160 -4.35 3.06 -30.51
CA THR D 160 -5.16 2.39 -29.48
C THR D 160 -6.21 3.36 -28.93
N ASN D 161 -5.79 4.60 -28.67
CA ASN D 161 -6.68 5.68 -28.21
C ASN D 161 -7.74 5.93 -29.26
N ARG D 162 -7.35 5.85 -30.53
CA ARG D 162 -8.25 6.06 -31.66
C ARG D 162 -9.37 5.00 -31.69
N ILE D 163 -8.99 3.73 -31.48
CA ILE D 163 -9.96 2.61 -31.36
C ILE D 163 -11.02 2.83 -30.26
N LEU D 164 -10.59 3.31 -29.08
CA LEU D 164 -11.52 3.72 -28.03
C LEU D 164 -12.46 4.84 -28.43
N LEU D 165 -11.95 5.83 -29.17
CA LEU D 165 -12.80 6.93 -29.64
C LEU D 165 -13.85 6.40 -30.60
N LEU D 166 -13.47 5.39 -31.38
CA LEU D 166 -14.36 4.73 -32.32
C LEU D 166 -15.39 3.84 -31.63
N ALA D 167 -14.97 3.06 -30.63
CA ALA D 167 -15.94 2.34 -29.79
C ALA D 167 -16.91 3.34 -29.14
N GLY D 168 -16.37 4.47 -28.67
CA GLY D 168 -17.16 5.56 -28.11
C GLY D 168 -18.24 6.06 -29.04
N ASN D 169 -17.89 6.18 -30.32
CA ASN D 169 -18.84 6.56 -31.37
C ASN D 169 -20.04 5.66 -31.52
N GLU D 170 -19.80 4.35 -31.48
CA GLU D 170 -20.88 3.38 -31.57
C GLU D 170 -21.91 3.62 -30.46
N ILE D 171 -21.41 3.68 -29.23
CA ILE D 171 -22.19 4.02 -28.02
C ILE D 171 -22.87 5.38 -28.20
N GLY D 172 -22.14 6.36 -28.75
CA GLY D 172 -22.68 7.67 -29.09
C GLY D 172 -23.85 7.66 -30.07
N GLN D 173 -23.69 6.94 -31.19
CA GLN D 173 -24.74 6.77 -32.19
C GLN D 173 -25.99 6.12 -31.61
N LEU D 174 -25.82 4.99 -30.91
CA LEU D 174 -26.91 4.31 -30.19
C LEU D 174 -27.67 5.26 -29.27
N ARG D 175 -26.96 6.20 -28.66
CA ARG D 175 -27.62 7.21 -27.84
C ARG D 175 -28.43 8.22 -28.66
N GLU D 176 -27.83 8.75 -29.74
CA GLU D 176 -28.51 9.73 -30.60
C GLU D 176 -29.72 9.13 -31.31
N ALA D 177 -29.61 7.85 -31.69
CA ALA D 177 -30.72 7.06 -32.25
C ALA D 177 -31.87 6.81 -31.25
N GLY D 178 -31.65 7.19 -29.98
CA GLY D 178 -32.64 7.01 -28.93
C GLY D 178 -32.65 5.62 -28.33
N LYS D 179 -31.81 4.72 -28.85
CA LYS D 179 -31.74 3.34 -28.37
C LYS D 179 -31.20 3.24 -26.95
N LEU D 180 -30.24 4.11 -26.63
CA LEU D 180 -29.72 4.31 -25.27
C LEU D 180 -30.26 5.61 -24.69
N SER D 181 -30.66 5.57 -23.43
CA SER D 181 -30.92 6.80 -22.68
C SER D 181 -29.59 7.37 -22.20
N ASP D 182 -29.60 8.64 -21.78
CA ASP D 182 -28.46 9.23 -21.07
C ASP D 182 -27.91 8.35 -19.93
N ILE D 183 -28.79 7.80 -19.09
CA ILE D 183 -28.39 6.90 -18.01
C ILE D 183 -27.66 5.67 -18.54
N THR D 184 -28.26 5.00 -19.50
CA THR D 184 -27.67 3.75 -20.01
C THR D 184 -26.40 4.05 -20.82
N TYR D 185 -26.40 5.15 -21.57
CA TYR D 185 -25.18 5.67 -22.22
C TYR D 185 -24.08 5.88 -21.17
N GLY D 186 -24.44 6.49 -20.04
CA GLY D 186 -23.53 6.70 -18.91
C GLY D 186 -22.90 5.41 -18.42
N LEU D 187 -23.74 4.39 -18.18
CA LEU D 187 -23.27 3.09 -17.68
C LEU D 187 -22.19 2.45 -18.55
N MET D 188 -22.36 2.57 -19.86
CA MET D 188 -21.40 2.03 -20.81
C MET D 188 -20.16 2.92 -20.96
N ASP D 189 -20.35 4.23 -20.87
CA ASP D 189 -19.26 5.23 -20.92
C ASP D 189 -18.20 5.01 -19.82
N ASN D 190 -18.62 4.63 -18.61
CA ASN D 190 -17.69 4.33 -17.51
C ASN D 190 -16.78 3.16 -17.84
N LYS D 191 -17.24 2.25 -18.69
CA LYS D 191 -16.44 1.08 -19.09
C LYS D 191 -15.35 1.44 -20.11
N LEU D 192 -15.64 2.46 -20.94
CA LEU D 192 -14.63 3.04 -21.81
C LEU D 192 -13.58 3.78 -20.97
N ASP D 193 -14.04 4.56 -20.00
CA ASP D 193 -13.17 5.24 -19.04
C ASP D 193 -12.17 4.29 -18.40
N GLU D 194 -12.64 3.09 -18.07
CA GLU D 194 -11.83 2.08 -17.42
C GLU D 194 -10.72 1.61 -18.35
N LEU D 195 -11.06 1.46 -19.63
CA LEU D 195 -10.09 1.04 -20.64
C LEU D 195 -9.08 2.16 -20.91
N ALA D 196 -9.55 3.40 -20.92
CA ALA D 196 -8.68 4.58 -21.00
C ALA D 196 -7.56 4.57 -19.94
N HIS D 197 -7.96 4.37 -18.68
CA HIS D 197 -7.04 4.20 -17.57
C HIS D 197 -6.06 3.05 -17.76
N VAL D 198 -6.53 1.92 -18.33
CA VAL D 198 -5.63 0.80 -18.60
C VAL D 198 -4.56 1.27 -19.57
N LEU D 199 -4.99 1.89 -20.66
CA LEU D 199 -4.10 2.40 -21.70
C LEU D 199 -3.09 3.38 -21.12
N GLY D 200 -3.58 4.39 -20.41
CA GLY D 200 -2.75 5.35 -19.70
C GLY D 200 -1.75 4.68 -18.78
N GLY D 201 -2.23 3.72 -17.99
CA GLY D 201 -1.39 2.96 -17.06
C GLY D 201 -0.28 2.21 -17.77
N CYS D 202 -0.66 1.51 -18.84
CA CYS D 202 0.25 0.68 -19.63
C CYS D 202 1.33 1.50 -20.30
N GLU D 203 0.94 2.61 -20.93
CA GLU D 203 1.87 3.55 -21.57
C GLU D 203 2.84 4.11 -20.54
N ARG D 204 2.31 4.49 -19.37
CA ARG D 204 3.10 5.03 -18.25
C ARG D 204 4.15 4.02 -17.78
N LEU D 205 3.79 2.73 -17.77
CA LEU D 205 4.74 1.68 -17.39
C LEU D 205 5.80 1.43 -18.46
N ALA D 206 5.37 1.46 -19.73
CA ALA D 206 6.24 1.20 -20.86
C ALA D 206 7.28 2.29 -21.06
N THR D 207 6.86 3.55 -20.92
CA THR D 207 7.74 4.71 -21.17
C THR D 207 8.62 5.08 -19.97
N THR D 208 8.04 5.07 -18.77
CA THR D 208 8.77 5.36 -17.53
C THR D 208 9.25 4.03 -16.90
N PRO D 209 10.59 3.78 -16.92
CA PRO D 209 11.10 2.58 -16.27
C PRO D 209 11.38 2.80 -14.77
N VAL D 210 11.67 1.71 -14.05
CA VAL D 210 12.28 1.78 -12.72
C VAL D 210 13.62 2.48 -12.98
N PRO D 211 13.81 3.70 -12.41
CA PRO D 211 14.97 4.56 -12.64
C PRO D 211 16.26 3.80 -12.94
N PHE D 212 16.86 4.10 -14.09
CA PHE D 212 18.04 3.36 -14.59
C PHE D 212 19.24 3.36 -13.62
N ALA D 213 19.19 4.28 -12.66
CA ALA D 213 20.17 4.36 -11.58
C ALA D 213 20.15 3.12 -10.68
N TYR D 214 18.96 2.54 -10.45
CA TYR D 214 18.83 1.30 -9.66
C TYR D 214 19.66 0.16 -10.25
N THR D 215 19.53 -0.05 -11.57
CA THR D 215 20.33 -1.06 -12.30
C THR D 215 21.80 -0.66 -12.40
N LEU D 216 22.06 0.60 -12.75
CA LEU D 216 23.41 1.17 -12.77
C LEU D 216 24.17 0.87 -11.46
N ILE D 217 23.72 1.50 -10.37
CA ILE D 217 24.29 1.31 -9.03
C ILE D 217 24.41 -0.18 -8.68
N LEU D 218 23.29 -0.90 -8.62
CA LEU D 218 23.29 -2.25 -8.07
C LEU D 218 24.03 -3.30 -8.91
N GLN D 219 23.98 -3.17 -10.23
CA GLN D 219 24.76 -4.08 -11.08
C GLN D 219 26.27 -3.92 -10.87
N ARG D 220 26.74 -2.67 -10.78
CA ARG D 220 28.14 -2.38 -10.41
C ARG D 220 28.46 -3.02 -9.07
N THR D 221 27.78 -2.56 -8.02
CA THR D 221 28.04 -2.94 -6.64
C THR D 221 27.99 -4.43 -6.34
N VAL D 222 27.05 -5.16 -6.96
CA VAL D 222 26.95 -6.61 -6.74
C VAL D 222 28.14 -7.32 -7.36
N TYR D 223 28.40 -7.02 -8.64
CA TYR D 223 29.49 -7.61 -9.43
C TYR D 223 30.86 -7.37 -8.76
N LEU D 224 31.15 -6.12 -8.42
CA LEU D 224 32.39 -5.76 -7.73
C LEU D 224 32.52 -6.44 -6.37
N PHE D 225 31.40 -6.57 -5.64
CA PHE D 225 31.38 -7.23 -4.34
C PHE D 225 31.69 -8.71 -4.44
N CYS D 226 31.06 -9.37 -5.41
CA CYS D 226 31.27 -10.79 -5.64
C CYS D 226 32.70 -11.10 -6.08
N THR D 227 33.29 -10.18 -6.84
CA THR D 227 34.64 -10.30 -7.35
C THR D 227 35.68 -10.14 -6.23
N LEU D 228 35.59 -9.06 -5.47
CA LEU D 228 36.52 -8.81 -4.38
C LEU D 228 36.38 -9.76 -3.19
N LEU D 229 35.22 -10.42 -3.05
CA LEU D 229 34.89 -11.26 -1.88
C LEU D 229 35.87 -12.41 -1.58
N PRO D 230 36.21 -13.24 -2.60
CA PRO D 230 37.16 -14.35 -2.33
C PRO D 230 38.50 -13.89 -1.75
N PHE D 231 38.95 -12.71 -2.17
CA PHE D 231 40.16 -12.08 -1.66
C PHE D 231 40.09 -11.75 -0.18
N ALA D 232 38.87 -11.50 0.31
CA ALA D 232 38.62 -11.25 1.74
C ALA D 232 38.36 -12.54 2.51
N LEU D 233 37.77 -13.52 1.83
CA LEU D 233 37.45 -14.80 2.43
C LEU D 233 38.67 -15.71 2.59
N VAL D 234 39.62 -15.58 1.65
CA VAL D 234 40.79 -16.46 1.51
C VAL D 234 41.64 -16.60 2.79
N GLY D 235 41.84 -15.48 3.50
CA GLY D 235 42.56 -15.46 4.78
C GLY D 235 41.95 -16.41 5.80
N ASP D 236 40.62 -16.36 5.89
CA ASP D 236 39.85 -17.20 6.81
C ASP D 236 39.53 -18.61 6.28
N LEU D 237 39.29 -18.73 4.97
CA LEU D 237 38.78 -19.99 4.40
C LEU D 237 39.76 -20.84 3.58
N HIS D 238 40.87 -20.24 3.15
CA HIS D 238 41.92 -20.90 2.35
C HIS D 238 41.40 -21.62 1.09
N TYR D 239 41.44 -22.95 1.06
CA TYR D 239 41.00 -23.71 -0.12
C TYR D 239 39.50 -23.87 -0.17
N MET D 240 38.83 -23.55 0.93
CA MET D 240 37.36 -23.55 1.00
C MET D 240 36.75 -22.39 0.24
N THR D 241 37.54 -21.33 0.06
CA THR D 241 37.15 -20.09 -0.64
C THR D 241 36.21 -20.25 -1.86
N PRO D 242 36.60 -21.04 -2.90
CA PRO D 242 35.75 -21.11 -4.11
C PRO D 242 34.29 -21.54 -3.86
N PHE D 243 34.07 -22.51 -2.97
CA PHE D 243 32.74 -23.05 -2.69
C PHE D 243 31.84 -22.03 -2.01
N VAL D 244 32.30 -21.51 -0.87
CA VAL D 244 31.59 -20.46 -0.12
C VAL D 244 31.39 -19.17 -0.95
N SER D 245 32.40 -18.77 -1.72
CA SER D 245 32.30 -17.55 -2.54
C SER D 245 31.30 -17.69 -3.70
N VAL D 246 31.27 -18.86 -4.34
CA VAL D 246 30.32 -19.09 -5.44
C VAL D 246 28.88 -19.16 -4.92
N PHE D 247 28.70 -19.72 -3.73
CA PHE D 247 27.41 -19.79 -3.08
C PHE D 247 26.87 -18.40 -2.76
N ILE D 248 27.62 -17.60 -1.99
CA ILE D 248 27.29 -16.19 -1.71
C ILE D 248 27.06 -15.38 -3.00
N SER D 249 27.84 -15.66 -4.05
CA SER D 249 27.64 -15.02 -5.35
C SER D 249 26.32 -15.42 -5.99
N TYR D 250 25.99 -16.70 -5.88
CA TYR D 250 24.79 -17.24 -6.50
C TYR D 250 23.53 -16.62 -5.87
N THR D 251 23.52 -16.55 -4.54
CA THR D 251 22.41 -15.95 -3.80
C THR D 251 22.17 -14.49 -4.23
N PHE D 252 23.23 -13.69 -4.24
CA PHE D 252 23.17 -12.27 -4.65
C PHE D 252 22.83 -12.07 -6.12
N LEU D 253 23.45 -12.85 -7.01
CA LEU D 253 23.24 -12.67 -8.45
C LEU D 253 21.85 -13.12 -8.91
N SER D 254 21.32 -14.20 -8.30
CA SER D 254 19.98 -14.73 -8.59
C SER D 254 18.90 -13.72 -8.25
N TRP D 255 18.97 -13.20 -7.03
CA TRP D 255 18.06 -12.16 -6.57
C TRP D 255 18.11 -10.96 -7.49
N ASP D 256 19.31 -10.47 -7.81
CA ASP D 256 19.49 -9.33 -8.72
C ASP D 256 18.89 -9.54 -10.11
N SER D 257 19.07 -10.73 -10.69
CA SER D 257 18.59 -11.02 -12.05
C SER D 257 17.09 -11.28 -12.10
N LEU D 258 16.53 -11.74 -10.97
CA LEU D 258 15.09 -11.91 -10.80
C LEU D 258 14.37 -10.56 -10.87
N ALA D 259 14.95 -9.55 -10.20
CA ALA D 259 14.46 -8.17 -10.26
C ALA D 259 14.48 -7.61 -11.68
N GLU D 260 15.49 -8.00 -12.44
CA GLU D 260 15.68 -7.58 -13.83
C GLU D 260 14.60 -8.20 -14.73
N GLU D 261 14.28 -9.47 -14.50
CA GLU D 261 13.25 -10.18 -15.26
C GLU D 261 11.83 -9.71 -14.95
N LEU D 262 11.63 -9.17 -13.75
CA LEU D 262 10.32 -8.66 -13.32
C LEU D 262 10.08 -7.22 -13.76
N GLU D 263 11.14 -6.52 -14.13
CA GLU D 263 11.10 -5.06 -14.39
C GLU D 263 10.52 -4.65 -15.75
N ASP D 264 10.72 -5.50 -16.76
CA ASP D 264 10.13 -5.33 -18.09
C ASP D 264 8.99 -6.36 -18.32
N PRO D 265 7.78 -6.08 -17.75
CA PRO D 265 6.75 -7.11 -17.80
C PRO D 265 6.07 -7.25 -19.17
N PHE D 266 6.33 -6.32 -20.08
CA PHE D 266 5.73 -6.34 -21.43
C PHE D 266 6.68 -6.90 -22.49
N GLY D 267 7.80 -7.46 -22.03
CA GLY D 267 8.81 -8.09 -22.90
C GLY D 267 8.39 -9.42 -23.51
N THR D 268 9.35 -10.06 -24.20
CA THR D 268 9.09 -11.30 -24.97
C THR D 268 9.60 -12.59 -24.32
N ALA D 269 10.30 -12.47 -23.19
CA ALA D 269 10.76 -13.63 -22.39
C ALA D 269 9.60 -14.51 -21.90
N ALA D 270 9.91 -15.76 -21.55
CA ALA D 270 8.90 -16.67 -20.97
C ALA D 270 8.49 -16.21 -19.56
N ASN D 271 9.43 -15.58 -18.85
CA ASN D 271 9.24 -15.00 -17.52
C ASN D 271 8.30 -13.76 -17.49
N ASP D 272 8.18 -13.09 -18.64
CA ASP D 272 7.32 -11.91 -18.81
C ASP D 272 5.85 -12.30 -19.02
N LEU D 273 4.95 -11.31 -19.13
CA LEU D 273 3.51 -11.55 -19.27
C LEU D 273 3.14 -12.21 -20.60
N PRO D 274 2.41 -13.34 -20.56
CA PRO D 274 1.94 -14.01 -21.79
C PRO D 274 0.81 -13.20 -22.47
N LEU D 275 1.19 -12.08 -23.07
CA LEU D 275 0.25 -11.10 -23.62
C LEU D 275 -0.57 -11.66 -24.78
N ASN D 276 0.04 -12.58 -25.54
CA ASN D 276 -0.62 -13.29 -26.62
C ASN D 276 -1.75 -14.18 -26.10
N ALA D 277 -1.45 -14.95 -25.05
CA ALA D 277 -2.42 -15.81 -24.37
C ALA D 277 -3.60 -14.99 -23.85
N MET D 278 -3.30 -13.87 -23.18
CA MET D 278 -4.30 -12.98 -22.57
C MET D 278 -5.26 -12.40 -23.61
N CYS D 279 -4.71 -11.89 -24.72
CA CYS D 279 -5.47 -11.35 -25.85
C CYS D 279 -6.38 -12.38 -26.51
N ASN D 280 -5.87 -13.62 -26.63
CA ASN D 280 -6.66 -14.78 -27.06
C ASN D 280 -7.85 -15.04 -26.13
N THR D 281 -7.56 -15.18 -24.82
CA THR D 281 -8.58 -15.36 -23.77
C THR D 281 -9.64 -14.28 -23.85
N ILE D 282 -9.20 -13.02 -24.03
CA ILE D 282 -10.09 -11.87 -24.23
C ILE D 282 -11.01 -12.09 -25.44
N GLU D 283 -10.42 -12.39 -26.60
CA GLU D 283 -11.16 -12.51 -27.85
C GLU D 283 -12.18 -13.66 -27.81
N ARG D 284 -11.71 -14.85 -27.43
CA ARG D 284 -12.56 -16.02 -27.23
C ARG D 284 -13.71 -15.71 -26.27
N ASN D 285 -13.39 -14.99 -25.18
CA ASN D 285 -14.36 -14.55 -24.16
C ASN D 285 -15.50 -13.69 -24.72
N LEU D 286 -15.16 -12.69 -25.53
CA LEU D 286 -16.17 -11.77 -26.06
C LEU D 286 -16.95 -12.35 -27.23
N LEU D 287 -16.38 -13.36 -27.88
CA LEU D 287 -17.09 -14.10 -28.93
C LEU D 287 -18.09 -15.10 -28.33
N ASP D 288 -17.66 -15.81 -27.29
CA ASP D 288 -18.54 -16.69 -26.49
C ASP D 288 -19.77 -15.95 -25.97
N MET D 289 -19.57 -14.72 -25.51
CA MET D 289 -20.65 -13.87 -24.97
C MET D 289 -21.69 -13.42 -25.99
N THR D 290 -21.28 -13.29 -27.25
CA THR D 290 -22.18 -12.87 -28.34
C THR D 290 -22.79 -14.02 -29.16
N GLY D 291 -22.26 -15.23 -28.97
CA GLY D 291 -22.73 -16.44 -29.65
C GLY D 291 -21.94 -16.74 -30.91
N GLN D 292 -20.62 -16.92 -30.75
CA GLN D 292 -19.69 -17.16 -31.87
C GLN D 292 -18.60 -18.15 -31.43
N ILE E 27 16.71 15.61 23.77
CA ILE E 27 17.54 15.00 22.69
C ILE E 27 19.03 15.34 22.86
N ILE E 28 19.34 16.63 22.97
CA ILE E 28 20.70 17.11 23.23
C ILE E 28 21.09 16.86 24.71
N PHE E 29 20.09 16.78 25.59
CA PHE E 29 20.26 16.35 26.98
C PHE E 29 20.70 14.89 27.04
N ARG E 30 20.11 14.05 26.18
CA ARG E 30 20.38 12.61 26.16
C ARG E 30 21.71 12.25 25.51
N LEU E 31 22.18 13.13 24.62
CA LEU E 31 23.53 13.00 24.07
C LEU E 31 24.60 13.43 25.08
N LEU E 32 24.32 14.50 25.84
CA LEU E 32 25.19 14.94 26.93
C LEU E 32 25.21 13.92 28.08
N LEU E 33 24.06 13.30 28.35
CA LEU E 33 23.98 12.18 29.29
C LEU E 33 24.82 10.98 28.82
N ASN E 34 24.88 10.78 27.50
CA ASN E 34 25.66 9.69 26.90
C ASN E 34 27.18 9.90 27.04
N VAL E 35 27.62 11.14 26.79
CA VAL E 35 29.01 11.56 27.01
C VAL E 35 29.40 11.40 28.48
N LEU E 36 28.50 11.81 29.39
CA LEU E 36 28.67 11.62 30.84
C LEU E 36 28.78 10.14 31.22
N MET E 37 27.95 9.30 30.61
CA MET E 37 27.98 7.85 30.83
C MET E 37 29.25 7.19 30.29
N SER E 38 29.77 7.76 29.19
CA SER E 38 31.02 7.31 28.57
C SER E 38 32.22 7.61 29.47
N ILE E 39 32.28 8.84 29.97
CA ILE E 39 33.34 9.28 30.88
C ILE E 39 33.32 8.43 32.16
N ILE E 40 32.13 8.12 32.67
CA ILE E 40 31.96 7.14 33.76
C ILE E 40 32.53 5.78 33.36
N ALA E 41 32.18 5.31 32.16
CA ALA E 41 32.60 4.00 31.69
C ALA E 41 34.11 3.87 31.53
N ILE E 42 34.78 4.97 31.18
CA ILE E 42 36.25 5.02 31.10
C ILE E 42 36.85 4.90 32.52
N ILE E 43 36.47 5.82 33.41
CA ILE E 43 37.06 5.91 34.76
C ILE E 43 36.69 4.74 35.68
N SER E 44 35.67 3.96 35.31
CA SER E 44 35.26 2.78 36.09
C SER E 44 35.61 1.43 35.45
N TYR E 45 36.01 1.44 34.16
CA TYR E 45 36.36 0.21 33.40
C TYR E 45 37.28 -0.72 34.20
N GLN E 46 38.29 -0.12 34.82
CA GLN E 46 39.26 -0.78 35.70
C GLN E 46 38.62 -1.64 36.80
N TRP E 47 37.83 -1.00 37.67
CA TRP E 47 37.22 -1.66 38.84
C TRP E 47 36.40 -2.90 38.46
N TYR E 48 35.41 -2.72 37.59
CA TYR E 48 34.36 -3.73 37.38
C TYR E 48 34.73 -4.96 36.53
N GLU E 49 35.52 -4.76 35.48
CA GLU E 49 35.92 -5.88 34.60
C GLU E 49 36.88 -6.85 35.29
N GLN E 50 37.56 -6.38 36.34
CA GLN E 50 38.42 -7.25 37.16
C GLN E 50 37.62 -8.10 38.16
N LEU E 51 36.50 -7.56 38.66
CA LEU E 51 35.59 -8.24 39.61
C LEU E 51 34.86 -9.48 39.03
N GLY E 52 34.85 -9.61 37.70
CA GLY E 52 34.19 -10.73 37.01
C GLY E 52 33.00 -10.36 36.14
N ILE E 53 32.75 -9.07 35.95
CA ILE E 53 31.63 -8.57 35.12
C ILE E 53 32.13 -7.95 33.80
N HIS E 54 31.86 -8.63 32.68
CA HIS E 54 32.36 -8.21 31.34
C HIS E 54 31.27 -7.80 30.37
N LEU E 55 31.62 -6.91 29.45
CA LEU E 55 30.73 -6.50 28.38
C LEU E 55 31.42 -6.50 27.03
N THR E 56 31.06 -7.48 26.21
CA THR E 56 31.50 -7.56 24.83
C THR E 56 30.64 -6.73 23.87
N VAL E 57 31.13 -6.59 22.64
CA VAL E 57 30.45 -5.80 21.62
C VAL E 57 29.44 -6.65 20.85
N ALA E 58 29.75 -7.94 20.64
CA ALA E 58 28.89 -8.86 19.89
C ALA E 58 27.42 -8.98 20.35
N PRO E 59 27.13 -9.04 21.68
CA PRO E 59 25.72 -9.03 22.11
C PRO E 59 25.00 -7.69 21.85
N PHE E 60 25.63 -6.58 22.21
CA PHE E 60 25.11 -5.23 21.93
C PHE E 60 24.98 -4.91 20.44
N SER E 61 25.62 -5.73 19.62
CA SER E 61 25.48 -5.64 18.17
C SER E 61 24.20 -6.35 17.74
N LEU E 62 23.94 -7.52 18.32
CA LEU E 62 22.69 -8.23 18.06
C LEU E 62 21.50 -7.37 18.51
N LEU E 63 21.57 -6.88 19.75
CA LEU E 63 20.52 -6.05 20.31
C LEU E 63 20.25 -4.85 19.40
N GLY E 64 21.31 -4.10 19.08
CA GLY E 64 21.22 -2.90 18.25
C GLY E 64 20.67 -3.10 16.85
N ILE E 65 21.00 -4.22 16.21
CA ILE E 65 20.51 -4.52 14.87
C ILE E 65 19.01 -4.80 14.96
N ALA E 66 18.60 -5.63 15.93
CA ALA E 66 17.18 -5.94 16.13
C ALA E 66 16.39 -4.65 16.43
N ILE E 67 16.90 -3.82 17.34
CA ILE E 67 16.29 -2.52 17.64
C ILE E 67 16.15 -1.68 16.36
N ALA E 68 17.21 -1.64 15.54
CA ALA E 68 17.19 -0.95 14.27
C ALA E 68 16.11 -1.50 13.34
N ILE E 69 16.02 -2.83 13.22
CA ILE E 69 14.99 -3.50 12.41
C ILE E 69 13.60 -3.06 12.89
N PHE E 70 13.40 -3.06 14.20
CA PHE E 70 12.11 -2.68 14.80
C PHE E 70 11.81 -1.19 14.62
N LEU E 71 12.82 -0.35 14.83
CA LEU E 71 12.71 1.09 14.52
C LEU E 71 12.37 1.29 13.04
N GLY E 72 12.92 0.44 12.17
CA GLY E 72 12.67 0.47 10.73
C GLY E 72 11.21 0.25 10.37
N PHE E 73 10.66 -0.87 10.84
CA PHE E 73 9.24 -1.15 10.70
C PHE E 73 8.34 -0.13 11.41
N ARG E 74 8.79 0.35 12.57
CA ARG E 74 8.01 1.30 13.36
C ARG E 74 7.87 2.61 12.61
N ASN E 75 8.98 3.10 12.09
CA ASN E 75 8.99 4.38 11.39
C ASN E 75 8.17 4.27 10.11
N SER E 76 8.09 3.07 9.56
CA SER E 76 7.31 2.80 8.36
C SER E 76 5.79 3.00 8.58
N ALA E 77 5.30 2.49 9.70
CA ALA E 77 3.91 2.65 10.15
C ALA E 77 3.60 4.11 10.44
N SER E 78 4.57 4.79 11.07
CA SER E 78 4.48 6.20 11.41
C SER E 78 4.35 7.05 10.15
N TYR E 79 5.26 6.80 9.20
CA TYR E 79 5.28 7.53 7.95
C TYR E 79 3.94 7.40 7.25
N SER E 80 3.37 6.21 7.25
CA SER E 80 2.12 6.00 6.55
C SER E 80 0.92 6.75 7.20
N ARG E 81 0.95 6.93 8.52
CA ARG E 81 -0.03 7.78 9.22
C ARG E 81 0.12 9.24 8.82
N PHE E 82 1.38 9.69 8.71
CA PHE E 82 1.70 11.03 8.28
C PHE E 82 1.17 11.29 6.88
N VAL E 83 1.45 10.37 5.95
CA VAL E 83 0.98 10.44 4.57
C VAL E 83 -0.55 10.45 4.50
N GLU E 84 -1.23 9.65 5.33
CA GLU E 84 -2.67 9.61 5.28
C GLU E 84 -3.29 10.92 5.72
N ALA E 85 -2.65 11.55 6.73
CA ALA E 85 -3.05 12.88 7.20
C ALA E 85 -2.93 13.90 6.08
N ARG E 86 -1.82 13.88 5.35
CA ARG E 86 -1.60 14.80 4.23
C ARG E 86 -2.61 14.61 3.12
N ASN E 87 -2.95 13.36 2.85
CA ASN E 87 -3.93 13.01 1.83
C ASN E 87 -5.33 13.52 2.17
N LEU E 88 -5.73 13.34 3.43
CA LEU E 88 -7.05 13.73 3.91
C LEU E 88 -7.22 15.24 3.80
N TRP E 89 -6.17 15.96 4.20
CA TRP E 89 -6.17 17.42 4.12
C TRP E 89 -6.11 17.91 2.68
N GLY E 90 -5.38 17.17 1.84
CA GLY E 90 -5.37 17.42 0.41
C GLY E 90 -6.78 17.36 -0.15
N THR E 91 -7.56 16.37 0.29
CA THR E 91 -8.95 16.22 -0.16
C THR E 91 -9.80 17.45 0.19
N VAL E 92 -9.64 18.00 1.40
CA VAL E 92 -10.36 19.23 1.77
C VAL E 92 -10.20 20.28 0.66
N LEU E 93 -8.95 20.63 0.37
CA LEU E 93 -8.60 21.53 -0.72
C LEU E 93 -9.34 21.13 -2.01
N ILE E 94 -9.13 19.89 -2.47
CA ILE E 94 -9.74 19.39 -3.72
C ILE E 94 -11.26 19.51 -3.72
N ALA E 95 -11.92 18.91 -2.73
CA ALA E 95 -13.41 18.88 -2.68
C ALA E 95 -14.04 20.26 -2.56
N GLU E 96 -13.45 21.13 -1.75
CA GLU E 96 -13.96 22.49 -1.58
C GLU E 96 -13.83 23.28 -2.86
N ARG E 97 -12.68 23.19 -3.51
CA ARG E 97 -12.48 23.79 -4.82
C ARG E 97 -13.53 23.31 -5.83
N THR E 98 -13.72 21.98 -5.94
CA THR E 98 -14.62 21.47 -7.01
C THR E 98 -16.08 21.79 -6.72
N LEU E 99 -16.42 21.86 -5.43
CA LEU E 99 -17.76 22.25 -5.00
C LEU E 99 -18.06 23.67 -5.45
N VAL E 100 -17.17 24.61 -5.14
CA VAL E 100 -17.31 26.01 -5.58
C VAL E 100 -17.31 26.12 -7.11
N ARG E 101 -16.46 25.33 -7.80
CA ARG E 101 -16.52 25.25 -9.28
C ARG E 101 -17.91 24.86 -9.79
N GLN E 102 -18.48 23.81 -9.19
CA GLN E 102 -19.79 23.30 -9.56
C GLN E 102 -20.87 24.33 -9.34
N LEU E 103 -20.86 25.00 -8.18
CA LEU E 103 -21.80 26.12 -7.92
C LEU E 103 -21.76 27.21 -8.97
N ARG E 104 -20.55 27.65 -9.32
CA ARG E 104 -20.36 28.62 -10.39
C ARG E 104 -20.79 28.13 -11.77
N ASN E 105 -20.43 26.90 -12.13
CA ASN E 105 -20.79 26.40 -13.44
C ASN E 105 -22.29 26.08 -13.57
N ILE E 106 -22.89 25.57 -12.50
CA ILE E 106 -24.29 25.14 -12.56
C ILE E 106 -25.25 26.29 -12.24
N LEU E 107 -24.92 27.12 -11.27
CA LEU E 107 -25.75 28.28 -10.92
C LEU E 107 -24.94 29.56 -10.96
N PRO E 108 -24.60 30.05 -12.19
CA PRO E 108 -23.67 31.19 -12.34
C PRO E 108 -24.16 32.48 -11.69
N ALA E 109 -25.48 32.61 -11.59
CA ALA E 109 -26.19 33.79 -11.13
C ALA E 109 -26.30 33.94 -9.60
N GLU E 110 -26.34 32.82 -8.89
CA GLU E 110 -26.72 32.75 -7.46
C GLU E 110 -25.62 33.17 -6.45
N HIS E 111 -25.07 34.37 -6.61
CA HIS E 111 -23.91 34.84 -5.82
C HIS E 111 -24.12 34.87 -4.32
N ASP E 112 -25.36 35.04 -3.88
CA ASP E 112 -25.70 35.02 -2.45
C ASP E 112 -25.54 33.64 -1.84
N ALA E 113 -26.06 32.62 -2.54
CA ALA E 113 -25.77 31.21 -2.25
C ALA E 113 -24.26 30.88 -2.31
N HIS E 114 -23.58 31.36 -3.36
CA HIS E 114 -22.12 31.21 -3.52
C HIS E 114 -21.38 31.66 -2.27
N ARG E 115 -21.74 32.82 -1.73
CA ARG E 115 -21.02 33.41 -0.61
C ARG E 115 -21.30 32.69 0.71
N ARG E 116 -22.55 32.25 0.91
CA ARG E 116 -22.94 31.46 2.10
C ARG E 116 -22.19 30.11 2.16
N ILE E 117 -22.31 29.32 1.08
CA ILE E 117 -21.60 28.03 0.95
C ILE E 117 -20.08 28.18 1.10
N VAL E 118 -19.49 29.20 0.47
CA VAL E 118 -18.06 29.51 0.67
C VAL E 118 -17.71 29.78 2.15
N SER E 119 -18.62 30.39 2.91
CA SER E 119 -18.40 30.67 4.33
C SER E 119 -18.23 29.39 5.11
N TYR E 120 -19.22 28.49 4.96
CA TYR E 120 -19.22 27.19 5.65
C TYR E 120 -18.01 26.33 5.29
N LEU E 121 -17.70 26.21 3.98
CA LEU E 121 -16.52 25.48 3.52
C LEU E 121 -15.25 26.00 4.20
N VAL E 122 -15.08 27.32 4.25
CA VAL E 122 -13.92 27.92 4.91
C VAL E 122 -14.02 27.70 6.43
N ALA E 123 -15.22 27.89 6.98
CA ALA E 123 -15.49 27.53 8.39
C ALA E 123 -15.16 26.06 8.70
N PHE E 124 -15.51 25.13 7.79
CA PHE E 124 -15.22 23.72 7.94
C PHE E 124 -13.73 23.47 8.14
N SER E 125 -12.89 24.02 7.25
CA SER E 125 -11.44 23.83 7.28
C SER E 125 -10.78 24.27 8.59
N TRP E 126 -11.08 25.50 9.02
CA TRP E 126 -10.54 26.07 10.27
C TRP E 126 -11.03 25.31 11.48
N SER E 127 -12.32 24.95 11.44
CA SER E 127 -12.96 24.26 12.54
C SER E 127 -12.36 22.85 12.73
N LEU E 128 -12.10 22.17 11.62
CA LEU E 128 -11.44 20.87 11.61
C LEU E 128 -10.01 20.97 12.13
N LYS E 129 -9.29 22.02 11.71
CA LYS E 129 -7.94 22.27 12.21
C LYS E 129 -7.97 22.47 13.71
N HIS E 130 -8.86 23.37 14.17
CA HIS E 130 -9.00 23.64 15.59
C HIS E 130 -9.38 22.39 16.35
N GLN E 131 -10.19 21.53 15.72
CA GLN E 131 -10.62 20.26 16.31
C GLN E 131 -9.45 19.33 16.60
N LEU E 132 -8.61 19.12 15.58
CA LEU E 132 -7.45 18.25 15.67
C LEU E 132 -6.38 18.77 16.62
N ARG E 133 -6.09 20.08 16.55
CA ARG E 133 -5.08 20.73 17.40
C ARG E 133 -5.56 20.98 18.84
N LYS E 134 -6.85 20.72 19.09
CA LYS E 134 -7.49 20.95 20.40
C LYS E 134 -7.39 22.42 20.84
N THR E 135 -7.58 23.32 19.90
CA THR E 135 -7.52 24.75 20.14
C THR E 135 -8.91 25.36 19.92
N ASP E 136 -9.04 26.66 20.22
CA ASP E 136 -10.35 27.31 20.20
C ASP E 136 -10.74 27.81 18.80
N PRO E 137 -11.87 27.33 18.25
CA PRO E 137 -12.31 27.77 16.92
C PRO E 137 -13.09 29.10 16.89
N THR E 138 -13.39 29.67 18.06
CA THR E 138 -14.41 30.72 18.20
C THR E 138 -14.15 31.96 17.33
N ALA E 139 -12.90 32.42 17.35
CA ALA E 139 -12.45 33.55 16.53
C ALA E 139 -12.70 33.31 15.05
N ASP E 140 -12.29 32.14 14.57
CA ASP E 140 -12.44 31.79 13.17
C ASP E 140 -13.89 31.71 12.75
N LEU E 141 -14.75 31.18 13.65
CA LEU E 141 -16.17 31.07 13.34
C LEU E 141 -16.89 32.42 13.33
N ARG E 142 -16.54 33.27 14.30
CA ARG E 142 -17.15 34.59 14.43
C ARG E 142 -16.80 35.50 13.25
N ARG E 143 -15.58 35.32 12.74
CA ARG E 143 -15.08 36.01 11.55
C ARG E 143 -15.85 35.59 10.30
N LEU E 144 -16.18 34.30 10.19
CA LEU E 144 -16.74 33.72 8.96
C LEU E 144 -18.26 33.66 8.91
N LEU E 145 -18.90 33.53 10.07
CA LEU E 145 -20.33 33.21 10.12
C LEU E 145 -21.16 34.15 11.02
N ALA E 146 -22.45 34.24 10.67
CA ALA E 146 -23.49 34.94 11.45
C ALA E 146 -23.63 34.36 12.85
N GLU E 147 -23.85 35.22 13.85
CA GLU E 147 -23.77 34.82 15.27
C GLU E 147 -24.81 33.79 15.71
N GLU E 148 -25.96 33.74 15.02
CA GLU E 148 -26.93 32.63 15.18
C GLU E 148 -26.23 31.30 14.93
N ARG E 149 -25.65 31.17 13.74
CA ARG E 149 -24.95 29.96 13.28
C ARG E 149 -23.80 29.56 14.18
N VAL E 150 -23.06 30.55 14.68
CA VAL E 150 -21.91 30.31 15.55
C VAL E 150 -22.33 29.63 16.85
N THR E 151 -23.46 30.08 17.44
CA THR E 151 -24.03 29.46 18.66
C THR E 151 -24.49 28.01 18.43
N GLU E 152 -25.25 27.80 17.34
CA GLU E 152 -25.66 26.46 16.90
C GLU E 152 -24.43 25.56 16.82
N ILE E 153 -23.42 25.96 16.04
CA ILE E 153 -22.16 25.22 15.88
C ILE E 153 -21.41 25.00 17.21
N LEU E 154 -21.35 26.03 18.05
CA LEU E 154 -20.64 25.89 19.34
C LEU E 154 -21.43 25.16 20.42
N ALA E 155 -22.75 25.05 20.24
CA ALA E 155 -23.61 24.25 21.12
C ALA E 155 -23.35 22.75 20.94
N SER E 156 -23.23 22.33 19.67
CA SER E 156 -22.96 20.92 19.29
C SER E 156 -21.66 20.35 19.86
N SER E 157 -21.68 19.04 20.11
CA SER E 157 -20.49 18.32 20.55
C SER E 157 -19.67 17.84 19.37
N MET E 158 -20.19 18.06 18.16
CA MET E 158 -19.51 17.70 16.92
C MET E 158 -19.63 18.90 15.98
N PRO E 159 -18.87 19.99 16.24
CA PRO E 159 -19.07 21.27 15.55
C PRO E 159 -18.72 21.25 14.06
N THR E 160 -17.75 20.42 13.69
CA THR E 160 -17.27 20.30 12.32
C THR E 160 -18.34 19.61 11.45
N ASN E 161 -18.97 18.60 12.03
CA ASN E 161 -20.05 17.88 11.40
C ASN E 161 -21.25 18.82 11.19
N ARG E 162 -21.49 19.67 12.20
CA ARG E 162 -22.60 20.63 12.19
C ARG E 162 -22.47 21.61 11.03
N ILE E 163 -21.26 22.14 10.83
CA ILE E 163 -20.91 23.01 9.69
C ILE E 163 -21.22 22.32 8.36
N LEU E 164 -20.79 21.07 8.21
CA LEU E 164 -21.12 20.25 7.03
C LEU E 164 -22.60 20.13 6.79
N LEU E 165 -23.36 19.92 7.88
CA LEU E 165 -24.82 19.84 7.84
C LEU E 165 -25.45 21.15 7.35
N LEU E 166 -24.90 22.28 7.84
CA LEU E 166 -25.33 23.61 7.42
C LEU E 166 -25.06 23.84 5.94
N ALA E 167 -23.82 23.54 5.51
CA ALA E 167 -23.47 23.57 4.08
C ALA E 167 -24.47 22.75 3.26
N GLY E 168 -24.84 21.59 3.79
CA GLY E 168 -25.91 20.74 3.27
C GLY E 168 -27.23 21.44 3.01
N ASN E 169 -27.76 22.14 4.03
CA ASN E 169 -29.03 22.91 3.89
C ASN E 169 -29.02 23.94 2.77
N GLU E 170 -27.89 24.64 2.59
CA GLU E 170 -27.73 25.57 1.49
C GLU E 170 -27.92 24.88 0.15
N ILE E 171 -27.25 23.74 -0.04
CA ILE E 171 -27.37 22.89 -1.23
C ILE E 171 -28.81 22.36 -1.37
N GLY E 172 -29.41 22.04 -0.20
CA GLY E 172 -30.77 21.50 -0.12
C GLY E 172 -31.83 22.51 -0.48
N GLN E 173 -31.69 23.72 0.04
CA GLN E 173 -32.58 24.83 -0.29
C GLN E 173 -32.56 25.20 -1.79
N LEU E 174 -31.37 25.19 -2.39
CA LEU E 174 -31.22 25.43 -3.83
C LEU E 174 -31.99 24.40 -4.66
N ARG E 175 -32.00 23.15 -4.18
CA ARG E 175 -32.74 22.04 -4.81
C ARG E 175 -34.23 22.19 -4.60
N GLU E 176 -34.62 22.56 -3.39
CA GLU E 176 -36.01 22.80 -3.05
C GLU E 176 -36.61 23.94 -3.87
N ALA E 177 -35.84 25.03 -4.03
CA ALA E 177 -36.22 26.18 -4.85
C ALA E 177 -36.29 25.86 -6.36
N GLY E 178 -35.93 24.63 -6.74
CA GLY E 178 -35.93 24.20 -8.14
C GLY E 178 -34.75 24.71 -8.95
N LYS E 179 -33.75 25.27 -8.27
CA LYS E 179 -32.56 25.80 -8.93
C LYS E 179 -31.55 24.69 -9.23
N LEU E 180 -31.50 23.68 -8.37
CA LEU E 180 -30.79 22.43 -8.65
C LEU E 180 -31.81 21.34 -8.89
N SER E 181 -31.52 20.51 -9.89
CA SER E 181 -32.23 19.26 -10.15
C SER E 181 -31.67 18.20 -9.23
N ASP E 182 -32.33 17.04 -9.17
CA ASP E 182 -31.83 15.93 -8.36
C ASP E 182 -30.44 15.50 -8.82
N ILE E 183 -30.20 15.44 -10.14
CA ILE E 183 -28.87 15.16 -10.71
C ILE E 183 -27.78 16.13 -10.23
N THR E 184 -28.00 17.42 -10.45
CA THR E 184 -27.01 18.44 -10.09
C THR E 184 -26.88 18.65 -8.57
N TYR E 185 -27.98 18.44 -7.83
CA TYR E 185 -27.88 18.39 -6.37
C TYR E 185 -26.93 17.26 -5.99
N GLY E 186 -27.16 16.08 -6.59
CA GLY E 186 -26.35 14.90 -6.41
C GLY E 186 -24.88 15.15 -6.65
N LEU E 187 -24.55 15.89 -7.72
CA LEU E 187 -23.15 16.19 -8.08
C LEU E 187 -22.41 16.92 -6.97
N MET E 188 -23.10 17.87 -6.36
CA MET E 188 -22.54 18.63 -5.24
C MET E 188 -22.51 17.81 -3.95
N ASP E 189 -23.56 17.00 -3.75
CA ASP E 189 -23.68 16.11 -2.59
C ASP E 189 -22.44 15.21 -2.41
N ASN E 190 -21.91 14.64 -3.50
CA ASN E 190 -20.70 13.82 -3.47
C ASN E 190 -19.52 14.53 -2.80
N LYS E 191 -19.42 15.84 -3.02
CA LYS E 191 -18.33 16.64 -2.46
C LYS E 191 -18.47 16.78 -0.95
N LEU E 192 -19.72 16.89 -0.50
CA LEU E 192 -20.01 16.89 0.93
C LEU E 192 -19.68 15.55 1.61
N ASP E 193 -19.90 14.43 0.88
CA ASP E 193 -19.48 13.08 1.32
C ASP E 193 -17.99 12.99 1.43
N GLU E 194 -17.30 13.56 0.44
CA GLU E 194 -15.85 13.58 0.47
C GLU E 194 -15.32 14.32 1.68
N LEU E 195 -15.99 15.40 2.09
CA LEU E 195 -15.58 16.14 3.28
C LEU E 195 -15.87 15.36 4.56
N ALA E 196 -17.00 14.66 4.55
CA ALA E 196 -17.38 13.73 5.61
C ALA E 196 -16.33 12.64 5.85
N HIS E 197 -15.84 12.05 4.76
CA HIS E 197 -14.78 11.07 4.84
C HIS E 197 -13.49 11.62 5.44
N VAL E 198 -13.19 12.86 5.07
CA VAL E 198 -12.03 13.57 5.60
C VAL E 198 -12.16 13.82 7.09
N LEU E 199 -13.34 14.32 7.50
CA LEU E 199 -13.61 14.51 8.93
C LEU E 199 -13.39 13.26 9.79
N GLY E 200 -13.93 12.13 9.34
CA GLY E 200 -13.85 10.86 10.04
C GLY E 200 -12.44 10.32 10.07
N GLY E 201 -11.78 10.31 8.91
CA GLY E 201 -10.41 9.85 8.79
C GLY E 201 -9.48 10.60 9.74
N CYS E 202 -9.75 11.90 9.88
CA CYS E 202 -8.93 12.76 10.71
C CYS E 202 -9.15 12.47 12.17
N GLU E 203 -10.41 12.31 12.54
CA GLU E 203 -10.81 11.99 13.92
C GLU E 203 -10.16 10.70 14.38
N ARG E 204 -10.15 9.71 13.49
CA ARG E 204 -9.49 8.41 13.71
C ARG E 204 -7.96 8.55 13.82
N LEU E 205 -7.35 9.39 13.00
CA LEU E 205 -5.92 9.71 13.13
C LEU E 205 -5.54 10.57 14.35
N ALA E 206 -6.54 11.13 15.05
CA ALA E 206 -6.30 12.05 16.18
C ALA E 206 -6.44 11.35 17.53
N THR E 207 -7.63 10.83 17.81
CA THR E 207 -7.87 9.98 19.01
C THR E 207 -7.21 8.60 18.78
N THR E 208 -5.91 8.57 19.07
CA THR E 208 -4.98 7.53 18.63
C THR E 208 -3.88 7.45 19.73
N PRO E 209 -2.70 6.83 19.52
CA PRO E 209 -2.38 5.97 18.37
C PRO E 209 -3.03 4.58 18.39
N VAL E 210 -2.70 3.79 17.36
CA VAL E 210 -3.05 2.39 17.32
C VAL E 210 -2.08 1.48 18.13
N PRO E 211 -0.74 1.78 18.13
CA PRO E 211 0.09 1.11 19.15
C PRO E 211 -0.10 1.72 20.53
N PHE E 212 -0.86 1.01 21.36
CA PHE E 212 -1.44 1.58 22.58
C PHE E 212 -0.43 1.76 23.71
N ALA E 213 0.36 2.84 23.63
CA ALA E 213 1.44 3.18 24.59
C ALA E 213 2.57 2.13 24.80
N TYR E 214 2.77 1.27 23.79
CA TYR E 214 4.03 0.52 23.62
C TYR E 214 5.10 1.50 23.15
N THR E 215 4.64 2.56 22.48
CA THR E 215 5.49 3.62 21.94
C THR E 215 6.45 4.22 22.99
N LEU E 216 6.11 4.03 24.26
CA LEU E 216 6.96 4.41 25.40
C LEU E 216 7.94 3.31 25.79
N ILE E 217 7.58 2.05 25.50
CA ILE E 217 8.45 0.91 25.75
C ILE E 217 9.63 0.85 24.76
N LEU E 218 9.36 1.03 23.47
CA LEU E 218 10.44 1.04 22.48
C LEU E 218 11.34 2.26 22.69
N GLN E 219 10.74 3.40 23.04
CA GLN E 219 11.50 4.61 23.32
C GLN E 219 12.50 4.37 24.46
N ARG E 220 12.05 3.71 25.53
CA ARG E 220 12.90 3.34 26.66
C ARG E 220 13.92 2.27 26.29
N THR E 221 13.47 1.25 25.53
CA THR E 221 14.36 0.22 24.98
C THR E 221 15.56 0.84 24.21
N VAL E 222 15.28 1.88 23.41
CA VAL E 222 16.34 2.63 22.74
C VAL E 222 17.17 3.38 23.78
N TYR E 223 16.48 4.10 24.68
CA TYR E 223 17.11 4.94 25.72
C TYR E 223 18.09 4.16 26.61
N LEU E 224 17.68 2.97 27.03
CA LEU E 224 18.52 2.10 27.85
C LEU E 224 19.68 1.51 27.07
N PHE E 225 19.42 1.04 25.84
CA PHE E 225 20.47 0.55 24.93
C PHE E 225 21.56 1.56 24.67
N CYS E 226 21.18 2.83 24.53
CA CYS E 226 22.15 3.90 24.28
C CYS E 226 22.99 4.28 25.50
N THR E 227 22.48 4.00 26.70
CA THR E 227 23.19 4.32 27.94
C THR E 227 24.07 3.17 28.46
N LEU E 228 23.67 1.93 28.18
CA LEU E 228 24.50 0.74 28.45
C LEU E 228 25.60 0.53 27.42
N LEU E 229 25.44 1.11 26.23
CA LEU E 229 26.38 0.91 25.09
C LEU E 229 27.83 1.36 25.34
N PRO E 230 28.06 2.54 25.98
CA PRO E 230 29.46 2.91 26.21
C PRO E 230 30.21 1.86 27.04
N PHE E 231 29.52 1.26 28.02
CA PHE E 231 30.05 0.18 28.85
C PHE E 231 30.38 -1.11 28.07
N ALA E 232 29.66 -1.36 26.98
CA ALA E 232 29.98 -2.49 26.09
C ALA E 232 31.13 -2.13 25.15
N LEU E 233 31.21 -0.86 24.78
CA LEU E 233 32.16 -0.39 23.78
C LEU E 233 33.54 -0.09 24.32
N VAL E 234 33.63 0.36 25.57
CA VAL E 234 34.88 0.85 26.20
C VAL E 234 36.03 -0.17 26.17
N GLY E 235 35.67 -1.45 26.35
CA GLY E 235 36.60 -2.57 26.19
C GLY E 235 37.37 -2.58 24.88
N ASP E 236 36.78 -1.97 23.84
CA ASP E 236 37.35 -1.94 22.51
C ASP E 236 37.82 -0.57 22.03
N LEU E 237 37.48 0.49 22.76
CA LEU E 237 37.69 1.87 22.26
C LEU E 237 38.37 2.84 23.23
N HIS E 238 38.45 2.46 24.50
CA HIS E 238 39.02 3.28 25.59
C HIS E 238 38.57 4.75 25.53
N TYR E 239 39.47 5.62 25.07
CA TYR E 239 39.25 7.07 25.04
C TYR E 239 38.38 7.53 23.89
N MET E 240 38.24 6.67 22.87
CA MET E 240 37.41 6.99 21.72
C MET E 240 35.91 6.78 21.98
N THR E 241 35.60 6.07 23.06
CA THR E 241 34.23 5.70 23.45
C THR E 241 33.19 6.83 23.38
N PRO E 242 33.39 7.97 24.10
CA PRO E 242 32.38 9.04 24.00
C PRO E 242 32.06 9.50 22.57
N PHE E 243 33.06 9.47 21.69
CA PHE E 243 32.87 9.89 20.30
C PHE E 243 32.00 8.91 19.52
N VAL E 244 32.34 7.61 19.57
CA VAL E 244 31.61 6.57 18.84
C VAL E 244 30.24 6.23 19.44
N SER E 245 30.17 6.25 20.77
CA SER E 245 28.92 6.03 21.51
C SER E 245 27.86 7.11 21.26
N VAL E 246 28.28 8.38 21.17
CA VAL E 246 27.35 9.50 20.92
C VAL E 246 26.84 9.48 19.49
N PHE E 247 27.69 9.03 18.56
CA PHE E 247 27.36 8.97 17.13
C PHE E 247 26.28 7.92 16.90
N ILE E 248 26.45 6.74 17.50
CA ILE E 248 25.46 5.66 17.45
C ILE E 248 24.16 6.12 18.13
N SER E 249 24.27 6.62 19.36
CA SER E 249 23.12 7.13 20.10
C SER E 249 22.32 8.11 19.26
N TYR E 250 23.04 9.10 18.71
CA TYR E 250 22.45 10.09 17.81
C TYR E 250 21.60 9.45 16.72
N THR E 251 22.19 8.51 15.99
CA THR E 251 21.49 7.79 14.93
C THR E 251 20.21 7.12 15.42
N PHE E 252 20.29 6.38 16.53
CA PHE E 252 19.13 5.69 17.09
C PHE E 252 18.08 6.65 17.64
N LEU E 253 18.50 7.58 18.49
CA LEU E 253 17.59 8.58 19.08
C LEU E 253 16.92 9.49 18.05
N SER E 254 17.63 9.83 16.98
CA SER E 254 17.07 10.60 15.87
C SER E 254 15.98 9.82 15.17
N TRP E 255 16.27 8.58 14.81
CA TRP E 255 15.32 7.72 14.12
C TRP E 255 14.07 7.45 14.94
N ASP E 256 14.26 7.27 16.25
CA ASP E 256 13.14 7.14 17.19
C ASP E 256 12.34 8.43 17.27
N SER E 257 13.01 9.58 17.33
CA SER E 257 12.31 10.87 17.42
C SER E 257 11.45 11.15 16.18
N LEU E 258 12.00 10.88 15.00
CA LEU E 258 11.29 11.02 13.73
C LEU E 258 9.98 10.22 13.68
N ALA E 259 10.00 8.97 14.16
CA ALA E 259 8.80 8.15 14.20
C ALA E 259 7.75 8.78 15.11
N GLU E 260 8.19 9.25 16.28
CA GLU E 260 7.31 9.87 17.26
C GLU E 260 6.65 11.11 16.66
N GLU E 261 7.44 11.92 15.94
CA GLU E 261 6.92 13.10 15.24
C GLU E 261 5.89 12.71 14.18
N LEU E 262 6.24 11.76 13.31
CA LEU E 262 5.34 11.30 12.23
C LEU E 262 4.06 10.60 12.74
N GLU E 263 4.18 9.75 13.78
CA GLU E 263 3.06 9.02 14.41
C GLU E 263 1.87 9.89 14.82
N ASP E 264 2.17 11.16 15.08
CA ASP E 264 1.22 12.07 15.69
C ASP E 264 1.13 13.35 14.87
N PRO E 265 0.46 13.30 13.70
CA PRO E 265 0.45 14.49 12.85
C PRO E 265 -0.46 15.62 13.37
N PHE E 266 -1.39 15.31 14.28
CA PHE E 266 -2.30 16.32 14.83
C PHE E 266 -2.06 16.67 16.31
N GLY E 267 -1.12 15.97 16.96
CA GLY E 267 -0.83 16.13 18.40
C GLY E 267 -0.31 17.50 18.80
N THR E 268 -0.50 17.84 20.08
CA THR E 268 -0.20 19.17 20.65
C THR E 268 1.27 19.66 20.51
N ALA E 269 2.16 18.78 20.04
CA ALA E 269 3.58 19.09 19.84
C ALA E 269 4.01 19.18 18.36
N ALA E 270 3.12 18.80 17.44
CA ALA E 270 3.43 18.79 16.00
C ALA E 270 3.64 20.20 15.43
N ASN E 271 4.39 20.29 14.33
CA ASN E 271 4.60 21.54 13.57
C ASN E 271 3.32 21.96 12.83
N ASP E 272 2.75 23.11 13.23
CA ASP E 272 1.42 23.59 12.78
C ASP E 272 1.43 24.44 11.48
N LEU E 273 2.64 24.77 11.00
CA LEU E 273 2.84 25.41 9.70
C LEU E 273 1.94 24.85 8.56
N PRO E 274 2.04 23.52 8.20
CA PRO E 274 1.34 23.06 6.99
C PRO E 274 -0.18 23.04 7.14
N LEU E 275 -0.67 22.85 8.36
CA LEU E 275 -2.12 22.86 8.58
C LEU E 275 -2.71 24.26 8.42
N ASN E 276 -2.05 25.25 9.04
CA ASN E 276 -2.36 26.66 8.87
C ASN E 276 -2.20 27.09 7.39
N ALA E 277 -1.06 26.72 6.79
CA ALA E 277 -0.82 26.95 5.36
C ALA E 277 -1.94 26.38 4.49
N MET E 278 -2.45 25.20 4.87
CA MET E 278 -3.56 24.58 4.16
C MET E 278 -4.87 25.36 4.29
N CYS E 279 -5.26 25.71 5.52
CA CYS E 279 -6.51 26.43 5.73
C CYS E 279 -6.48 27.82 5.08
N ASN E 280 -5.30 28.44 5.08
CA ASN E 280 -5.09 29.72 4.38
C ASN E 280 -5.21 29.58 2.86
N THR E 281 -4.54 28.57 2.29
CA THR E 281 -4.65 28.24 0.85
C THR E 281 -6.10 28.11 0.40
N ILE E 282 -6.89 27.33 1.13
CA ILE E 282 -8.24 27.10 0.68
C ILE E 282 -9.08 28.38 0.77
N GLU E 283 -8.98 29.10 1.88
CA GLU E 283 -9.67 30.39 2.01
C GLU E 283 -9.34 31.33 0.83
N ARG E 284 -8.04 31.51 0.58
CA ARG E 284 -7.54 32.34 -0.54
C ARG E 284 -8.13 31.86 -1.88
N ASN E 285 -7.94 30.57 -2.20
CA ASN E 285 -8.52 29.94 -3.39
C ASN E 285 -10.00 30.26 -3.55
N LEU E 286 -10.76 30.12 -2.46
CA LEU E 286 -12.21 30.24 -2.54
C LEU E 286 -12.69 31.67 -2.77
N LEU E 287 -12.07 32.62 -2.08
CA LEU E 287 -12.30 34.05 -2.34
C LEU E 287 -12.00 34.42 -3.81
N ASP E 288 -10.87 33.92 -4.34
CA ASP E 288 -10.53 34.13 -5.75
C ASP E 288 -11.62 33.57 -6.66
N MET E 289 -11.99 32.32 -6.41
CA MET E 289 -13.04 31.63 -7.16
C MET E 289 -14.39 32.35 -7.17
N THR E 290 -14.72 33.04 -6.08
CA THR E 290 -15.96 33.83 -6.05
C THR E 290 -15.79 35.34 -6.33
N GLY E 291 -14.67 35.70 -7.00
CA GLY E 291 -14.38 37.08 -7.37
C GLY E 291 -14.49 38.09 -6.23
N GLN E 292 -14.07 37.69 -5.03
CA GLN E 292 -13.91 38.61 -3.91
C GLN E 292 -12.47 39.12 -3.89
N HIS E 293 -11.64 38.47 -4.71
CA HIS E 293 -10.28 38.89 -5.04
C HIS E 293 -10.21 39.05 -6.57
N PRO E 294 -9.43 40.02 -7.07
CA PRO E 294 -8.69 40.94 -6.21
C PRO E 294 -9.59 42.09 -5.79
N LEU E 295 -9.01 43.09 -5.11
CA LEU E 295 -9.66 44.35 -4.79
C LEU E 295 -10.22 44.98 -6.09
N PRO E 296 -11.45 45.50 -6.15
CA PRO E 296 -11.94 46.11 -7.37
C PRO E 296 -11.06 47.34 -7.66
N GLU E 297 -10.82 47.65 -8.93
CA GLU E 297 -9.87 48.73 -9.31
C GLU E 297 -10.29 50.04 -8.64
ZN ZN F . -19.02 7.57 1.99
ZN ZN G . -20.03 -2.61 -3.24
ZN ZN H . -36.08 15.30 11.38
ZN ZN I . -8.79 -9.01 23.23
CL CL J . -20.39 8.94 2.53
CL CL K . -36.38 14.29 13.67
CL CL L . -34.28 16.68 11.38
C1 EDO M . 4.54 -2.22 13.85
O1 EDO M . 4.54 -2.34 12.41
C2 EDO M . 3.97 -0.84 14.22
O2 EDO M . 4.39 -0.43 15.53
N LEU N . -43.21 -6.03 4.52
CA LEU N . -42.98 -5.31 3.24
C LEU N . -42.33 -6.21 2.19
O LEU N . -42.60 -7.42 2.13
CB LEU N . -42.13 -4.06 3.47
CG LEU N . -42.29 -2.82 2.57
CD1 LEU N . -42.08 -1.57 3.40
CD2 LEU N . -41.38 -2.85 1.34
ZN ZN O . 34.75 -29.99 19.21
ZN ZN P . -15.39 -2.01 -13.65
ZN ZN Q . -38.56 -12.16 -2.44
CL CL R . -21.89 -2.91 -2.84
C ACY S . -36.61 -14.78 -2.45
O ACY S . -37.79 -14.45 -2.78
OXT ACY S . -35.78 -13.92 -2.03
CH3 ACY S . -36.15 -16.22 -2.56
ZN ZN T . -10.78 8.58 -15.21
ZN ZN U . -13.56 14.27 -5.67
ZN ZN V . -15.03 18.78 -33.08
CL CL W . -11.42 9.01 -17.09
CL CL X . -13.27 17.47 -32.64
ZN ZN Y . 46.49 0.07 22.88
O1 PG4 Z . 2.95 2.43 -0.44
C1 PG4 Z . 4.00 2.25 0.52
C2 PG4 Z . 4.71 3.57 0.79
O2 PG4 Z . 5.32 3.61 2.08
C3 PG4 Z . 6.53 2.87 2.18
C4 PG4 Z . 7.57 3.68 2.96
O3 PG4 Z . 7.76 3.20 4.30
C5 PG4 Z . 9.08 3.49 4.79
C6 PG4 Z . 9.07 4.67 5.78
O4 PG4 Z . 10.39 5.20 6.00
C7 PG4 Z . 10.34 6.47 6.66
C8 PG4 Z . 11.17 7.51 5.91
O5 PG4 Z . 11.35 8.66 6.75
C ACY AA . -3.70 35.37 -1.94
O ACY AA . -4.16 34.76 -2.94
OXT ACY AA . -4.40 36.35 -1.52
CH3 ACY AA . -2.38 34.89 -1.30
ZN ZN BA . -25.90 -9.79 -30.21
ZN ZN CA . 3.55 -2.69 -41.10
ZN ZN DA . -28.07 -5.15 -40.44
CL CL EA . -25.82 -11.26 -28.72
CL CL FA . -24.17 -10.36 -32.02
CL CL GA . -16.51 -3.03 -14.90
NA NA HA . -18.02 8.65 -17.77
ZN ZN IA . -20.75 34.02 -7.25
ZN ZN JA . -6.43 36.14 -3.62
CL CL KA . -20.20 35.11 -5.45
CL CL LA . -18.83 33.97 -8.62
CL CL MA . -13.75 16.31 -5.63
ZN ZN NA . 41.79 -1.36 23.76
#